data_2P6S
#
_entry.id   2P6S
#
_cell.length_a   64.831
_cell.length_b   149.676
_cell.length_c   77.671
_cell.angle_alpha   90.00
_cell.angle_beta   106.01
_cell.angle_gamma   90.00
#
_symmetry.space_group_name_H-M   'P 1 21 1'
#
loop_
_entity.id
_entity.type
_entity.pdbx_description
1 polymer 'Transcriptional regulator, LRP/AsnC family'
2 non-polymer METHIONINE
3 non-polymer GLYCEROL
4 non-polymer 'CALCIUM ION'
5 water water
#
_entity_poly.entity_id   1
_entity_poly.type   'polypeptide(L)'
_entity_poly.pdbx_seq_one_letter_code
;GP(MSE)PQLTLDKTDIKILQVLQENGRLTNVELSERVALSPSPCLRRLKQLEDAGIVRQYAALLSPESVNLGLQAFIRV
SIRKAKDAREDFAASVRKWPEVLSCFALTGETDYLLQAFFTD(MSE)NAFSHFVLDTLLSHHGVQDAQSSFVLKEIKHTT
SLPLNHLLKE
;
_entity_poly.pdbx_strand_id   A,B,C,D,E,F,G,H
#
loop_
_chem_comp.id
_chem_comp.type
_chem_comp.name
_chem_comp.formula
CA non-polymer 'CALCIUM ION' 'Ca 2'
GOL non-polymer GLYCEROL 'C3 H8 O3'
#
# COMPACT_ATOMS: atom_id res chain seq x y z
N GLN A 5 -31.25 -1.04 35.34
CA GLN A 5 -29.77 -1.16 35.31
C GLN A 5 -29.18 -0.85 36.69
N LEU A 6 -28.06 -1.50 37.01
CA LEU A 6 -27.44 -1.41 38.33
C LEU A 6 -26.27 -0.45 38.34
N THR A 7 -26.09 0.22 39.48
CA THR A 7 -25.02 1.17 39.66
C THR A 7 -23.91 0.50 40.46
N LEU A 8 -22.68 0.65 40.00
CA LEU A 8 -21.51 0.01 40.61
C LEU A 8 -20.84 1.01 41.54
N ASP A 9 -20.41 0.53 42.69
CA ASP A 9 -19.75 1.36 43.69
C ASP A 9 -18.34 0.88 43.97
N LYS A 10 -17.58 1.74 44.65
CA LYS A 10 -16.18 1.50 45.02
C LYS A 10 -15.88 0.03 45.42
N THR A 11 -16.69 -0.53 46.30
CA THR A 11 -16.60 -1.94 46.66
C THR A 11 -16.91 -2.86 45.48
N ASP A 12 -18.01 -2.58 44.78
CA ASP A 12 -18.43 -3.43 43.65
C ASP A 12 -17.23 -3.61 42.66
N ILE A 13 -16.53 -2.51 42.33
CA ILE A 13 -15.39 -2.56 41.41
C ILE A 13 -14.22 -3.42 41.94
N LYS A 14 -13.90 -3.29 43.22
CA LYS A 14 -12.87 -4.14 43.83
C LYS A 14 -13.15 -5.61 43.55
N ILE A 15 -14.41 -6.01 43.72
CA ILE A 15 -14.84 -7.39 43.42
C ILE A 15 -14.48 -7.70 41.97
N LEU A 16 -14.80 -6.76 41.08
CA LEU A 16 -14.43 -6.88 39.69
C LEU A 16 -12.91 -7.00 39.53
N GLN A 17 -12.16 -6.07 40.13
CA GLN A 17 -10.71 -6.00 39.95
C GLN A 17 -9.97 -7.25 40.45
N VAL A 18 -10.40 -7.73 41.61
CA VAL A 18 -9.82 -8.92 42.22
C VAL A 18 -10.11 -10.17 41.40
N LEU A 19 -11.39 -10.37 41.06
CA LEU A 19 -11.83 -11.50 40.25
C LEU A 19 -11.15 -11.57 38.89
N GLN A 20 -10.99 -10.43 38.24
CA GLN A 20 -10.33 -10.38 36.94
C GLN A 20 -8.95 -11.04 36.95
N GLU A 21 -8.22 -10.89 38.05
CA GLU A 21 -6.88 -11.49 38.18
C GLU A 21 -6.95 -12.88 38.82
N ASN A 22 -7.73 -13.01 39.89
CA ASN A 22 -7.91 -14.30 40.57
C ASN A 22 -9.36 -14.77 40.45
N GLY A 23 -9.67 -15.45 39.34
CA GLY A 23 -11.04 -15.82 38.99
C GLY A 23 -11.67 -16.95 39.78
N ARG A 24 -10.86 -17.90 40.24
CA ARG A 24 -11.37 -19.11 40.89
C ARG A 24 -11.40 -19.00 42.42
N LEU A 25 -11.39 -17.78 42.96
CA LEU A 25 -11.49 -17.59 44.40
C LEU A 25 -12.80 -18.18 44.92
N THR A 26 -12.80 -18.60 46.18
CA THR A 26 -14.03 -19.00 46.87
C THR A 26 -14.75 -17.74 47.33
N ASN A 27 -16.04 -17.86 47.66
CA ASN A 27 -16.80 -16.71 48.12
C ASN A 27 -16.27 -16.13 49.43
N VAL A 28 -15.71 -17.00 50.27
CA VAL A 28 -15.12 -16.59 51.52
C VAL A 28 -13.83 -15.81 51.23
N GLU A 29 -13.00 -16.36 50.36
CA GLU A 29 -11.73 -15.71 49.97
C GLU A 29 -11.96 -14.34 49.31
N LEU A 30 -13.06 -14.18 48.59
CA LEU A 30 -13.43 -12.89 47.97
C LEU A 30 -14.02 -11.91 48.98
N SER A 31 -14.82 -12.42 49.90
CA SER A 31 -15.43 -11.59 50.95
C SER A 31 -14.37 -10.90 51.78
N GLU A 32 -13.36 -11.66 52.20
CA GLU A 32 -12.30 -11.17 53.07
C GLU A 32 -11.23 -10.48 52.23
N ARG A 33 -11.68 -9.56 51.38
CA ARG A 33 -10.80 -8.89 50.41
C ARG A 33 -11.44 -7.63 49.82
N VAL A 34 -12.77 -7.56 49.74
CA VAL A 34 -13.48 -6.41 49.20
C VAL A 34 -14.25 -5.62 50.27
N ALA A 35 -14.05 -5.95 51.54
CA ALA A 35 -14.76 -5.28 52.63
C ALA A 35 -16.27 -5.52 52.53
N LEU A 36 -16.66 -6.78 52.36
CA LEU A 36 -18.07 -7.15 52.32
C LEU A 36 -18.27 -8.47 53.03
N SER A 37 -19.28 -8.55 53.89
CA SER A 37 -19.58 -9.80 54.58
C SER A 37 -19.91 -10.90 53.55
N PRO A 38 -19.50 -12.14 53.84
CA PRO A 38 -19.71 -13.20 52.86
C PRO A 38 -21.11 -13.23 52.23
N SER A 39 -22.16 -13.02 53.02
CA SER A 39 -23.53 -13.14 52.50
C SER A 39 -23.89 -12.05 51.48
N PRO A 40 -23.70 -10.76 51.81
CA PRO A 40 -23.90 -9.73 50.78
C PRO A 40 -23.05 -9.94 49.53
N CYS A 41 -21.74 -10.09 49.70
CA CYS A 41 -20.82 -10.27 48.58
C CYS A 41 -21.30 -11.38 47.62
N LEU A 42 -21.79 -12.49 48.17
CA LEU A 42 -22.33 -13.58 47.34
C LEU A 42 -23.37 -13.05 46.34
N ARG A 43 -24.43 -12.42 46.85
CA ARG A 43 -25.50 -11.89 46.01
C ARG A 43 -24.97 -10.89 44.99
N ARG A 44 -24.22 -9.90 45.47
CA ARG A 44 -23.76 -8.83 44.62
C ARG A 44 -23.07 -9.32 43.39
N LEU A 45 -22.25 -10.35 43.57
CA LEU A 45 -21.52 -11.01 42.50
C LEU A 45 -22.49 -11.66 41.52
N LYS A 46 -23.48 -12.36 42.05
CA LYS A 46 -24.48 -13.02 41.20
C LYS A 46 -25.28 -11.99 40.40
N GLN A 47 -25.36 -10.76 40.92
CA GLN A 47 -26.10 -9.72 40.24
C GLN A 47 -25.25 -9.12 39.14
N LEU A 48 -23.93 -9.29 39.26
CA LEU A 48 -22.97 -8.76 38.28
C LEU A 48 -22.90 -9.72 37.12
N GLU A 49 -22.98 -11.00 37.46
CA GLU A 49 -23.09 -12.05 36.47
C GLU A 49 -24.44 -11.90 35.78
N ASP A 50 -25.50 -11.71 36.56
CA ASP A 50 -26.85 -11.58 36.02
C ASP A 50 -27.02 -10.28 35.24
N ALA A 51 -26.30 -9.24 35.64
CA ALA A 51 -26.35 -7.94 34.98
C ALA A 51 -25.57 -7.90 33.65
N GLY A 52 -24.80 -8.94 33.38
CA GLY A 52 -23.96 -9.00 32.18
C GLY A 52 -22.55 -8.48 32.41
N ILE A 53 -22.27 -7.98 33.62
CA ILE A 53 -20.98 -7.34 33.94
C ILE A 53 -19.85 -8.37 33.85
N VAL A 54 -19.93 -9.41 34.67
CA VAL A 54 -19.04 -10.56 34.54
C VAL A 54 -19.67 -11.58 33.57
N ARG A 55 -19.05 -11.75 32.40
CA ARG A 55 -19.68 -12.54 31.34
C ARG A 55 -19.31 -14.02 31.30
N GLN A 56 -18.16 -14.39 31.88
CA GLN A 56 -17.71 -15.78 31.87
C GLN A 56 -16.43 -15.96 32.68
N TYR A 57 -16.41 -16.96 33.55
CA TYR A 57 -15.20 -17.32 34.29
C TYR A 57 -14.39 -18.34 33.52
N ALA A 58 -13.13 -18.03 33.26
CA ALA A 58 -12.32 -18.87 32.38
C ALA A 58 -10.97 -19.26 33.01
N ALA A 59 -10.57 -20.50 32.79
CA ALA A 59 -9.20 -20.93 33.05
C ALA A 59 -8.37 -20.63 31.80
N LEU A 60 -7.31 -19.84 31.97
CA LEU A 60 -6.45 -19.44 30.85
C LEU A 60 -5.19 -20.31 30.80
N LEU A 61 -4.90 -20.84 29.60
CA LEU A 61 -3.84 -21.83 29.40
C LEU A 61 -2.65 -21.25 28.67
N SER A 62 -1.49 -21.89 28.79
CA SER A 62 -0.32 -21.55 28.01
C SER A 62 -0.34 -22.27 26.67
N PRO A 63 -0.34 -21.52 25.56
CA PRO A 63 -0.24 -22.12 24.23
C PRO A 63 0.92 -23.11 24.08
N GLU A 64 2.09 -22.72 24.55
CA GLU A 64 3.31 -23.50 24.35
C GLU A 64 3.28 -24.78 25.18
N SER A 65 2.56 -24.77 26.30
CA SER A 65 2.40 -25.98 27.10
C SER A 65 1.53 -27.04 26.40
N VAL A 66 0.59 -26.62 25.56
CA VAL A 66 -0.29 -27.56 24.83
C VAL A 66 0.07 -27.64 23.34
N ASN A 67 1.29 -27.23 23.02
CA ASN A 67 1.89 -27.40 21.69
C ASN A 67 1.39 -26.42 20.62
N LEU A 68 0.59 -25.42 21.02
CA LEU A 68 0.15 -24.36 20.12
C LEU A 68 1.20 -23.26 20.12
N GLY A 69 2.16 -23.35 19.22
CA GLY A 69 3.33 -22.48 19.22
C GLY A 69 3.39 -21.51 18.08
N LEU A 70 2.25 -21.21 17.50
CA LEU A 70 2.20 -20.32 16.36
C LEU A 70 0.92 -19.52 16.43
N GLN A 71 1.03 -18.28 16.86
CA GLN A 71 -0.11 -17.40 16.97
C GLN A 71 -0.16 -16.52 15.72
N ALA A 72 -1.20 -16.71 14.93
CA ALA A 72 -1.40 -15.97 13.70
C ALA A 72 -2.53 -14.92 13.84
N PHE A 73 -2.21 -13.68 13.49
CA PHE A 73 -3.21 -12.62 13.35
C PHE A 73 -3.48 -12.51 11.87
N ILE A 74 -4.70 -12.81 11.45
CA ILE A 74 -5.03 -12.91 10.03
C ILE A 74 -5.95 -11.75 9.64
N ARG A 75 -5.73 -11.21 8.43
CA ARG A 75 -6.57 -10.15 7.90
C ARG A 75 -7.29 -10.69 6.67
N VAL A 76 -8.59 -10.95 6.82
CA VAL A 76 -9.43 -11.50 5.75
C VAL A 76 -10.27 -10.41 5.10
N SER A 77 -10.52 -10.58 3.82
CA SER A 77 -11.43 -9.72 3.07
C SER A 77 -12.58 -10.59 2.59
N ILE A 78 -13.81 -10.20 2.89
CA ILE A 78 -14.98 -10.99 2.52
C ILE A 78 -15.54 -10.51 1.21
N ARG A 79 -15.89 -11.49 0.36
CA ARG A 79 -16.59 -11.25 -0.89
C ARG A 79 -17.92 -10.59 -0.57
N LYS A 80 -18.21 -9.47 -1.22
CA LYS A 80 -19.40 -8.68 -0.89
C LYS A 80 -20.62 -9.17 -1.69
N ALA A 81 -20.82 -10.48 -1.69
CA ALA A 81 -21.93 -11.10 -2.41
C ALA A 81 -23.14 -11.20 -1.48
N LYS A 82 -24.04 -12.14 -1.79
CA LYS A 82 -25.29 -12.29 -1.04
C LYS A 82 -25.05 -12.89 0.35
N ASP A 83 -24.97 -12.00 1.34
CA ASP A 83 -24.84 -12.38 2.75
C ASP A 83 -23.70 -13.37 2.97
N ALA A 84 -22.57 -13.11 2.33
CA ALA A 84 -21.34 -13.87 2.57
C ALA A 84 -20.83 -13.58 3.97
N ARG A 85 -21.15 -12.41 4.50
CA ARG A 85 -20.77 -12.01 5.86
C ARG A 85 -21.28 -12.98 6.93
N GLU A 86 -22.56 -13.34 6.85
CA GLU A 86 -23.15 -14.27 7.80
C GLU A 86 -22.55 -15.69 7.69
N ASP A 87 -22.23 -16.11 6.47
CA ASP A 87 -21.61 -17.43 6.25
C ASP A 87 -20.22 -17.47 6.91
N PHE A 88 -19.35 -16.53 6.54
CA PHE A 88 -18.04 -16.41 7.17
C PHE A 88 -18.16 -16.34 8.69
N ALA A 89 -19.10 -15.52 9.16
CA ALA A 89 -19.39 -15.44 10.59
C ALA A 89 -19.77 -16.82 11.16
N ALA A 90 -20.67 -17.53 10.51
CA ALA A 90 -21.17 -18.82 11.03
C ALA A 90 -20.11 -19.91 11.05
N SER A 91 -19.23 -19.93 10.05
CA SER A 91 -18.15 -20.90 10.00
C SER A 91 -16.90 -20.46 10.80
N VAL A 92 -16.67 -19.16 10.95
CA VAL A 92 -15.61 -18.70 11.87
C VAL A 92 -15.89 -19.18 13.28
N ARG A 93 -17.18 -19.22 13.62
CA ARG A 93 -17.64 -19.64 14.95
C ARG A 93 -17.47 -21.14 15.23
N LYS A 94 -17.23 -21.93 14.19
CA LYS A 94 -17.02 -23.37 14.37
C LYS A 94 -15.53 -23.72 14.38
N TRP A 95 -14.72 -22.93 13.68
CA TRP A 95 -13.29 -23.16 13.60
C TRP A 95 -12.57 -22.95 14.96
N PRO A 96 -12.20 -24.05 15.64
CA PRO A 96 -11.64 -23.99 16.99
C PRO A 96 -10.31 -23.29 17.12
N GLU A 97 -9.49 -23.38 16.08
CA GLU A 97 -8.18 -22.72 16.07
C GLU A 97 -8.31 -21.21 15.96
N VAL A 98 -9.51 -20.73 15.64
CA VAL A 98 -9.77 -19.29 15.63
C VAL A 98 -10.51 -18.92 16.91
N LEU A 99 -9.83 -18.15 17.76
CA LEU A 99 -10.36 -17.75 19.07
C LEU A 99 -11.17 -16.47 18.99
N SER A 100 -10.77 -15.58 18.10
CA SER A 100 -11.36 -14.26 18.01
C SER A 100 -11.46 -13.80 16.57
N CYS A 101 -12.35 -12.85 16.33
CA CYS A 101 -12.62 -12.35 15.00
C CYS A 101 -13.28 -10.99 15.14
N PHE A 102 -12.84 -10.01 14.35
CA PHE A 102 -13.40 -8.67 14.45
C PHE A 102 -13.59 -8.01 13.09
N ALA A 103 -14.72 -7.33 12.94
CA ALA A 103 -14.93 -6.38 11.85
C ALA A 103 -14.17 -5.09 12.17
N LEU A 104 -13.04 -4.86 11.49
CA LEU A 104 -12.22 -3.66 11.74
C LEU A 104 -12.48 -2.56 10.73
N THR A 105 -12.20 -1.33 11.14
CA THR A 105 -12.15 -0.21 10.22
C THR A 105 -10.77 -0.24 9.56
N GLY A 106 -10.63 0.47 8.45
CA GLY A 106 -9.37 0.51 7.70
C GLY A 106 -9.27 -0.53 6.60
N GLU A 107 -8.04 -0.73 6.09
CA GLU A 107 -7.78 -1.50 4.89
C GLU A 107 -8.53 -2.82 4.87
N THR A 108 -8.42 -3.56 5.96
CA THR A 108 -9.02 -4.89 6.04
C THR A 108 -10.40 -4.84 6.66
N ASP A 109 -11.25 -5.75 6.20
CA ASP A 109 -12.63 -5.83 6.68
C ASP A 109 -12.73 -6.72 7.93
N TYR A 110 -11.85 -7.72 8.03
CA TYR A 110 -11.83 -8.62 9.19
C TYR A 110 -10.42 -8.88 9.73
N LEU A 111 -10.38 -9.25 11.01
CA LEU A 111 -9.13 -9.53 11.74
C LEU A 111 -9.34 -10.70 12.68
N LEU A 112 -8.56 -11.77 12.48
CA LEU A 112 -8.74 -13.01 13.22
C LEU A 112 -7.53 -13.29 14.11
N GLN A 113 -7.79 -13.86 15.29
CA GLN A 113 -6.74 -14.38 16.14
C GLN A 113 -6.82 -15.90 16.08
N ALA A 114 -5.76 -16.54 15.61
CA ALA A 114 -5.76 -17.99 15.47
C ALA A 114 -4.57 -18.61 16.20
N PHE A 115 -4.66 -19.90 16.50
CA PHE A 115 -3.61 -20.62 17.21
C PHE A 115 -3.33 -21.98 16.60
N PHE A 116 -2.07 -22.23 16.25
CA PHE A 116 -1.66 -23.46 15.60
C PHE A 116 -0.43 -24.07 16.25
N THR A 117 -0.20 -25.35 15.97
CA THR A 117 0.94 -26.09 16.49
C THR A 117 2.22 -25.77 15.72
N ASP A 118 2.11 -25.53 14.41
CA ASP A 118 3.26 -25.17 13.55
C ASP A 118 2.80 -24.61 12.19
N MSE A 119 3.75 -24.29 11.31
CA MSE A 119 3.43 -23.77 9.96
C MSE A 119 2.66 -24.76 9.07
O MSE A 119 1.80 -24.36 8.28
CB MSE A 119 4.69 -23.31 9.22
CG MSE A 119 4.99 -21.83 9.31
SE MSE A 119 3.64 -20.68 8.52
CE MSE A 119 2.79 -20.00 10.13
N ASN A 120 2.98 -26.06 9.19
CA ASN A 120 2.25 -27.10 8.46
C ASN A 120 0.77 -27.05 8.79
N ALA A 121 0.47 -26.93 10.09
CA ALA A 121 -0.89 -26.80 10.57
C ALA A 121 -1.52 -25.54 10.00
N PHE A 122 -0.76 -24.44 10.02
CA PHE A 122 -1.30 -23.20 9.50
C PHE A 122 -1.63 -23.30 8.02
N SER A 123 -0.71 -23.88 7.25
CA SER A 123 -0.90 -24.05 5.81
C SER A 123 -2.19 -24.81 5.55
N HIS A 124 -2.32 -25.97 6.17
CA HIS A 124 -3.51 -26.80 6.02
C HIS A 124 -4.81 -26.01 6.21
N PHE A 125 -4.81 -25.08 7.16
CA PHE A 125 -6.01 -24.32 7.50
C PHE A 125 -6.29 -23.25 6.45
N VAL A 126 -5.27 -22.48 6.14
CA VAL A 126 -5.44 -21.30 5.32
C VAL A 126 -5.80 -21.73 3.90
N LEU A 127 -5.17 -22.80 3.41
CA LEU A 127 -5.40 -23.30 2.05
C LEU A 127 -6.66 -24.17 1.89
N ASP A 128 -6.91 -25.08 2.83
CA ASP A 128 -7.99 -26.06 2.66
C ASP A 128 -9.27 -25.78 3.45
N THR A 129 -9.30 -24.73 4.25
CA THR A 129 -10.55 -24.33 4.90
C THR A 129 -10.90 -22.84 4.81
N LEU A 130 -9.92 -21.95 4.97
CA LEU A 130 -10.23 -20.52 5.02
C LEU A 130 -10.39 -19.94 3.63
N LEU A 131 -9.35 -20.08 2.81
CA LEU A 131 -9.38 -19.51 1.46
C LEU A 131 -10.22 -20.36 0.51
N SER A 132 -10.60 -21.55 0.94
CA SER A 132 -11.54 -22.39 0.18
C SER A 132 -13.00 -22.15 0.58
N HIS A 133 -13.23 -21.21 1.50
CA HIS A 133 -14.57 -20.77 1.88
C HIS A 133 -15.07 -19.80 0.81
N HIS A 134 -16.34 -19.89 0.46
CA HIS A 134 -16.90 -19.14 -0.69
C HIS A 134 -16.95 -17.62 -0.49
N GLY A 135 -17.08 -17.18 0.76
CA GLY A 135 -17.16 -15.75 1.06
C GLY A 135 -15.82 -15.06 1.15
N VAL A 136 -14.74 -15.82 1.28
CA VAL A 136 -13.40 -15.25 1.51
C VAL A 136 -12.71 -14.85 0.21
N GLN A 137 -12.55 -13.54 0.02
CA GLN A 137 -11.92 -13.02 -1.19
C GLN A 137 -10.39 -13.08 -1.07
N ASP A 138 -9.84 -12.46 -0.03
CA ASP A 138 -8.39 -12.46 0.19
C ASP A 138 -8.08 -12.73 1.67
N ALA A 139 -6.87 -13.23 1.93
CA ALA A 139 -6.37 -13.39 3.30
C ALA A 139 -4.90 -12.96 3.36
N GLN A 140 -4.53 -12.29 4.46
CA GLN A 140 -3.15 -11.83 4.70
C GLN A 140 -2.76 -12.09 6.14
N SER A 141 -1.84 -13.03 6.35
CA SER A 141 -1.54 -13.53 7.69
C SER A 141 -0.20 -13.07 8.18
N SER A 142 -0.12 -12.81 9.48
CA SER A 142 1.13 -12.51 10.18
C SER A 142 1.17 -13.36 11.43
N PHE A 143 2.29 -13.34 12.15
CA PHE A 143 2.48 -14.19 13.34
C PHE A 143 3.28 -13.50 14.43
N VAL A 144 2.91 -13.73 15.69
CA VAL A 144 3.59 -13.05 16.81
C VAL A 144 4.98 -13.67 17.07
N LEU A 145 6.00 -12.80 17.03
CA LEU A 145 7.36 -13.19 17.33
C LEU A 145 7.63 -13.10 18.82
N LYS A 146 6.82 -12.32 19.53
CA LYS A 146 7.07 -12.02 20.95
C LYS A 146 5.86 -11.36 21.62
N GLU A 147 5.37 -12.01 22.68
CA GLU A 147 4.29 -11.43 23.48
C GLU A 147 4.89 -10.50 24.53
N ILE A 148 4.81 -9.19 24.27
CA ILE A 148 5.26 -8.17 25.21
C ILE A 148 4.32 -8.08 26.39
N LYS A 149 3.04 -8.32 26.14
CA LYS A 149 1.99 -8.18 27.14
C LYS A 149 0.72 -8.87 26.68
N HIS A 150 0.04 -9.53 27.61
CA HIS A 150 -1.26 -10.15 27.35
C HIS A 150 -2.03 -10.27 28.65
N THR A 151 -3.11 -9.52 28.77
CA THR A 151 -4.03 -9.66 29.90
C THR A 151 -5.47 -9.75 29.41
N THR A 152 -6.30 -10.41 30.21
CA THR A 152 -7.74 -10.43 29.98
C THR A 152 -8.38 -9.27 30.76
N SER A 153 -7.63 -8.72 31.72
CA SER A 153 -8.12 -7.70 32.64
C SER A 153 -8.35 -6.41 31.91
N LEU A 154 -9.57 -5.92 31.99
CA LEU A 154 -9.91 -4.57 31.54
C LEU A 154 -9.55 -3.57 32.63
N PRO A 155 -9.38 -2.29 32.25
CA PRO A 155 -9.22 -1.21 33.23
C PRO A 155 -10.58 -0.73 33.72
N LEU A 156 -10.68 -0.38 35.00
CA LEU A 156 -11.95 -0.01 35.62
C LEU A 156 -11.96 1.34 36.32
N ASN A 157 -10.80 1.99 36.41
CA ASN A 157 -10.64 3.22 37.20
C ASN A 157 -11.42 4.41 36.67
N HIS A 158 -11.70 4.42 35.37
CA HIS A 158 -12.57 5.43 34.78
C HIS A 158 -14.00 5.42 35.39
N LEU A 159 -14.31 4.40 36.18
CA LEU A 159 -15.59 4.33 36.89
C LEU A 159 -15.52 4.88 38.30
N LEU A 160 -14.31 5.08 38.82
CA LEU A 160 -14.12 5.66 40.15
C LEU A 160 -14.34 7.18 40.09
N GLN B 5 8.05 -34.89 31.58
CA GLN B 5 6.80 -34.06 31.53
C GLN B 5 5.54 -34.89 31.77
N LEU B 6 4.40 -34.21 31.82
CA LEU B 6 3.09 -34.86 31.89
C LEU B 6 2.75 -35.59 30.60
N THR B 7 1.78 -36.50 30.69
CA THR B 7 1.24 -37.19 29.52
C THR B 7 -0.27 -37.09 29.55
N LEU B 8 -0.81 -36.20 28.73
CA LEU B 8 -2.23 -35.84 28.80
C LEU B 8 -3.10 -36.80 27.97
N ASP B 9 -4.10 -37.39 28.61
CA ASP B 9 -5.07 -38.28 27.95
C ASP B 9 -6.39 -37.56 27.70
N LYS B 10 -7.39 -38.29 27.20
CA LYS B 10 -8.69 -37.70 26.90
C LYS B 10 -9.39 -37.13 28.14
N THR B 11 -9.19 -37.76 29.30
CA THR B 11 -9.74 -37.24 30.57
C THR B 11 -9.13 -35.89 30.96
N ASP B 12 -7.85 -35.72 30.68
CA ASP B 12 -7.12 -34.52 31.09
C ASP B 12 -7.44 -33.34 30.18
N ILE B 13 -7.57 -33.59 28.88
CA ILE B 13 -7.97 -32.54 27.94
C ILE B 13 -9.42 -32.10 28.22
N LYS B 14 -10.28 -33.07 28.56
CA LYS B 14 -11.63 -32.78 29.02
C LYS B 14 -11.61 -31.83 30.22
N ILE B 15 -10.69 -32.06 31.17
CA ILE B 15 -10.50 -31.17 32.33
C ILE B 15 -10.24 -29.74 31.88
N LEU B 16 -9.20 -29.55 31.09
CA LEU B 16 -8.81 -28.22 30.63
C LEU B 16 -9.91 -27.56 29.80
N GLN B 17 -10.61 -28.36 29.01
CA GLN B 17 -11.64 -27.84 28.11
C GLN B 17 -12.87 -27.34 28.88
N VAL B 18 -13.28 -28.09 29.88
CA VAL B 18 -14.38 -27.70 30.75
C VAL B 18 -13.99 -26.44 31.52
N LEU B 19 -12.80 -26.45 32.12
CA LEU B 19 -12.30 -25.31 32.89
C LEU B 19 -12.13 -24.04 32.05
N GLN B 20 -11.70 -24.20 30.80
CA GLN B 20 -11.52 -23.07 29.90
C GLN B 20 -12.82 -22.30 29.65
N GLU B 21 -13.93 -23.02 29.53
CA GLU B 21 -15.26 -22.42 29.40
C GLU B 21 -15.83 -22.03 30.77
N ASN B 22 -15.74 -22.96 31.72
CA ASN B 22 -16.27 -22.77 33.07
C ASN B 22 -15.13 -22.83 34.11
N GLY B 23 -14.44 -21.71 34.27
CA GLY B 23 -13.26 -21.64 35.15
C GLY B 23 -13.57 -21.77 36.63
N ARG B 24 -14.78 -21.39 37.03
CA ARG B 24 -15.14 -21.28 38.44
C ARG B 24 -15.77 -22.54 39.05
N LEU B 25 -16.01 -23.57 38.24
CA LEU B 25 -16.64 -24.83 38.68
C LEU B 25 -16.05 -25.36 39.98
N THR B 26 -16.91 -25.97 40.81
CA THR B 26 -16.49 -26.57 42.08
C THR B 26 -15.80 -27.91 41.77
N ASN B 27 -14.80 -28.29 42.57
CA ASN B 27 -14.07 -29.54 42.32
C ASN B 27 -14.99 -30.75 42.21
N VAL B 28 -16.09 -30.75 42.94
CA VAL B 28 -17.07 -31.84 42.87
C VAL B 28 -17.71 -31.87 41.48
N GLU B 29 -18.20 -30.70 41.05
CA GLU B 29 -18.77 -30.54 39.71
C GLU B 29 -17.79 -30.97 38.62
N LEU B 30 -16.60 -30.38 38.65
CA LEU B 30 -15.57 -30.68 37.65
C LEU B 30 -15.34 -32.18 37.49
N SER B 31 -15.23 -32.90 38.62
CA SER B 31 -15.00 -34.34 38.59
C SER B 31 -16.20 -35.09 38.01
N GLU B 32 -17.40 -34.54 38.20
CA GLU B 32 -18.60 -35.15 37.65
C GLU B 32 -18.63 -35.04 36.13
N ARG B 33 -18.21 -33.88 35.60
CA ARG B 33 -18.20 -33.67 34.16
C ARG B 33 -17.11 -34.49 33.46
N VAL B 34 -16.01 -34.77 34.16
CA VAL B 34 -14.82 -35.38 33.54
C VAL B 34 -14.60 -36.86 33.90
N ALA B 35 -15.60 -37.51 34.48
CA ALA B 35 -15.53 -38.95 34.78
C ALA B 35 -14.34 -39.33 35.68
N LEU B 36 -14.22 -38.65 36.82
CA LEU B 36 -13.18 -38.95 37.82
C LEU B 36 -13.71 -38.74 39.25
N SER B 37 -13.08 -39.39 40.21
CA SER B 37 -13.39 -39.19 41.62
C SER B 37 -12.86 -37.83 42.05
N PRO B 38 -13.55 -37.15 42.99
CA PRO B 38 -12.97 -35.89 43.48
C PRO B 38 -11.51 -36.02 43.88
N SER B 39 -11.14 -37.11 44.53
CA SER B 39 -9.79 -37.26 45.10
C SER B 39 -8.68 -37.03 44.05
N PRO B 40 -8.69 -37.82 42.95
CA PRO B 40 -7.67 -37.65 41.91
C PRO B 40 -7.89 -36.48 40.92
N CYS B 41 -9.14 -36.19 40.57
CA CYS B 41 -9.46 -35.03 39.75
C CYS B 41 -8.70 -33.81 40.28
N LEU B 42 -8.89 -33.58 41.58
CA LEU B 42 -8.19 -32.53 42.31
C LEU B 42 -6.67 -32.60 42.11
N ARG B 43 -6.10 -33.79 42.28
CA ARG B 43 -4.65 -34.02 42.05
C ARG B 43 -4.29 -33.63 40.62
N ARG B 44 -5.05 -34.18 39.68
CA ARG B 44 -4.75 -34.04 38.27
C ARG B 44 -4.82 -32.58 37.86
N LEU B 45 -5.84 -31.87 38.36
CA LEU B 45 -5.96 -30.43 38.11
C LEU B 45 -4.72 -29.72 38.62
N LYS B 46 -4.34 -29.97 39.87
CA LYS B 46 -3.18 -29.28 40.45
C LYS B 46 -1.88 -29.65 39.73
N GLN B 47 -1.85 -30.83 39.11
CA GLN B 47 -0.73 -31.24 38.29
C GLN B 47 -0.64 -30.38 37.03
N LEU B 48 -1.80 -30.03 36.46
CA LEU B 48 -1.84 -29.20 35.25
C LEU B 48 -1.44 -27.75 35.54
N GLU B 49 -1.72 -27.29 36.77
CA GLU B 49 -1.30 -25.95 37.21
C GLU B 49 0.20 -25.93 37.49
N ASP B 50 0.65 -26.88 38.32
CA ASP B 50 2.07 -27.01 38.65
C ASP B 50 2.95 -27.20 37.41
N ALA B 51 2.41 -27.88 36.40
CA ALA B 51 3.13 -28.07 35.14
C ALA B 51 3.29 -26.76 34.37
N GLY B 52 2.33 -25.86 34.49
CA GLY B 52 2.35 -24.60 33.76
C GLY B 52 1.33 -24.52 32.62
N ILE B 53 0.46 -25.52 32.52
CA ILE B 53 -0.59 -25.50 31.51
C ILE B 53 -1.63 -24.46 31.91
N VAL B 54 -2.17 -24.56 33.14
CA VAL B 54 -3.08 -23.53 33.66
C VAL B 54 -2.23 -22.38 34.19
N ARG B 55 -2.23 -21.26 33.48
CA ARG B 55 -1.38 -20.14 33.85
C ARG B 55 -2.08 -19.13 34.75
N GLN B 56 -3.40 -19.06 34.66
CA GLN B 56 -4.17 -18.11 35.47
C GLN B 56 -5.66 -18.38 35.37
N TYR B 57 -6.36 -18.25 36.50
CA TYR B 57 -7.83 -18.23 36.51
C TYR B 57 -8.34 -16.77 36.52
N ALA B 58 -9.22 -16.43 35.58
CA ALA B 58 -9.64 -15.03 35.41
C ALA B 58 -11.13 -14.89 35.10
N ALA B 59 -11.73 -13.84 35.64
CA ALA B 59 -13.09 -13.46 35.32
C ALA B 59 -13.06 -12.45 34.19
N LEU B 60 -13.74 -12.77 33.09
CA LEU B 60 -13.76 -11.92 31.89
C LEU B 60 -15.02 -11.07 31.87
N LEU B 61 -14.87 -9.76 31.71
CA LEU B 61 -16.00 -8.83 31.80
C LEU B 61 -16.40 -8.29 30.43
N SER B 62 -17.63 -7.81 30.33
CA SER B 62 -18.09 -7.12 29.14
C SER B 62 -17.63 -5.66 29.18
N PRO B 63 -16.78 -5.27 28.21
CA PRO B 63 -16.34 -3.87 28.10
C PRO B 63 -17.48 -2.83 28.13
N GLU B 64 -18.47 -2.99 27.27
CA GLU B 64 -19.62 -2.09 27.24
C GLU B 64 -20.28 -1.97 28.61
N SER B 65 -20.34 -3.07 29.35
CA SER B 65 -20.95 -3.06 30.67
C SER B 65 -20.12 -2.24 31.67
N VAL B 66 -18.87 -1.95 31.30
CA VAL B 66 -18.00 -1.08 32.10
C VAL B 66 -17.59 0.14 31.29
N ASN B 67 -18.52 0.58 30.44
CA ASN B 67 -18.36 1.80 29.62
C ASN B 67 -17.11 1.87 28.70
N LEU B 68 -16.25 0.85 28.73
CA LEU B 68 -15.16 0.75 27.78
C LEU B 68 -15.74 0.26 26.45
N GLY B 69 -16.35 1.18 25.71
CA GLY B 69 -17.09 0.79 24.51
C GLY B 69 -16.33 0.95 23.22
N LEU B 70 -15.04 1.21 23.30
CA LEU B 70 -14.25 1.48 22.12
C LEU B 70 -12.97 0.68 22.13
N GLN B 71 -12.97 -0.41 21.37
CA GLN B 71 -11.82 -1.30 21.26
C GLN B 71 -11.01 -0.94 20.03
N ALA B 72 -9.73 -0.66 20.21
CA ALA B 72 -8.85 -0.33 19.11
C ALA B 72 -7.72 -1.33 18.96
N PHE B 73 -7.46 -1.75 17.72
CA PHE B 73 -6.21 -2.40 17.38
C PHE B 73 -5.29 -1.32 16.83
N ILE B 74 -4.09 -1.24 17.37
CA ILE B 74 -3.15 -0.18 17.03
C ILE B 74 -1.85 -0.77 16.48
N ARG B 75 -1.45 -0.29 15.29
CA ARG B 75 -0.24 -0.73 14.63
C ARG B 75 0.84 0.30 14.82
N VAL B 76 1.84 -0.05 15.62
CA VAL B 76 2.86 0.90 16.05
C VAL B 76 4.21 0.50 15.47
N SER B 77 5.03 1.51 15.17
CA SER B 77 6.34 1.28 14.56
C SER B 77 7.40 1.94 15.44
N ILE B 78 8.35 1.14 15.92
CA ILE B 78 9.38 1.65 16.81
C ILE B 78 10.53 2.20 15.97
N ARG B 79 11.03 3.37 16.35
CA ARG B 79 12.23 3.93 15.71
C ARG B 79 13.47 3.16 16.14
N LYS B 80 14.52 3.23 15.33
CA LYS B 80 15.74 2.47 15.61
C LYS B 80 16.65 3.21 16.59
N ALA B 81 16.37 3.02 17.87
CA ALA B 81 17.29 3.30 18.95
C ALA B 81 17.70 1.95 19.52
N LYS B 82 18.69 1.93 20.39
CA LYS B 82 19.13 0.67 21.02
C LYS B 82 18.15 0.21 22.10
N ASP B 83 17.66 1.15 22.90
CA ASP B 83 16.77 0.84 24.02
C ASP B 83 15.30 0.99 23.64
N ALA B 84 15.03 1.54 22.46
CA ALA B 84 13.65 1.81 22.00
C ALA B 84 12.72 0.61 22.15
N ARG B 85 13.25 -0.58 21.88
CA ARG B 85 12.46 -1.81 21.97
C ARG B 85 12.00 -2.08 23.41
N GLU B 86 12.94 -2.00 24.34
CA GLU B 86 12.64 -2.33 25.74
C GLU B 86 11.91 -1.20 26.47
N ASP B 87 12.27 0.04 26.18
CA ASP B 87 11.56 1.20 26.73
C ASP B 87 10.07 1.10 26.43
N PHE B 88 9.75 0.88 25.16
CA PHE B 88 8.36 0.76 24.70
C PHE B 88 7.68 -0.45 25.34
N ALA B 89 8.40 -1.56 25.41
CA ALA B 89 7.91 -2.75 26.08
C ALA B 89 7.50 -2.40 27.52
N ALA B 90 8.41 -1.73 28.23
CA ALA B 90 8.24 -1.34 29.65
C ALA B 90 7.07 -0.41 29.89
N SER B 91 6.97 0.62 29.04
CA SER B 91 5.87 1.58 29.12
C SER B 91 4.56 0.99 28.68
N VAL B 92 4.57 0.16 27.65
CA VAL B 92 3.37 -0.57 27.25
C VAL B 92 2.82 -1.31 28.46
N ARG B 93 3.68 -1.97 29.21
CA ARG B 93 3.25 -2.82 30.32
C ARG B 93 2.57 -2.06 31.45
N LYS B 94 2.92 -0.78 31.60
CA LYS B 94 2.32 0.05 32.65
C LYS B 94 1.01 0.70 32.21
N TRP B 95 0.74 0.73 30.90
CA TRP B 95 -0.51 1.28 30.37
C TRP B 95 -1.67 0.30 30.53
N PRO B 96 -2.58 0.55 31.49
CA PRO B 96 -3.68 -0.38 31.76
C PRO B 96 -4.67 -0.55 30.62
N GLU B 97 -4.85 0.49 29.82
CA GLU B 97 -5.83 0.45 28.72
C GLU B 97 -5.33 -0.44 27.57
N VAL B 98 -4.01 -0.60 27.47
CA VAL B 98 -3.39 -1.53 26.54
C VAL B 98 -3.34 -2.91 27.19
N LEU B 99 -4.16 -3.85 26.71
CA LEU B 99 -4.28 -5.16 27.36
C LEU B 99 -3.31 -6.20 26.83
N SER B 100 -3.05 -6.16 25.53
CA SER B 100 -2.14 -7.13 24.91
C SER B 100 -1.38 -6.43 23.80
N CYS B 101 -0.31 -7.08 23.32
CA CYS B 101 0.68 -6.39 22.51
C CYS B 101 1.61 -7.44 21.90
N PHE B 102 1.96 -7.26 20.63
CA PHE B 102 2.66 -8.33 19.90
C PHE B 102 3.64 -7.81 18.86
N ALA B 103 4.81 -8.43 18.84
CA ALA B 103 5.78 -8.26 17.77
C ALA B 103 5.33 -9.13 16.59
N LEU B 104 4.78 -8.50 15.56
CA LEU B 104 4.22 -9.23 14.42
C LEU B 104 5.14 -9.17 13.21
N THR B 105 5.00 -10.18 12.36
CA THR B 105 5.58 -10.19 11.03
C THR B 105 4.77 -9.24 10.14
N GLY B 106 5.41 -8.71 9.11
CA GLY B 106 4.73 -7.90 8.10
C GLY B 106 5.06 -6.43 8.16
N GLU B 107 4.14 -5.62 7.64
CA GLU B 107 4.34 -4.17 7.50
C GLU B 107 4.48 -3.49 8.85
N THR B 108 3.69 -3.93 9.82
CA THR B 108 3.74 -3.39 11.17
C THR B 108 4.71 -4.19 12.05
N ASP B 109 5.44 -3.48 12.90
CA ASP B 109 6.39 -4.12 13.81
C ASP B 109 5.74 -4.50 15.15
N TYR B 110 4.70 -3.75 15.54
CA TYR B 110 3.99 -4.02 16.79
C TYR B 110 2.49 -3.86 16.60
N LEU B 111 1.73 -4.71 17.28
CA LEU B 111 0.28 -4.67 17.23
C LEU B 111 -0.24 -4.60 18.67
N LEU B 112 -1.03 -3.58 18.96
CA LEU B 112 -1.59 -3.38 20.29
C LEU B 112 -3.11 -3.59 20.29
N GLN B 113 -3.65 -4.05 21.42
CA GLN B 113 -5.09 -4.15 21.61
C GLN B 113 -5.42 -3.33 22.83
N ALA B 114 -6.21 -2.28 22.64
CA ALA B 114 -6.53 -1.34 23.71
C ALA B 114 -8.05 -1.14 23.86
N PHE B 115 -8.48 -0.69 25.04
CA PHE B 115 -9.89 -0.38 25.30
C PHE B 115 -10.04 1.01 25.90
N PHE B 116 -11.01 1.76 25.38
CA PHE B 116 -11.22 3.14 25.79
C PHE B 116 -12.71 3.43 25.98
N THR B 117 -13.01 4.52 26.69
CA THR B 117 -14.40 4.94 26.92
C THR B 117 -15.06 5.41 25.63
N ASP B 118 -14.37 6.30 24.91
CA ASP B 118 -14.81 6.83 23.62
C ASP B 118 -13.66 7.58 22.91
N MSE B 119 -13.92 8.01 21.67
CA MSE B 119 -12.87 8.56 20.82
C MSE B 119 -12.13 9.73 21.48
O MSE B 119 -10.93 9.87 21.28
CB MSE B 119 -13.44 9.00 19.47
CG MSE B 119 -12.40 9.28 18.39
SE MSE B 119 -11.37 7.71 17.90
CE MSE B 119 -12.76 6.69 16.97
N ASN B 120 -12.84 10.54 22.27
CA ASN B 120 -12.16 11.61 23.02
C ASN B 120 -11.04 11.00 23.85
N ALA B 121 -11.41 10.08 24.75
CA ALA B 121 -10.44 9.27 25.49
C ALA B 121 -9.35 8.69 24.58
N PHE B 122 -9.73 8.08 23.45
CA PHE B 122 -8.71 7.53 22.54
C PHE B 122 -7.74 8.60 22.08
N SER B 123 -8.26 9.78 21.76
CA SER B 123 -7.41 10.87 21.28
C SER B 123 -6.36 11.27 22.30
N HIS B 124 -6.76 11.38 23.56
CA HIS B 124 -5.84 11.70 24.64
C HIS B 124 -4.71 10.68 24.67
N PHE B 125 -5.03 9.39 24.59
CA PHE B 125 -4.02 8.35 24.68
C PHE B 125 -3.00 8.35 23.54
N VAL B 126 -3.48 8.47 22.30
CA VAL B 126 -2.58 8.47 21.15
C VAL B 126 -1.73 9.74 21.13
N LEU B 127 -2.36 10.89 21.27
CA LEU B 127 -1.66 12.17 21.16
C LEU B 127 -0.75 12.45 22.35
N ASP B 128 -1.18 12.09 23.56
CA ASP B 128 -0.43 12.45 24.77
C ASP B 128 0.38 11.31 25.41
N THR B 129 0.14 10.06 25.01
CA THR B 129 0.90 8.92 25.57
C THR B 129 1.70 8.15 24.52
N LEU B 130 1.03 7.59 23.51
CA LEU B 130 1.66 6.67 22.56
C LEU B 130 2.62 7.35 21.59
N LEU B 131 2.16 8.42 20.95
CA LEU B 131 2.95 9.10 19.92
C LEU B 131 3.98 10.05 20.50
N SER B 132 3.88 10.34 21.80
CA SER B 132 4.86 11.19 22.48
C SER B 132 5.89 10.35 23.25
N HIS B 133 5.75 9.02 23.20
CA HIS B 133 6.78 8.13 23.73
C HIS B 133 7.97 8.18 22.77
N HIS B 134 9.19 8.32 23.32
CA HIS B 134 10.38 8.58 22.49
C HIS B 134 10.64 7.50 21.42
N GLY B 135 10.42 6.24 21.77
CA GLY B 135 10.69 5.12 20.88
C GLY B 135 9.63 4.84 19.82
N VAL B 136 8.51 5.55 19.87
CA VAL B 136 7.40 5.31 18.93
C VAL B 136 7.49 6.21 17.69
N GLN B 137 7.71 5.61 16.53
CA GLN B 137 7.86 6.37 15.27
C GLN B 137 6.53 6.64 14.60
N ASP B 138 5.59 5.70 14.69
CA ASP B 138 4.33 5.79 13.93
C ASP B 138 3.17 5.01 14.58
N ALA B 139 1.95 5.46 14.33
CA ALA B 139 0.75 4.81 14.85
C ALA B 139 -0.32 4.76 13.78
N GLN B 140 -0.89 3.57 13.55
CA GLN B 140 -1.99 3.38 12.63
C GLN B 140 -3.10 2.61 13.31
N SER B 141 -4.07 3.33 13.86
CA SER B 141 -5.10 2.71 14.70
C SER B 141 -6.41 2.41 13.95
N SER B 142 -7.02 1.28 14.31
CA SER B 142 -8.30 0.85 13.76
C SER B 142 -9.22 0.42 14.91
N PHE B 143 -10.53 0.36 14.66
CA PHE B 143 -11.50 0.06 15.70
C PHE B 143 -12.41 -1.12 15.36
N VAL B 144 -12.94 -1.80 16.38
CA VAL B 144 -13.84 -2.92 16.19
C VAL B 144 -15.30 -2.46 16.03
N LEU B 145 -15.92 -2.83 14.91
CA LEU B 145 -17.29 -2.45 14.60
C LEU B 145 -18.29 -3.54 14.98
N LYS B 146 -17.83 -4.80 15.03
CA LYS B 146 -18.69 -5.96 15.32
C LYS B 146 -17.86 -7.18 15.76
N GLU B 147 -18.12 -7.66 16.98
CA GLU B 147 -17.37 -8.78 17.58
C GLU B 147 -17.97 -10.11 17.16
N ILE B 148 -17.52 -10.64 16.01
CA ILE B 148 -18.11 -11.85 15.43
C ILE B 148 -17.88 -13.06 16.31
N LYS B 149 -16.70 -13.12 16.92
CA LYS B 149 -16.33 -14.21 17.82
C LYS B 149 -15.18 -13.77 18.69
N HIS B 150 -15.23 -14.15 19.96
CA HIS B 150 -14.19 -13.81 20.91
C HIS B 150 -14.22 -14.77 22.08
N THR B 151 -13.19 -15.61 22.16
CA THR B 151 -13.06 -16.56 23.25
C THR B 151 -11.61 -16.54 23.70
N THR B 152 -11.39 -16.93 24.96
CA THR B 152 -10.04 -17.15 25.48
C THR B 152 -9.66 -18.63 25.32
N SER B 153 -10.64 -19.44 24.92
CA SER B 153 -10.51 -20.88 24.87
C SER B 153 -9.60 -21.28 23.74
N LEU B 154 -8.58 -22.08 24.05
CA LEU B 154 -7.70 -22.68 23.06
C LEU B 154 -8.20 -24.04 22.56
N PRO B 155 -7.85 -24.43 21.33
CA PRO B 155 -8.19 -25.75 20.82
C PRO B 155 -7.16 -26.76 21.31
N LEU B 156 -7.62 -27.92 21.78
CA LEU B 156 -6.74 -28.93 22.36
C LEU B 156 -6.88 -30.34 21.77
N ASN B 157 -7.72 -30.49 20.74
CA ASN B 157 -8.02 -31.82 20.17
C ASN B 157 -6.89 -32.38 19.29
N HIS B 158 -5.92 -31.53 18.95
CA HIS B 158 -4.68 -31.95 18.30
C HIS B 158 -3.79 -32.78 19.23
N LEU B 159 -4.04 -32.70 20.54
CA LEU B 159 -3.29 -33.49 21.50
C LEU B 159 -3.88 -34.88 21.66
N LEU B 160 -5.05 -35.12 21.07
CA LEU B 160 -5.72 -36.42 21.16
C LEU B 160 -5.41 -37.29 19.95
N THR C 7 17.76 -41.43 13.19
CA THR C 7 19.23 -41.41 13.42
C THR C 7 19.91 -40.37 12.55
N LEU C 8 20.41 -39.30 13.16
CA LEU C 8 21.19 -38.30 12.43
C LEU C 8 22.32 -37.75 13.29
N ASP C 9 23.26 -38.62 13.66
CA ASP C 9 24.37 -38.27 14.55
C ASP C 9 25.42 -37.42 13.84
N LYS C 10 26.26 -36.76 14.63
CA LYS C 10 27.27 -35.80 14.15
C LYS C 10 27.80 -36.10 12.75
N THR C 11 28.32 -37.31 12.56
CA THR C 11 29.01 -37.67 11.32
C THR C 11 28.08 -37.67 10.11
N ASP C 12 26.82 -38.07 10.31
CA ASP C 12 25.80 -37.98 9.25
C ASP C 12 25.56 -36.51 8.84
N ILE C 13 25.74 -35.57 9.77
CA ILE C 13 25.63 -34.14 9.45
C ILE C 13 26.90 -33.63 8.79
N LYS C 14 28.06 -34.13 9.21
CA LYS C 14 29.33 -33.76 8.60
C LYS C 14 29.33 -34.16 7.13
N ILE C 15 28.76 -35.33 6.83
CA ILE C 15 28.51 -35.77 5.45
C ILE C 15 27.63 -34.78 4.70
N LEU C 16 26.41 -34.56 5.18
CA LEU C 16 25.44 -33.68 4.51
C LEU C 16 26.05 -32.33 4.22
N GLN C 17 26.69 -31.73 5.22
CA GLN C 17 27.35 -30.44 5.07
C GLN C 17 28.36 -30.42 3.91
N VAL C 18 29.18 -31.45 3.82
CA VAL C 18 30.23 -31.49 2.80
C VAL C 18 29.65 -31.64 1.40
N LEU C 19 28.71 -32.57 1.24
CA LEU C 19 28.10 -32.86 -0.07
C LEU C 19 27.24 -31.71 -0.61
N GLN C 20 26.59 -30.95 0.26
CA GLN C 20 25.87 -29.76 -0.17
C GLN C 20 26.79 -28.81 -0.94
N GLU C 21 28.03 -28.69 -0.49
CA GLU C 21 29.03 -27.80 -1.11
C GLU C 21 29.71 -28.48 -2.31
N ASN C 22 30.07 -29.75 -2.14
CA ASN C 22 30.75 -30.54 -3.18
C ASN C 22 29.91 -31.77 -3.54
N GLY C 23 28.81 -31.55 -4.24
CA GLY C 23 27.90 -32.64 -4.60
C GLY C 23 28.58 -33.77 -5.37
N ARG C 24 29.63 -33.43 -6.09
CA ARG C 24 30.34 -34.36 -6.97
C ARG C 24 31.41 -35.21 -6.25
N LEU C 25 31.83 -34.81 -5.05
CA LEU C 25 32.93 -35.47 -4.33
C LEU C 25 32.97 -36.98 -4.47
N THR C 26 34.18 -37.53 -4.55
CA THR C 26 34.36 -38.97 -4.59
C THR C 26 34.20 -39.52 -3.17
N ASN C 27 33.67 -40.73 -3.04
CA ASN C 27 33.48 -41.34 -1.71
C ASN C 27 34.78 -41.48 -0.94
N VAL C 28 35.90 -41.61 -1.67
CA VAL C 28 37.22 -41.61 -1.04
C VAL C 28 37.47 -40.26 -0.36
N GLU C 29 37.23 -39.18 -1.11
CA GLU C 29 37.38 -37.83 -0.58
C GLU C 29 36.33 -37.51 0.49
N LEU C 30 35.10 -37.97 0.30
CA LEU C 30 34.04 -37.73 1.28
C LEU C 30 34.37 -38.46 2.57
N SER C 31 34.71 -39.74 2.44
CA SER C 31 35.09 -40.56 3.60
C SER C 31 36.24 -39.94 4.37
N GLU C 32 37.09 -39.21 3.66
CA GLU C 32 38.22 -38.54 4.30
C GLU C 32 37.83 -37.28 5.07
N ARG C 33 36.88 -36.51 4.55
CA ARG C 33 36.47 -35.24 5.20
C ARG C 33 35.61 -35.44 6.45
N VAL C 34 34.98 -36.60 6.54
CA VAL C 34 34.12 -36.96 7.68
C VAL C 34 34.76 -38.01 8.61
N ALA C 35 36.04 -38.32 8.38
CA ALA C 35 36.78 -39.27 9.21
C ALA C 35 36.06 -40.62 9.31
N LEU C 36 36.07 -41.36 8.20
CA LEU C 36 35.46 -42.68 8.13
C LEU C 36 36.18 -43.53 7.07
N SER C 37 36.35 -44.82 7.35
CA SER C 37 36.75 -45.77 6.30
C SER C 37 35.76 -45.61 5.12
N PRO C 38 36.23 -45.82 3.89
CA PRO C 38 35.26 -45.71 2.80
C PRO C 38 34.01 -46.59 2.97
N SER C 39 34.19 -47.83 3.40
CA SER C 39 33.11 -48.83 3.46
C SER C 39 31.84 -48.35 4.18
N PRO C 40 31.96 -47.88 5.44
CA PRO C 40 30.77 -47.38 6.15
C PRO C 40 30.29 -45.98 5.70
N CYS C 41 31.22 -45.15 5.24
CA CYS C 41 30.87 -43.86 4.67
C CYS C 41 29.90 -44.03 3.48
N LEU C 42 30.07 -45.12 2.74
CA LEU C 42 29.20 -45.43 1.61
C LEU C 42 27.90 -46.10 2.05
N ARG C 43 27.88 -46.70 3.24
CA ARG C 43 26.65 -47.24 3.83
C ARG C 43 25.80 -46.09 4.34
N ARG C 44 26.44 -45.20 5.11
CA ARG C 44 25.79 -44.01 5.66
C ARG C 44 25.16 -43.14 4.57
N LEU C 45 25.92 -42.85 3.51
CA LEU C 45 25.44 -41.98 2.45
C LEU C 45 24.26 -42.58 1.70
N LYS C 46 24.33 -43.88 1.42
CA LYS C 46 23.23 -44.56 0.71
C LYS C 46 21.94 -44.52 1.55
N GLN C 47 22.09 -44.70 2.86
CA GLN C 47 20.96 -44.62 3.78
C GLN C 47 20.40 -43.19 3.89
N LEU C 48 21.25 -42.19 3.65
CA LEU C 48 20.78 -40.82 3.55
C LEU C 48 20.08 -40.60 2.21
N GLU C 49 20.61 -41.22 1.16
CA GLU C 49 20.01 -41.12 -0.18
C GLU C 49 18.65 -41.82 -0.25
N ASP C 50 18.52 -42.95 0.46
CA ASP C 50 17.30 -43.76 0.37
C ASP C 50 16.30 -43.48 1.48
N ALA C 51 16.64 -42.57 2.40
CA ALA C 51 15.71 -42.15 3.45
C ALA C 51 14.99 -40.87 3.08
N GLY C 52 15.44 -40.23 1.99
CA GLY C 52 14.83 -39.01 1.50
C GLY C 52 15.69 -37.79 1.71
N ILE C 53 16.54 -37.82 2.74
CA ILE C 53 17.33 -36.66 3.17
C ILE C 53 18.01 -35.93 2.01
N VAL C 54 18.86 -36.64 1.27
CA VAL C 54 19.42 -36.11 0.02
C VAL C 54 18.39 -36.33 -1.06
N ARG C 55 17.68 -35.27 -1.45
CA ARG C 55 16.59 -35.40 -2.40
C ARG C 55 17.10 -35.40 -3.85
N GLN C 56 18.23 -34.74 -4.09
CA GLN C 56 18.79 -34.66 -5.44
C GLN C 56 20.24 -34.18 -5.43
N TYR C 57 21.04 -34.72 -6.34
CA TYR C 57 22.34 -34.13 -6.69
C TYR C 57 22.13 -33.32 -7.96
N ALA C 58 22.68 -32.10 -8.00
CA ALA C 58 22.40 -31.18 -9.10
C ALA C 58 23.62 -30.36 -9.53
N ALA C 59 23.69 -30.09 -10.83
CA ALA C 59 24.66 -29.18 -11.39
C ALA C 59 24.04 -27.80 -11.40
N LEU C 60 24.66 -26.85 -10.70
CA LEU C 60 24.16 -25.48 -10.64
C LEU C 60 24.96 -24.63 -11.64
N LEU C 61 24.23 -23.89 -12.47
CA LEU C 61 24.80 -23.19 -13.62
C LEU C 61 24.81 -21.69 -13.39
N SER C 62 25.72 -21.00 -14.07
CA SER C 62 25.71 -19.53 -14.10
C SER C 62 24.66 -19.05 -15.09
N PRO C 63 23.70 -18.24 -14.63
CA PRO C 63 22.64 -17.75 -15.51
C PRO C 63 23.16 -16.80 -16.59
N GLU C 64 24.09 -15.92 -16.24
CA GLU C 64 24.66 -15.03 -17.25
C GLU C 64 25.44 -15.84 -18.31
N SER C 65 26.05 -16.95 -17.89
CA SER C 65 26.84 -17.79 -18.78
C SER C 65 26.03 -18.33 -19.95
N VAL C 66 24.81 -18.77 -19.67
CA VAL C 66 23.92 -19.32 -20.69
C VAL C 66 22.93 -18.27 -21.24
N ASN C 67 23.30 -16.98 -21.12
CA ASN C 67 22.55 -15.84 -21.68
C ASN C 67 21.30 -15.37 -20.93
N LEU C 68 20.89 -16.08 -19.88
CA LEU C 68 19.76 -15.64 -19.06
C LEU C 68 20.24 -14.57 -18.07
N GLY C 69 20.31 -13.33 -18.55
CA GLY C 69 20.71 -12.22 -17.71
C GLY C 69 19.60 -11.78 -16.77
N LEU C 70 18.37 -11.76 -17.27
CA LEU C 70 17.24 -11.20 -16.52
C LEU C 70 16.64 -12.25 -15.61
N GLN C 71 16.82 -12.06 -14.29
CA GLN C 71 16.19 -12.91 -13.28
C GLN C 71 15.12 -12.11 -12.57
N ALA C 72 13.88 -12.61 -12.63
CA ALA C 72 12.74 -11.90 -12.10
C ALA C 72 12.20 -12.55 -10.83
N PHE C 73 11.35 -11.81 -10.12
CA PHE C 73 10.57 -12.30 -8.99
C PHE C 73 9.17 -11.73 -9.19
N ILE C 74 8.20 -12.60 -9.45
CA ILE C 74 6.83 -12.20 -9.79
C ILE C 74 5.87 -12.60 -8.68
N ARG C 75 4.98 -11.69 -8.29
CA ARG C 75 4.02 -11.96 -7.23
C ARG C 75 2.63 -11.99 -7.83
N VAL C 76 2.05 -13.19 -7.84
CA VAL C 76 0.85 -13.51 -8.61
C VAL C 76 -0.32 -13.84 -7.70
N SER C 77 -1.52 -13.46 -8.12
CA SER C 77 -2.75 -13.77 -7.37
C SER C 77 -3.73 -14.48 -8.30
N ILE C 78 -4.21 -15.65 -7.88
CA ILE C 78 -5.13 -16.44 -8.69
C ILE C 78 -6.55 -15.98 -8.43
N ARG C 79 -7.37 -16.00 -9.49
CA ARG C 79 -8.79 -15.73 -9.38
C ARG C 79 -9.39 -16.75 -8.43
N LYS C 80 -10.29 -16.28 -7.56
CA LYS C 80 -10.88 -17.12 -6.53
C LYS C 80 -12.09 -17.88 -7.08
N ALA C 81 -11.81 -19.01 -7.73
CA ALA C 81 -12.83 -19.90 -8.27
C ALA C 81 -12.46 -21.35 -7.93
N LYS C 82 -13.11 -22.31 -8.60
CA LYS C 82 -12.79 -23.73 -8.43
C LYS C 82 -11.66 -24.06 -9.41
N ASP C 83 -10.78 -24.98 -9.03
CA ASP C 83 -9.70 -25.49 -9.89
C ASP C 83 -8.58 -24.50 -10.27
N ALA C 84 -8.87 -23.20 -10.27
CA ALA C 84 -7.88 -22.18 -10.67
C ALA C 84 -6.54 -22.35 -9.96
N ARG C 85 -6.61 -22.67 -8.67
CA ARG C 85 -5.42 -22.92 -7.87
C ARG C 85 -4.62 -24.10 -8.41
N GLU C 86 -5.32 -25.14 -8.82
CA GLU C 86 -4.68 -26.34 -9.36
C GLU C 86 -4.18 -26.13 -10.78
N ASP C 87 -4.94 -25.38 -11.59
CA ASP C 87 -4.55 -25.10 -12.98
C ASP C 87 -3.30 -24.22 -13.06
N PHE C 88 -3.28 -23.16 -12.28
CA PHE C 88 -2.09 -22.32 -12.18
C PHE C 88 -0.87 -23.12 -11.70
N ALA C 89 -1.09 -23.99 -10.71
CA ALA C 89 -0.04 -24.87 -10.21
C ALA C 89 0.51 -25.78 -11.32
N ALA C 90 -0.39 -26.48 -12.01
CA ALA C 90 0.00 -27.42 -13.07
C ALA C 90 0.61 -26.71 -14.29
N SER C 91 0.10 -25.53 -14.62
CA SER C 91 0.66 -24.72 -15.70
C SER C 91 2.06 -24.23 -15.34
N VAL C 92 2.25 -23.82 -14.10
CA VAL C 92 3.55 -23.36 -13.60
C VAL C 92 4.60 -24.46 -13.66
N ARG C 93 4.15 -25.71 -13.54
CA ARG C 93 5.06 -26.87 -13.62
C ARG C 93 5.56 -27.14 -15.03
N LYS C 94 4.79 -26.72 -16.04
CA LYS C 94 5.20 -26.89 -17.44
C LYS C 94 5.94 -25.66 -18.03
N TRP C 95 6.07 -24.59 -17.26
CA TRP C 95 6.82 -23.42 -17.73
C TRP C 95 8.28 -23.56 -17.27
N PRO C 96 9.19 -23.93 -18.19
CA PRO C 96 10.60 -24.13 -17.82
C PRO C 96 11.36 -22.89 -17.34
N GLU C 97 10.89 -21.71 -17.75
CA GLU C 97 11.48 -20.44 -17.30
C GLU C 97 11.12 -20.10 -15.86
N VAL C 98 10.05 -20.72 -15.35
CA VAL C 98 9.67 -20.61 -13.94
C VAL C 98 10.33 -21.75 -13.16
N LEU C 99 11.32 -21.42 -12.32
CA LEU C 99 12.05 -22.45 -11.60
C LEU C 99 11.37 -22.82 -10.28
N SER C 100 10.96 -21.81 -9.53
CA SER C 100 10.23 -22.06 -8.28
C SER C 100 8.94 -21.26 -8.19
N CYS C 101 7.98 -21.81 -7.44
CA CYS C 101 6.71 -21.14 -7.18
C CYS C 101 6.24 -21.54 -5.80
N PHE C 102 6.03 -20.54 -4.95
CA PHE C 102 5.61 -20.77 -3.56
C PHE C 102 4.33 -20.01 -3.29
N ALA C 103 3.52 -20.56 -2.39
CA ALA C 103 2.38 -19.86 -1.82
C ALA C 103 2.89 -19.19 -0.55
N LEU C 104 2.95 -17.85 -0.57
CA LEU C 104 3.45 -17.09 0.58
C LEU C 104 2.32 -16.51 1.40
N THR C 105 2.67 -16.16 2.64
CA THR C 105 1.78 -15.36 3.47
C THR C 105 1.95 -13.92 3.00
N GLY C 106 1.03 -13.04 3.42
CA GLY C 106 1.15 -11.60 3.16
C GLY C 106 0.21 -11.12 2.08
N GLU C 107 0.52 -9.97 1.51
CA GLU C 107 -0.35 -9.36 0.50
C GLU C 107 -0.52 -10.28 -0.70
N THR C 108 0.60 -10.81 -1.21
CA THR C 108 0.59 -11.65 -2.41
C THR C 108 0.43 -13.12 -2.05
N ASP C 109 -0.20 -13.84 -2.97
CA ASP C 109 -0.63 -15.21 -2.73
C ASP C 109 0.39 -16.24 -3.26
N TYR C 110 0.99 -15.96 -4.40
CA TYR C 110 2.10 -16.77 -4.95
C TYR C 110 3.30 -15.90 -5.23
N LEU C 111 4.50 -16.49 -5.08
CA LEU C 111 5.73 -15.82 -5.49
C LEU C 111 6.48 -16.74 -6.41
N LEU C 112 6.92 -16.20 -7.55
CA LEU C 112 7.59 -16.98 -8.58
C LEU C 112 9.01 -16.49 -8.79
N GLN C 113 9.94 -17.43 -8.92
CA GLN C 113 11.30 -17.11 -9.29
C GLN C 113 11.51 -17.60 -10.73
N ALA C 114 11.85 -16.69 -11.64
CA ALA C 114 12.01 -17.03 -13.06
C ALA C 114 13.20 -16.34 -13.70
N PHE C 115 13.69 -16.91 -14.81
CA PHE C 115 14.85 -16.38 -15.54
C PHE C 115 14.49 -16.11 -17.01
N PHE C 116 15.15 -15.12 -17.60
CA PHE C 116 14.87 -14.69 -18.98
C PHE C 116 16.13 -14.14 -19.64
N THR C 117 16.17 -14.16 -20.98
CA THR C 117 17.31 -13.65 -21.72
C THR C 117 17.40 -12.12 -21.63
N ASP C 118 16.28 -11.46 -21.85
CA ASP C 118 16.22 -10.01 -21.77
C ASP C 118 14.77 -9.54 -21.50
N MSE C 119 14.63 -8.28 -21.11
CA MSE C 119 13.33 -7.69 -20.80
C MSE C 119 12.27 -7.97 -21.89
O MSE C 119 11.08 -8.09 -21.59
CB MSE C 119 13.49 -6.19 -20.53
CG MSE C 119 12.26 -5.49 -19.96
SE MSE C 119 11.50 -6.37 -18.41
CE MSE C 119 13.11 -6.53 -17.34
N ASN C 120 12.72 -8.08 -23.13
CA ASN C 120 11.81 -8.38 -24.24
C ASN C 120 11.28 -9.81 -24.14
N ALA C 121 12.15 -10.75 -23.78
CA ALA C 121 11.75 -12.12 -23.50
C ALA C 121 10.77 -12.18 -22.32
N PHE C 122 10.93 -11.28 -21.37
CA PHE C 122 10.04 -11.24 -20.21
C PHE C 122 8.64 -10.77 -20.56
N SER C 123 8.56 -9.72 -21.37
CA SER C 123 7.25 -9.17 -21.76
C SER C 123 6.41 -10.20 -22.48
N HIS C 124 7.01 -10.90 -23.45
CA HIS C 124 6.29 -11.95 -24.15
C HIS C 124 5.74 -12.92 -23.12
N PHE C 125 6.54 -13.31 -22.13
CA PHE C 125 6.08 -14.26 -21.12
C PHE C 125 4.95 -13.70 -20.27
N VAL C 126 5.15 -12.53 -19.67
CA VAL C 126 4.12 -11.94 -18.81
C VAL C 126 2.84 -11.71 -19.62
N LEU C 127 2.98 -11.14 -20.81
CA LEU C 127 1.83 -10.68 -21.61
C LEU C 127 1.06 -11.77 -22.37
N ASP C 128 1.73 -12.86 -22.73
CA ASP C 128 1.13 -13.92 -23.55
C ASP C 128 1.00 -15.27 -22.84
N THR C 129 1.56 -15.40 -21.64
CA THR C 129 1.42 -16.65 -20.86
C THR C 129 0.85 -16.40 -19.46
N LEU C 130 1.58 -15.65 -18.64
CA LEU C 130 1.22 -15.47 -17.23
C LEU C 130 -0.14 -14.79 -17.06
N LEU C 131 -0.30 -13.62 -17.69
CA LEU C 131 -1.53 -12.85 -17.53
C LEU C 131 -2.69 -13.40 -18.35
N SER C 132 -2.41 -14.18 -19.40
CA SER C 132 -3.46 -14.73 -20.28
C SER C 132 -3.98 -16.11 -19.81
N HIS C 133 -3.40 -16.63 -18.73
CA HIS C 133 -3.84 -17.87 -18.12
C HIS C 133 -5.13 -17.60 -17.36
N HIS C 134 -6.20 -18.29 -17.73
CA HIS C 134 -7.55 -18.09 -17.14
C HIS C 134 -7.61 -17.87 -15.62
N GLY C 135 -6.70 -18.50 -14.87
CA GLY C 135 -6.66 -18.39 -13.41
C GLY C 135 -6.04 -17.12 -12.85
N VAL C 136 -5.06 -16.54 -13.56
CA VAL C 136 -4.26 -15.44 -13.02
C VAL C 136 -4.98 -14.08 -13.01
N GLN C 137 -5.36 -13.64 -11.81
CA GLN C 137 -6.05 -12.36 -11.60
C GLN C 137 -5.17 -11.14 -11.90
N ASP C 138 -3.91 -11.16 -11.48
CA ASP C 138 -2.99 -10.05 -11.68
C ASP C 138 -1.55 -10.46 -11.37
N ALA C 139 -0.59 -9.59 -11.67
CA ALA C 139 0.83 -9.86 -11.42
C ALA C 139 1.64 -8.60 -11.09
N GLN C 140 2.76 -8.79 -10.41
CA GLN C 140 3.61 -7.69 -9.94
C GLN C 140 5.07 -8.17 -9.92
N SER C 141 5.84 -7.76 -10.94
CA SER C 141 7.16 -8.34 -11.19
C SER C 141 8.31 -7.42 -10.78
N SER C 142 9.28 -7.99 -10.06
CA SER C 142 10.47 -7.24 -9.60
C SER C 142 11.73 -7.99 -10.04
N PHE C 143 12.76 -7.25 -10.41
CA PHE C 143 13.95 -7.86 -11.01
C PHE C 143 15.21 -7.72 -10.15
N VAL C 144 16.11 -8.69 -10.28
CA VAL C 144 17.32 -8.77 -9.48
C VAL C 144 18.45 -7.91 -10.06
N LEU C 145 18.83 -6.87 -9.32
CA LEU C 145 19.86 -5.92 -9.73
C LEU C 145 21.25 -6.38 -9.30
N LYS C 146 21.32 -7.28 -8.32
CA LYS C 146 22.61 -7.76 -7.78
C LYS C 146 22.43 -8.98 -6.87
N GLU C 147 23.23 -10.01 -7.09
CA GLU C 147 23.20 -11.18 -6.23
C GLU C 147 24.21 -10.98 -5.10
N ILE C 148 23.70 -10.59 -3.93
CA ILE C 148 24.53 -10.36 -2.75
C ILE C 148 24.97 -11.69 -2.17
N LYS C 149 24.07 -12.68 -2.21
CA LYS C 149 24.38 -14.04 -1.81
C LYS C 149 23.37 -14.97 -2.48
N HIS C 150 23.84 -16.18 -2.80
CA HIS C 150 22.94 -17.26 -3.22
C HIS C 150 23.64 -18.59 -3.00
N THR C 151 22.95 -19.50 -2.33
CA THR C 151 23.49 -20.82 -2.06
C THR C 151 22.33 -21.81 -1.94
N THR C 152 22.59 -23.05 -2.29
CA THR C 152 21.60 -24.10 -2.13
C THR C 152 21.80 -24.84 -0.79
N SER C 153 22.90 -24.55 -0.10
CA SER C 153 23.22 -25.19 1.18
C SER C 153 22.32 -24.71 2.31
N LEU C 154 21.59 -25.66 2.90
CA LEU C 154 20.79 -25.40 4.11
C LEU C 154 21.72 -25.29 5.32
N PRO C 155 21.25 -24.62 6.40
CA PRO C 155 21.91 -24.69 7.69
C PRO C 155 21.57 -25.99 8.43
N LEU C 156 22.53 -26.56 9.12
CA LEU C 156 22.32 -27.81 9.83
C LEU C 156 22.94 -27.85 11.24
N ASN C 157 23.41 -26.70 11.73
CA ASN C 157 23.99 -26.60 13.07
C ASN C 157 22.98 -26.99 14.15
N HIS C 158 21.72 -26.61 13.92
CA HIS C 158 20.63 -26.90 14.85
C HIS C 158 20.49 -28.39 15.18
N LEU C 159 20.87 -29.25 14.24
CA LEU C 159 20.84 -30.70 14.44
C LEU C 159 21.96 -31.16 15.39
N LEU C 160 22.92 -30.28 15.65
CA LEU C 160 24.00 -30.55 16.61
C LEU C 160 23.63 -29.98 17.99
N GLN D 5 27.78 -15.36 -23.59
CA GLN D 5 27.52 -14.61 -24.86
C GLN D 5 27.88 -15.47 -26.08
N LEU D 6 27.11 -16.54 -26.26
CA LEU D 6 27.33 -17.49 -27.36
C LEU D 6 26.24 -18.59 -27.35
N THR D 7 26.28 -19.51 -28.32
CA THR D 7 25.33 -20.62 -28.37
C THR D 7 25.95 -21.93 -28.87
N LEU D 8 25.62 -23.02 -28.17
CA LEU D 8 26.34 -24.30 -28.29
C LEU D 8 25.55 -25.39 -29.00
N ASP D 9 26.22 -26.49 -29.33
CA ASP D 9 25.67 -27.58 -30.14
C ASP D 9 24.42 -28.18 -29.49
N LYS D 10 23.54 -28.73 -30.31
CA LYS D 10 22.24 -29.28 -29.86
C LYS D 10 22.39 -30.26 -28.70
N THR D 11 23.30 -31.21 -28.82
CA THR D 11 23.54 -32.19 -27.77
C THR D 11 24.46 -31.64 -26.67
N ASP D 12 25.22 -30.61 -27.00
CA ASP D 12 26.02 -29.91 -25.99
C ASP D 12 25.10 -29.30 -24.92
N ILE D 13 23.92 -28.86 -25.33
CA ILE D 13 22.88 -28.43 -24.40
C ILE D 13 22.40 -29.59 -23.53
N LYS D 14 22.18 -30.75 -24.15
CA LYS D 14 21.75 -31.94 -23.41
C LYS D 14 22.67 -32.24 -22.22
N ILE D 15 23.98 -32.12 -22.45
CA ILE D 15 24.98 -32.32 -21.40
C ILE D 15 24.64 -31.50 -20.16
N LEU D 16 24.22 -30.26 -20.39
CA LEU D 16 23.80 -29.39 -19.29
C LEU D 16 22.42 -29.79 -18.77
N GLN D 17 21.51 -30.10 -19.68
CA GLN D 17 20.15 -30.50 -19.28
C GLN D 17 20.15 -31.74 -18.40
N VAL D 18 20.99 -32.71 -18.75
CA VAL D 18 21.06 -33.97 -18.00
C VAL D 18 21.70 -33.74 -16.63
N LEU D 19 22.85 -33.06 -16.62
CA LEU D 19 23.61 -32.80 -15.38
C LEU D 19 22.85 -31.96 -14.34
N GLN D 20 22.05 -31.00 -14.79
CA GLN D 20 21.24 -30.20 -13.86
C GLN D 20 20.25 -31.08 -13.07
N GLU D 21 19.72 -32.12 -13.71
CA GLU D 21 18.73 -33.00 -13.09
C GLU D 21 19.39 -34.12 -12.29
N ASN D 22 20.38 -34.78 -12.90
CA ASN D 22 21.15 -35.84 -12.24
C ASN D 22 22.63 -35.43 -12.24
N GLY D 23 23.01 -34.65 -11.25
CA GLY D 23 24.32 -33.99 -11.21
C GLY D 23 25.52 -34.85 -10.87
N ARG D 24 25.30 -35.99 -10.22
CA ARG D 24 26.40 -36.89 -9.85
C ARG D 24 26.54 -38.09 -10.81
N LEU D 25 26.00 -37.94 -12.02
CA LEU D 25 26.05 -39.00 -13.04
C LEU D 25 27.48 -39.34 -13.44
N THR D 26 27.69 -40.60 -13.82
CA THR D 26 28.98 -41.04 -14.32
C THR D 26 29.06 -40.72 -15.81
N ASN D 27 30.24 -40.32 -16.28
CA ASN D 27 30.41 -39.94 -17.69
C ASN D 27 29.91 -41.04 -18.61
N VAL D 28 30.05 -42.29 -18.16
CA VAL D 28 29.49 -43.42 -18.89
C VAL D 28 27.97 -43.27 -18.96
N GLU D 29 27.34 -43.07 -17.80
CA GLU D 29 25.88 -42.88 -17.72
C GLU D 29 25.43 -41.59 -18.43
N LEU D 30 26.29 -40.57 -18.44
CA LEU D 30 26.01 -39.31 -19.13
C LEU D 30 26.04 -39.52 -20.63
N SER D 31 27.11 -40.14 -21.12
CA SER D 31 27.25 -40.46 -22.53
C SER D 31 26.13 -41.35 -23.07
N GLU D 32 25.40 -42.02 -22.18
CA GLU D 32 24.23 -42.84 -22.54
C GLU D 32 22.91 -42.06 -22.56
N ARG D 33 22.91 -40.87 -21.95
CA ARG D 33 21.72 -40.00 -21.93
C ARG D 33 21.79 -38.87 -22.95
N VAL D 34 22.93 -38.73 -23.63
CA VAL D 34 23.10 -37.70 -24.65
C VAL D 34 23.48 -38.26 -26.04
N ALA D 35 23.61 -39.58 -26.14
CA ALA D 35 24.01 -40.27 -27.38
C ALA D 35 25.42 -39.87 -27.85
N LEU D 36 26.28 -39.53 -26.90
CA LEU D 36 27.63 -39.05 -27.21
C LEU D 36 28.61 -40.21 -27.11
N SER D 37 29.68 -40.12 -27.88
CA SER D 37 30.75 -41.11 -27.81
C SER D 37 31.32 -41.15 -26.38
N PRO D 38 31.69 -42.35 -25.90
CA PRO D 38 32.12 -42.56 -24.49
C PRO D 38 33.02 -41.47 -23.88
N SER D 39 34.29 -41.39 -24.31
CA SER D 39 35.26 -40.47 -23.72
C SER D 39 35.10 -39.00 -24.17
N PRO D 40 34.74 -38.77 -25.46
CA PRO D 40 34.38 -37.41 -25.91
C PRO D 40 33.21 -36.72 -25.16
N CYS D 41 32.47 -37.46 -24.35
CA CYS D 41 31.47 -36.86 -23.44
C CYS D 41 32.17 -36.15 -22.27
N LEU D 42 33.30 -36.69 -21.84
CA LEU D 42 34.13 -36.08 -20.80
C LEU D 42 34.89 -34.87 -21.37
N ARG D 43 35.18 -34.93 -22.67
CA ARG D 43 35.78 -33.81 -23.38
C ARG D 43 34.85 -32.59 -23.35
N ARG D 44 33.55 -32.80 -23.55
CA ARG D 44 32.59 -31.70 -23.64
C ARG D 44 32.41 -30.98 -22.30
N LEU D 45 32.28 -31.74 -21.21
CA LEU D 45 32.32 -31.16 -19.85
C LEU D 45 33.64 -30.42 -19.63
N LYS D 46 34.72 -30.99 -20.15
CA LYS D 46 36.04 -30.38 -20.15
C LYS D 46 36.04 -29.04 -20.92
N GLN D 47 34.93 -28.72 -21.60
CA GLN D 47 34.77 -27.41 -22.24
C GLN D 47 33.74 -26.54 -21.52
N LEU D 48 32.74 -27.15 -20.89
CA LEU D 48 31.67 -26.41 -20.24
C LEU D 48 32.10 -25.93 -18.86
N GLU D 49 32.36 -26.88 -17.97
CA GLU D 49 32.81 -26.55 -16.62
C GLU D 49 34.11 -25.78 -16.75
N ASP D 50 34.92 -26.21 -17.71
CA ASP D 50 36.16 -25.53 -18.06
C ASP D 50 35.81 -24.40 -19.01
N ALA D 51 35.04 -23.44 -18.48
CA ALA D 51 34.61 -22.25 -19.19
C ALA D 51 34.00 -21.28 -18.19
N GLY D 52 32.98 -21.75 -17.47
CA GLY D 52 32.22 -20.94 -16.52
C GLY D 52 30.75 -21.30 -16.42
N ILE D 53 30.26 -22.14 -17.33
CA ILE D 53 28.85 -22.52 -17.39
C ILE D 53 28.43 -23.24 -16.11
N VAL D 54 29.07 -24.36 -15.84
CA VAL D 54 28.84 -25.06 -14.58
C VAL D 54 29.66 -24.34 -13.52
N ARG D 55 28.97 -23.72 -12.56
CA ARG D 55 29.66 -23.07 -11.44
C ARG D 55 29.93 -24.05 -10.31
N GLN D 56 28.94 -24.86 -9.93
CA GLN D 56 29.19 -25.88 -8.91
C GLN D 56 28.23 -27.06 -8.98
N TYR D 57 28.73 -28.21 -8.50
CA TYR D 57 27.94 -29.41 -8.34
C TYR D 57 27.60 -29.51 -6.86
N ALA D 58 26.31 -29.66 -6.53
CA ALA D 58 25.85 -29.60 -5.14
C ALA D 58 24.74 -30.61 -4.80
N ALA D 59 24.71 -31.00 -3.52
CA ALA D 59 23.71 -31.92 -2.99
C ALA D 59 22.52 -31.12 -2.50
N LEU D 60 21.36 -31.34 -3.10
CA LEU D 60 20.15 -30.64 -2.71
C LEU D 60 19.37 -31.47 -1.67
N LEU D 61 19.12 -30.89 -0.51
CA LEU D 61 18.50 -31.62 0.59
C LEU D 61 17.03 -31.25 0.81
N SER D 62 16.31 -32.11 1.53
CA SER D 62 14.91 -31.86 1.89
C SER D 62 14.85 -31.08 3.20
N PRO D 63 14.32 -29.84 3.16
CA PRO D 63 14.23 -28.99 4.37
C PRO D 63 13.50 -29.67 5.54
N GLU D 64 12.33 -30.24 5.28
CA GLU D 64 11.59 -30.95 6.30
C GLU D 64 12.39 -32.09 6.92
N SER D 65 13.16 -32.80 6.10
CA SER D 65 13.91 -33.98 6.57
C SER D 65 14.99 -33.62 7.59
N VAL D 66 15.54 -32.42 7.48
CA VAL D 66 16.59 -31.95 8.39
C VAL D 66 16.05 -30.95 9.42
N ASN D 67 14.74 -31.00 9.64
CA ASN D 67 14.02 -30.24 10.67
C ASN D 67 13.69 -28.79 10.29
N LEU D 68 14.27 -28.31 9.19
CA LEU D 68 14.00 -26.95 8.73
C LEU D 68 12.60 -26.81 8.15
N GLY D 69 11.61 -26.74 9.04
CA GLY D 69 10.21 -26.74 8.63
C GLY D 69 9.68 -25.42 8.09
N LEU D 70 10.36 -24.31 8.40
CA LEU D 70 9.86 -22.96 8.12
C LEU D 70 10.80 -22.18 7.20
N GLN D 71 10.31 -21.85 6.01
CA GLN D 71 11.11 -21.18 4.98
C GLN D 71 10.57 -19.77 4.73
N ALA D 72 11.33 -18.77 5.17
CA ALA D 72 10.89 -17.37 5.16
C ALA D 72 11.45 -16.62 3.96
N PHE D 73 10.63 -15.71 3.45
CA PHE D 73 11.06 -14.74 2.47
C PHE D 73 10.93 -13.36 3.11
N ILE D 74 12.08 -12.75 3.40
CA ILE D 74 12.16 -11.51 4.18
C ILE D 74 12.54 -10.34 3.29
N ARG D 75 11.71 -9.30 3.31
CA ARG D 75 11.91 -8.09 2.53
C ARG D 75 12.53 -7.03 3.42
N VAL D 76 13.79 -6.73 3.16
CA VAL D 76 14.61 -5.89 4.02
C VAL D 76 14.99 -4.61 3.29
N SER D 77 14.82 -3.47 3.95
CA SER D 77 15.26 -2.19 3.42
C SER D 77 16.46 -1.77 4.24
N ILE D 78 17.37 -1.03 3.62
CA ILE D 78 18.65 -0.69 4.23
C ILE D 78 18.76 0.80 4.55
N ARG D 79 19.41 1.11 5.67
CA ARG D 79 19.68 2.49 6.11
C ARG D 79 20.61 3.17 5.12
N LYS D 80 20.33 4.42 4.76
CA LYS D 80 21.19 5.14 3.80
C LYS D 80 22.25 5.95 4.54
N ALA D 81 23.14 5.24 5.22
CA ALA D 81 24.33 5.82 5.82
C ALA D 81 25.53 5.33 5.01
N LYS D 82 26.69 5.92 5.27
CA LYS D 82 27.92 5.57 4.55
C LYS D 82 28.18 4.07 4.63
N ASP D 83 28.61 3.50 3.50
CA ASP D 83 28.78 2.04 3.33
C ASP D 83 28.02 1.16 4.34
N ALA D 84 26.70 1.32 4.39
CA ALA D 84 25.81 0.43 5.15
C ALA D 84 25.38 -0.75 4.29
N ARG D 85 25.55 -0.59 2.98
CA ARG D 85 25.16 -1.58 1.98
C ARG D 85 26.12 -2.76 1.97
N GLU D 86 27.42 -2.48 2.09
CA GLU D 86 28.44 -3.53 2.11
C GLU D 86 28.43 -4.23 3.47
N ASP D 87 28.09 -3.48 4.51
CA ASP D 87 28.01 -4.03 5.87
C ASP D 87 26.94 -5.10 5.91
N PHE D 88 25.79 -4.77 5.35
CA PHE D 88 24.67 -5.71 5.29
C PHE D 88 25.09 -6.92 4.49
N ALA D 89 25.59 -6.69 3.28
CA ALA D 89 26.08 -7.75 2.41
C ALA D 89 27.07 -8.64 3.16
N ALA D 90 28.08 -8.01 3.77
CA ALA D 90 29.11 -8.70 4.55
C ALA D 90 28.54 -9.61 5.64
N SER D 91 27.38 -9.24 6.19
CA SER D 91 26.75 -10.00 7.26
C SER D 91 25.84 -11.11 6.74
N VAL D 92 25.06 -10.84 5.69
CA VAL D 92 24.18 -11.87 5.13
C VAL D 92 25.02 -13.05 4.59
N ARG D 93 26.21 -12.75 4.11
CA ARG D 93 27.17 -13.77 3.72
C ARG D 93 27.53 -14.71 4.88
N LYS D 94 27.64 -14.14 6.08
CA LYS D 94 27.98 -14.90 7.29
C LYS D 94 26.80 -15.64 7.94
N TRP D 95 25.57 -15.19 7.73
CA TRP D 95 24.40 -15.86 8.32
C TRP D 95 24.04 -17.14 7.54
N PRO D 96 24.25 -18.32 8.15
CA PRO D 96 24.03 -19.59 7.43
C PRO D 96 22.58 -19.81 7.04
N GLU D 97 21.68 -19.40 7.92
CA GLU D 97 20.24 -19.57 7.71
C GLU D 97 19.72 -18.82 6.49
N VAL D 98 20.35 -17.71 6.16
CA VAL D 98 20.01 -16.95 4.94
C VAL D 98 20.73 -17.57 3.74
N LEU D 99 19.98 -18.28 2.90
CA LEU D 99 20.54 -18.95 1.72
C LEU D 99 20.88 -18.00 0.58
N SER D 100 19.94 -17.12 0.23
CA SER D 100 20.15 -16.18 -0.88
C SER D 100 19.66 -14.77 -0.57
N CYS D 101 20.29 -13.79 -1.23
CA CYS D 101 20.01 -12.38 -0.99
C CYS D 101 20.15 -11.58 -2.28
N PHE D 102 19.10 -10.84 -2.62
CA PHE D 102 19.06 -10.13 -3.88
C PHE D 102 18.67 -8.69 -3.66
N ALA D 103 19.28 -7.80 -4.44
CA ALA D 103 18.90 -6.40 -4.49
C ALA D 103 17.82 -6.29 -5.55
N LEU D 104 16.56 -6.25 -5.12
CA LEU D 104 15.43 -6.20 -6.04
C LEU D 104 15.11 -4.78 -6.42
N THR D 105 14.27 -4.67 -7.45
CA THR D 105 13.67 -3.41 -7.82
C THR D 105 12.33 -3.41 -7.15
N GLY D 106 11.69 -2.24 -7.10
CA GLY D 106 10.35 -2.12 -6.52
C GLY D 106 10.35 -1.56 -5.11
N GLU D 107 9.29 -1.86 -4.37
CA GLU D 107 9.04 -1.29 -3.04
C GLU D 107 10.18 -1.59 -2.07
N THR D 108 10.58 -2.85 -1.99
CA THR D 108 11.65 -3.29 -1.07
C THR D 108 13.00 -3.35 -1.77
N ASP D 109 14.06 -3.07 -1.01
CA ASP D 109 15.42 -2.98 -1.54
C ASP D 109 16.10 -4.35 -1.65
N TYR D 110 15.95 -5.19 -0.62
CA TYR D 110 16.56 -6.51 -0.56
C TYR D 110 15.55 -7.59 -0.26
N LEU D 111 15.77 -8.76 -0.86
CA LEU D 111 14.95 -9.92 -0.59
C LEU D 111 15.88 -11.02 -0.08
N LEU D 112 15.51 -11.64 1.04
CA LEU D 112 16.27 -12.73 1.64
C LEU D 112 15.46 -14.00 1.62
N GLN D 113 16.08 -15.11 1.26
CA GLN D 113 15.43 -16.43 1.33
C GLN D 113 16.08 -17.29 2.39
N ALA D 114 15.38 -17.54 3.49
CA ALA D 114 16.00 -18.18 4.66
C ALA D 114 15.25 -19.42 5.07
N PHE D 115 15.89 -20.25 5.88
CA PHE D 115 15.27 -21.45 6.44
C PHE D 115 15.44 -21.50 7.95
N PHE D 116 14.41 -22.00 8.64
CA PHE D 116 14.42 -22.13 10.11
C PHE D 116 13.69 -23.39 10.55
N THR D 117 13.93 -23.81 11.80
CA THR D 117 13.27 -25.00 12.34
C THR D 117 11.79 -24.76 12.56
N ASP D 118 11.51 -23.70 13.32
CA ASP D 118 10.14 -23.30 13.64
C ASP D 118 10.09 -21.78 13.79
N MSE D 119 8.93 -21.25 14.17
CA MSE D 119 8.75 -19.78 14.30
C MSE D 119 9.61 -19.19 15.42
O MSE D 119 10.15 -18.09 15.26
CB MSE D 119 7.26 -19.46 14.49
CG MSE D 119 6.88 -17.99 14.33
SE MSE D 119 7.40 -17.14 12.65
CE MSE D 119 6.56 -15.43 12.93
N ASN D 120 9.80 -19.91 16.52
CA ASN D 120 10.65 -19.41 17.60
C ASN D 120 12.07 -19.15 17.10
N ALA D 121 12.57 -20.04 16.27
CA ALA D 121 13.89 -19.86 15.66
C ALA D 121 13.91 -18.58 14.84
N PHE D 122 12.82 -18.30 14.15
CA PHE D 122 12.75 -17.10 13.34
C PHE D 122 12.71 -15.82 14.17
N SER D 123 12.05 -15.89 15.33
CA SER D 123 11.94 -14.71 16.18
C SER D 123 13.31 -14.26 16.67
N HIS D 124 14.08 -15.20 17.21
CA HIS D 124 15.42 -14.92 17.69
C HIS D 124 16.32 -14.34 16.60
N PHE D 125 16.21 -14.89 15.38
CA PHE D 125 16.99 -14.37 14.26
C PHE D 125 16.58 -12.95 13.89
N VAL D 126 15.28 -12.73 13.79
CA VAL D 126 14.74 -11.46 13.34
C VAL D 126 15.02 -10.37 14.36
N LEU D 127 14.64 -10.61 15.60
CA LEU D 127 14.80 -9.61 16.66
C LEU D 127 16.25 -9.35 17.02
N ASP D 128 16.99 -10.42 17.33
CA ASP D 128 18.35 -10.29 17.89
C ASP D 128 19.47 -10.18 16.85
N THR D 129 19.21 -10.54 15.59
CA THR D 129 20.25 -10.51 14.55
C THR D 129 19.94 -9.56 13.40
N LEU D 130 18.81 -9.77 12.74
CA LEU D 130 18.48 -8.97 11.55
C LEU D 130 18.21 -7.51 11.90
N LEU D 131 17.16 -7.25 12.67
CA LEU D 131 16.73 -5.88 12.94
C LEU D 131 17.70 -5.14 13.86
N SER D 132 18.54 -5.87 14.58
CA SER D 132 19.52 -5.28 15.49
C SER D 132 20.83 -4.93 14.77
N HIS D 133 20.90 -5.25 13.48
CA HIS D 133 22.05 -4.92 12.63
C HIS D 133 21.97 -3.46 12.21
N HIS D 134 23.07 -2.72 12.39
CA HIS D 134 23.12 -1.26 12.19
C HIS D 134 22.63 -0.72 10.83
N GLY D 135 22.69 -1.54 9.79
CA GLY D 135 22.26 -1.13 8.45
C GLY D 135 20.79 -1.35 8.14
N VAL D 136 20.15 -2.24 8.89
CA VAL D 136 18.78 -2.66 8.57
C VAL D 136 17.75 -1.67 9.13
N GLN D 137 17.08 -0.94 8.24
CA GLN D 137 16.05 0.02 8.64
C GLN D 137 14.73 -0.67 9.03
N ASP D 138 14.28 -1.61 8.20
CA ASP D 138 13.00 -2.29 8.38
C ASP D 138 13.12 -3.67 7.77
N ALA D 139 12.31 -4.61 8.27
CA ALA D 139 12.18 -5.95 7.68
C ALA D 139 10.71 -6.31 7.55
N GLN D 140 10.39 -7.16 6.58
CA GLN D 140 9.00 -7.53 6.31
C GLN D 140 8.96 -8.97 5.85
N SER D 141 8.53 -9.86 6.72
CA SER D 141 8.76 -11.28 6.56
C SER D 141 7.50 -12.03 6.20
N SER D 142 7.61 -12.84 5.15
CA SER D 142 6.52 -13.66 4.65
C SER D 142 7.01 -15.08 4.58
N PHE D 143 6.13 -16.04 4.87
CA PHE D 143 6.49 -17.46 4.91
C PHE D 143 5.77 -18.27 3.84
N VAL D 144 6.40 -19.38 3.44
CA VAL D 144 5.84 -20.30 2.45
C VAL D 144 4.85 -21.27 3.07
N LEU D 145 3.67 -21.38 2.49
CA LEU D 145 2.66 -22.32 2.98
C LEU D 145 2.69 -23.64 2.20
N LYS D 146 3.15 -23.60 0.96
CA LYS D 146 3.16 -24.78 0.10
C LYS D 146 4.12 -24.56 -1.06
N GLU D 147 4.98 -25.54 -1.34
CA GLU D 147 5.97 -25.43 -2.42
C GLU D 147 5.42 -26.01 -3.71
N ILE D 148 4.72 -25.18 -4.49
CA ILE D 148 4.12 -25.61 -5.76
C ILE D 148 5.17 -26.17 -6.70
N LYS D 149 6.28 -25.46 -6.82
CA LYS D 149 7.36 -25.89 -7.69
C LYS D 149 8.70 -25.40 -7.15
N HIS D 150 9.74 -26.19 -7.35
CA HIS D 150 11.10 -25.81 -7.00
C HIS D 150 12.13 -26.70 -7.72
N THR D 151 12.77 -26.14 -8.73
CA THR D 151 13.86 -26.80 -9.42
C THR D 151 15.04 -25.84 -9.48
N THR D 152 16.25 -26.37 -9.35
CA THR D 152 17.47 -25.60 -9.60
C THR D 152 17.85 -25.54 -11.08
N SER D 153 17.02 -26.15 -11.94
CA SER D 153 17.32 -26.30 -13.38
C SER D 153 16.86 -25.10 -14.21
N LEU D 154 17.78 -24.48 -14.92
CA LEU D 154 17.50 -23.34 -15.81
C LEU D 154 16.94 -23.80 -17.17
N PRO D 155 16.18 -22.93 -17.87
CA PRO D 155 15.77 -23.22 -19.25
C PRO D 155 16.92 -23.01 -20.23
N LEU D 156 17.09 -23.92 -21.19
CA LEU D 156 18.23 -23.84 -22.12
C LEU D 156 17.86 -23.91 -23.60
N ASN D 157 16.55 -23.98 -23.90
CA ASN D 157 16.08 -24.04 -25.28
C ASN D 157 16.25 -22.72 -26.03
N HIS D 158 16.51 -21.63 -25.31
CA HIS D 158 16.83 -20.37 -25.97
C HIS D 158 18.16 -20.48 -26.70
N LEU D 159 18.96 -21.49 -26.34
CA LEU D 159 20.24 -21.72 -27.00
C LEU D 159 20.17 -22.58 -28.25
N LEU D 160 19.01 -23.18 -28.55
CA LEU D 160 18.83 -23.92 -29.81
C LEU D 160 18.29 -22.98 -30.90
N GLN E 5 19.01 -4.05 -39.22
CA GLN E 5 20.00 -3.28 -38.43
C GLN E 5 21.14 -2.79 -39.34
N LEU E 6 21.48 -1.50 -39.21
CA LEU E 6 22.54 -0.87 -40.00
C LEU E 6 23.78 -0.64 -39.15
N THR E 7 24.95 -0.96 -39.70
CA THR E 7 26.22 -0.77 -39.03
C THR E 7 26.59 0.73 -38.98
N LEU E 8 26.69 1.28 -37.77
CA LEU E 8 26.91 2.73 -37.55
C LEU E 8 28.37 3.10 -37.36
N ASP E 9 28.70 4.35 -37.67
CA ASP E 9 30.05 4.90 -37.57
C ASP E 9 30.06 6.11 -36.65
N LYS E 10 31.26 6.61 -36.31
CA LYS E 10 31.39 7.80 -35.46
C LYS E 10 30.64 9.02 -36.01
N THR E 11 30.73 9.26 -37.33
CA THR E 11 30.00 10.37 -37.96
C THR E 11 28.49 10.13 -37.92
N ASP E 12 28.07 8.88 -38.11
CA ASP E 12 26.64 8.53 -38.08
C ASP E 12 25.99 8.87 -36.73
N ILE E 13 26.71 8.62 -35.64
CA ILE E 13 26.21 8.94 -34.30
C ILE E 13 26.10 10.44 -34.10
N LYS E 14 27.14 11.19 -34.49
CA LYS E 14 27.16 12.65 -34.36
C LYS E 14 25.96 13.28 -35.08
N ILE E 15 25.62 12.75 -36.25
CA ILE E 15 24.46 13.20 -37.04
C ILE E 15 23.14 13.06 -36.27
N LEU E 16 22.90 11.87 -35.71
CA LEU E 16 21.73 11.64 -34.88
C LEU E 16 21.73 12.63 -33.72
N GLN E 17 22.86 12.67 -33.01
CA GLN E 17 23.04 13.53 -31.84
C GLN E 17 22.79 15.01 -32.14
N VAL E 18 23.10 15.45 -33.36
CA VAL E 18 22.78 16.78 -33.79
C VAL E 18 21.30 16.91 -34.10
N LEU E 19 20.79 15.96 -34.89
CA LEU E 19 19.41 16.02 -35.37
C LEU E 19 18.39 15.96 -34.23
N GLN E 20 18.63 15.12 -33.23
CA GLN E 20 17.72 14.97 -32.10
C GLN E 20 17.43 16.33 -31.44
N GLU E 21 18.45 17.20 -31.39
CA GLU E 21 18.35 18.51 -30.73
C GLU E 21 17.86 19.60 -31.70
N ASN E 22 18.43 19.63 -32.90
CA ASN E 22 17.96 20.51 -33.96
C ASN E 22 17.55 19.71 -35.20
N GLY E 23 16.28 19.31 -35.24
CA GLY E 23 15.77 18.40 -36.26
C GLY E 23 15.29 19.06 -37.55
N ARG E 24 15.38 20.39 -37.63
CA ARG E 24 14.98 21.11 -38.85
C ARG E 24 16.17 21.73 -39.60
N LEU E 25 17.39 21.31 -39.25
CA LEU E 25 18.59 21.82 -39.90
C LEU E 25 18.57 21.49 -41.39
N THR E 26 19.04 22.42 -42.23
CA THR E 26 19.16 22.13 -43.65
C THR E 26 20.35 21.22 -43.85
N ASN E 27 20.28 20.37 -44.87
CA ASN E 27 21.30 19.33 -45.06
C ASN E 27 22.69 19.96 -45.13
N VAL E 28 22.76 21.16 -45.72
CA VAL E 28 23.99 21.96 -45.74
C VAL E 28 24.52 22.14 -44.32
N GLU E 29 23.63 22.54 -43.41
CA GLU E 29 23.99 22.73 -42.01
C GLU E 29 24.36 21.41 -41.32
N LEU E 30 23.52 20.39 -41.45
CA LEU E 30 23.82 19.10 -40.81
C LEU E 30 25.18 18.58 -41.26
N SER E 31 25.49 18.77 -42.54
CA SER E 31 26.76 18.32 -43.11
C SER E 31 27.94 19.02 -42.44
N GLU E 32 27.82 20.32 -42.19
CA GLU E 32 28.92 21.10 -41.61
C GLU E 32 29.10 20.81 -40.11
N ARG E 33 28.02 20.43 -39.42
CA ARG E 33 28.09 20.05 -38.00
C ARG E 33 28.95 18.81 -37.80
N VAL E 34 28.65 17.78 -38.58
CA VAL E 34 29.28 16.46 -38.42
C VAL E 34 30.56 16.30 -39.26
N ALA E 35 31.03 17.39 -39.86
CA ALA E 35 32.27 17.41 -40.64
C ALA E 35 32.19 16.51 -41.87
N LEU E 36 31.18 16.77 -42.71
CA LEU E 36 30.97 16.00 -43.96
C LEU E 36 30.45 16.90 -45.10
N SER E 37 30.48 16.36 -46.32
CA SER E 37 29.89 17.01 -47.48
C SER E 37 28.40 16.70 -47.57
N PRO E 38 27.61 17.56 -48.24
CA PRO E 38 26.20 17.27 -48.40
C PRO E 38 25.91 15.88 -48.98
N SER E 39 26.49 15.55 -50.14
CA SER E 39 26.16 14.28 -50.80
C SER E 39 26.22 13.07 -49.89
N PRO E 40 27.38 12.85 -49.22
CA PRO E 40 27.54 11.74 -48.26
C PRO E 40 26.59 11.82 -47.08
N CYS E 41 26.54 12.99 -46.46
CA CYS E 41 25.64 13.27 -45.35
C CYS E 41 24.19 12.93 -45.70
N LEU E 42 23.76 13.37 -46.87
CA LEU E 42 22.38 13.12 -47.31
C LEU E 42 22.10 11.62 -47.48
N ARG E 43 23.10 10.88 -47.95
CA ARG E 43 23.00 9.43 -48.11
C ARG E 43 22.95 8.74 -46.74
N ARG E 44 23.75 9.24 -45.80
CA ARG E 44 23.71 8.76 -44.41
C ARG E 44 22.33 9.00 -43.78
N LEU E 45 21.95 10.27 -43.69
CA LEU E 45 20.66 10.62 -43.09
C LEU E 45 19.54 9.79 -43.70
N LYS E 46 19.62 9.55 -45.01
CA LYS E 46 18.65 8.71 -45.71
C LYS E 46 18.79 7.23 -45.31
N GLN E 47 20.03 6.74 -45.18
CA GLN E 47 20.26 5.39 -44.71
C GLN E 47 19.74 5.23 -43.27
N LEU E 48 19.94 6.27 -42.46
CA LEU E 48 19.50 6.26 -41.06
C LEU E 48 17.97 6.29 -40.96
N GLU E 49 17.33 6.98 -41.90
CA GLU E 49 15.86 6.94 -41.99
C GLU E 49 15.43 5.56 -42.46
N ASP E 50 15.92 5.15 -43.64
CA ASP E 50 15.66 3.83 -44.23
C ASP E 50 15.71 2.74 -43.18
N ALA E 51 16.82 2.70 -42.45
CA ALA E 51 17.10 1.66 -41.45
C ALA E 51 16.01 1.53 -40.38
N GLY E 52 15.29 2.62 -40.12
CA GLY E 52 14.28 2.65 -39.06
C GLY E 52 14.79 3.36 -37.82
N ILE E 53 16.00 3.91 -37.89
CA ILE E 53 16.65 4.58 -36.75
C ILE E 53 15.85 5.84 -36.42
N VAL E 54 15.76 6.75 -37.38
CA VAL E 54 14.89 7.92 -37.25
C VAL E 54 13.47 7.50 -37.56
N ARG E 55 12.60 7.58 -36.57
CA ARG E 55 11.21 7.15 -36.74
C ARG E 55 10.31 8.29 -37.20
N GLN E 56 10.62 9.50 -36.78
CA GLN E 56 9.98 10.70 -37.33
C GLN E 56 10.66 11.96 -36.88
N TYR E 57 10.44 13.02 -37.65
CA TYR E 57 10.81 14.36 -37.25
C TYR E 57 9.54 15.00 -36.70
N ALA E 58 9.69 15.82 -35.68
CA ALA E 58 8.54 16.33 -34.97
C ALA E 58 8.77 17.75 -34.45
N ALA E 59 7.75 18.58 -34.61
CA ALA E 59 7.72 19.92 -34.02
C ALA E 59 7.19 19.80 -32.60
N LEU E 60 8.04 20.14 -31.63
CA LEU E 60 7.68 20.01 -30.22
C LEU E 60 7.10 21.33 -29.72
N LEU E 61 5.98 21.25 -29.00
CA LEU E 61 5.22 22.43 -28.58
C LEU E 61 5.26 22.64 -27.07
N SER E 62 5.05 23.89 -26.68
CA SER E 62 4.93 24.28 -25.28
C SER E 62 3.50 24.08 -24.76
N PRO E 63 3.28 23.12 -23.85
CA PRO E 63 1.93 22.90 -23.32
C PRO E 63 1.22 24.17 -22.81
N GLU E 64 1.92 25.01 -22.04
CA GLU E 64 1.31 26.23 -21.48
C GLU E 64 1.02 27.29 -22.55
N SER E 65 1.83 27.33 -23.60
CA SER E 65 1.62 28.26 -24.71
C SER E 65 0.30 27.99 -25.44
N VAL E 66 -0.14 26.73 -25.41
CA VAL E 66 -1.38 26.30 -26.07
C VAL E 66 -2.48 25.90 -25.08
N ASN E 67 -2.38 26.45 -23.86
CA ASN E 67 -3.48 26.41 -22.90
C ASN E 67 -3.63 25.07 -22.16
N LEU E 68 -2.78 24.09 -22.46
CA LEU E 68 -2.71 22.85 -21.67
C LEU E 68 -1.79 23.07 -20.47
N GLY E 69 -2.36 23.35 -19.31
CA GLY E 69 -1.56 23.62 -18.12
C GLY E 69 -1.41 22.44 -17.19
N LEU E 70 -2.29 21.46 -17.32
CA LEU E 70 -2.40 20.38 -16.37
C LEU E 70 -1.98 19.09 -17.04
N GLN E 71 -0.86 18.55 -16.56
CA GLN E 71 -0.23 17.36 -17.12
C GLN E 71 -0.43 16.17 -16.18
N ALA E 72 -1.23 15.21 -16.63
CA ALA E 72 -1.60 14.08 -15.80
C ALA E 72 -0.82 12.83 -16.17
N PHE E 73 -0.27 12.16 -15.15
CA PHE E 73 0.26 10.80 -15.28
C PHE E 73 -0.73 9.84 -14.64
N ILE E 74 -1.35 8.99 -15.44
CA ILE E 74 -2.48 8.17 -14.98
C ILE E 74 -2.13 6.69 -14.93
N ARG E 75 -2.24 6.11 -13.73
CA ARG E 75 -2.01 4.69 -13.50
C ARG E 75 -3.33 3.97 -13.64
N VAL E 76 -3.47 3.17 -14.69
CA VAL E 76 -4.71 2.44 -14.98
C VAL E 76 -4.47 0.95 -14.79
N SER E 77 -5.53 0.23 -14.49
CA SER E 77 -5.50 -1.24 -14.46
C SER E 77 -6.75 -1.76 -15.16
N ILE E 78 -6.53 -2.69 -16.10
CA ILE E 78 -7.58 -3.09 -17.02
C ILE E 78 -8.19 -4.41 -16.60
N ARG E 79 -9.48 -4.56 -16.89
CA ARG E 79 -10.25 -5.75 -16.52
C ARG E 79 -9.65 -6.99 -17.16
N LYS E 80 -9.84 -8.13 -16.51
CA LYS E 80 -9.19 -9.37 -16.91
C LYS E 80 -10.08 -10.15 -17.88
N ALA E 81 -9.91 -9.87 -19.16
CA ALA E 81 -10.54 -10.65 -20.24
C ALA E 81 -9.62 -10.60 -21.46
N LYS E 82 -9.75 -11.55 -22.37
CA LYS E 82 -8.85 -11.62 -23.54
C LYS E 82 -9.22 -10.56 -24.60
N ASP E 83 -9.83 -9.47 -24.14
CA ASP E 83 -10.40 -8.44 -25.03
C ASP E 83 -10.21 -7.03 -24.52
N ALA E 84 -10.26 -6.85 -23.20
CA ALA E 84 -10.15 -5.53 -22.56
C ALA E 84 -8.83 -4.87 -22.92
N ARG E 85 -7.80 -5.70 -23.06
CA ARG E 85 -6.44 -5.22 -23.32
C ARG E 85 -6.36 -4.53 -24.68
N GLU E 86 -6.89 -5.19 -25.71
CA GLU E 86 -6.89 -4.62 -27.06
C GLU E 86 -7.92 -3.50 -27.25
N ASP E 87 -9.10 -3.65 -26.65
CA ASP E 87 -10.13 -2.60 -26.69
C ASP E 87 -9.61 -1.29 -26.05
N PHE E 88 -9.03 -1.41 -24.87
CA PHE E 88 -8.47 -0.25 -24.16
C PHE E 88 -7.31 0.37 -24.94
N ALA E 89 -6.39 -0.46 -25.42
CA ALA E 89 -5.31 0.02 -26.27
C ALA E 89 -5.86 0.66 -27.55
N ALA E 90 -6.92 0.09 -28.11
CA ALA E 90 -7.58 0.65 -29.30
C ALA E 90 -8.16 2.04 -29.00
N SER E 91 -8.88 2.16 -27.89
CA SER E 91 -9.46 3.44 -27.48
C SER E 91 -8.38 4.46 -27.12
N VAL E 92 -7.38 4.02 -26.36
CA VAL E 92 -6.27 4.90 -25.95
C VAL E 92 -5.62 5.61 -27.13
N ARG E 93 -5.56 4.92 -28.27
CA ARG E 93 -4.97 5.49 -29.49
C ARG E 93 -5.90 6.48 -30.18
N LYS E 94 -7.18 6.42 -29.84
CA LYS E 94 -8.17 7.33 -30.40
C LYS E 94 -8.28 8.59 -29.54
N TRP E 95 -7.79 8.53 -28.31
CA TRP E 95 -7.85 9.66 -27.40
C TRP E 95 -6.65 10.59 -27.62
N PRO E 96 -6.89 11.78 -28.19
CA PRO E 96 -5.80 12.70 -28.52
C PRO E 96 -5.19 13.41 -27.31
N GLU E 97 -5.95 13.52 -26.23
CA GLU E 97 -5.44 14.16 -25.03
C GLU E 97 -4.50 13.25 -24.26
N VAL E 98 -4.40 11.98 -24.68
CA VAL E 98 -3.41 11.06 -24.14
C VAL E 98 -2.30 10.82 -25.17
N LEU E 99 -1.09 11.17 -24.77
CA LEU E 99 0.06 11.19 -25.67
C LEU E 99 0.84 9.89 -25.62
N SER E 100 0.93 9.27 -24.44
CA SER E 100 1.68 8.02 -24.26
C SER E 100 0.93 7.02 -23.42
N CYS E 101 1.21 5.74 -23.68
CA CYS E 101 0.57 4.64 -22.97
C CYS E 101 1.52 3.44 -22.87
N PHE E 102 1.78 2.99 -21.64
CA PHE E 102 2.79 1.98 -21.40
C PHE E 102 2.25 0.87 -20.51
N ALA E 103 2.37 -0.37 -20.97
CA ALA E 103 2.16 -1.54 -20.12
C ALA E 103 3.40 -1.70 -19.25
N LEU E 104 3.22 -1.64 -17.94
CA LEU E 104 4.34 -1.60 -16.99
C LEU E 104 4.38 -2.78 -16.05
N THR E 105 5.57 -2.99 -15.49
CA THR E 105 5.74 -3.90 -14.37
C THR E 105 5.36 -3.18 -13.07
N GLY E 106 5.16 -3.96 -12.01
CA GLY E 106 4.80 -3.44 -10.71
C GLY E 106 3.31 -3.37 -10.49
N GLU E 107 2.91 -2.66 -9.44
CA GLU E 107 1.51 -2.58 -9.02
C GLU E 107 0.56 -2.15 -10.12
N THR E 108 0.89 -1.10 -10.87
CA THR E 108 0.02 -0.65 -11.96
C THR E 108 0.32 -1.42 -13.23
N ASP E 109 -0.73 -1.73 -13.98
CA ASP E 109 -0.60 -2.53 -15.19
C ASP E 109 -0.38 -1.64 -16.40
N TYR E 110 -1.03 -0.48 -16.43
CA TYR E 110 -0.84 0.50 -17.50
C TYR E 110 -0.54 1.89 -16.94
N LEU E 111 0.30 2.64 -17.66
CA LEU E 111 0.65 4.01 -17.29
C LEU E 111 0.36 4.91 -18.48
N LEU E 112 -0.49 5.91 -18.29
CA LEU E 112 -0.82 6.86 -19.35
C LEU E 112 -0.27 8.26 -19.07
N GLN E 113 0.11 8.95 -20.14
CA GLN E 113 0.58 10.34 -20.07
C GLN E 113 -0.41 11.19 -20.86
N ALA E 114 -1.06 12.14 -20.20
CA ALA E 114 -2.12 12.93 -20.81
C ALA E 114 -2.00 14.42 -20.47
N PHE E 115 -2.55 15.27 -21.33
CA PHE E 115 -2.51 16.73 -21.15
C PHE E 115 -3.90 17.31 -21.28
N PHE E 116 -4.22 18.28 -20.43
CA PHE E 116 -5.55 18.89 -20.40
C PHE E 116 -5.40 20.37 -20.11
N THR E 117 -6.47 21.15 -20.33
CA THR E 117 -6.42 22.60 -20.10
C THR E 117 -6.58 22.99 -18.62
N ASP E 118 -7.49 22.28 -17.94
CA ASP E 118 -7.80 22.53 -16.53
C ASP E 118 -8.26 21.23 -15.85
N MSE E 119 -8.55 21.30 -14.55
CA MSE E 119 -8.91 20.14 -13.75
C MSE E 119 -10.33 19.72 -14.11
O MSE E 119 -10.65 18.53 -14.08
CB MSE E 119 -8.81 20.46 -12.27
CG MSE E 119 -9.04 19.28 -11.35
SE MSE E 119 -7.65 17.92 -11.51
CE MSE E 119 -8.82 16.38 -11.43
N ASN E 120 -11.18 20.69 -14.44
CA ASN E 120 -12.52 20.38 -14.90
C ASN E 120 -12.49 19.57 -16.20
N ALA E 121 -11.49 19.83 -17.04
CA ALA E 121 -11.30 19.09 -18.29
C ALA E 121 -10.95 17.65 -17.98
N PHE E 122 -10.11 17.46 -16.97
CA PHE E 122 -9.71 16.13 -16.56
C PHE E 122 -10.93 15.35 -16.08
N SER E 123 -11.75 16.00 -15.25
CA SER E 123 -12.92 15.36 -14.66
C SER E 123 -13.84 14.73 -15.69
N HIS E 124 -14.05 15.43 -16.80
CA HIS E 124 -14.88 14.93 -17.89
C HIS E 124 -14.18 13.74 -18.57
N PHE E 125 -12.88 13.84 -18.78
CA PHE E 125 -12.13 12.77 -19.43
C PHE E 125 -12.10 11.49 -18.59
N VAL E 126 -11.85 11.64 -17.30
CA VAL E 126 -11.75 10.49 -16.41
C VAL E 126 -13.12 9.86 -16.16
N LEU E 127 -14.09 10.68 -15.75
CA LEU E 127 -15.43 10.20 -15.39
C LEU E 127 -16.21 9.72 -16.60
N ASP E 128 -16.17 10.49 -17.70
CA ASP E 128 -17.03 10.22 -18.87
C ASP E 128 -16.40 9.35 -19.95
N THR E 129 -15.08 9.20 -19.96
CA THR E 129 -14.40 8.46 -21.03
C THR E 129 -13.59 7.30 -20.52
N LEU E 130 -12.67 7.59 -19.61
CA LEU E 130 -11.71 6.59 -19.14
C LEU E 130 -12.36 5.51 -18.28
N LEU E 131 -13.05 5.93 -17.21
CA LEU E 131 -13.57 5.00 -16.21
C LEU E 131 -14.91 4.36 -16.59
N SER E 132 -15.52 4.83 -17.69
CA SER E 132 -16.75 4.24 -18.24
C SER E 132 -16.47 3.29 -19.44
N HIS E 133 -15.20 3.21 -19.84
CA HIS E 133 -14.74 2.25 -20.83
C HIS E 133 -14.78 0.86 -20.18
N HIS E 134 -15.50 -0.07 -20.80
CA HIS E 134 -15.79 -1.39 -20.20
C HIS E 134 -14.54 -2.12 -19.65
N GLY E 135 -13.40 -1.93 -20.31
CA GLY E 135 -12.16 -2.56 -19.91
C GLY E 135 -11.53 -1.97 -18.67
N VAL E 136 -11.69 -0.67 -18.45
CA VAL E 136 -11.04 -0.02 -17.32
C VAL E 136 -11.71 -0.43 -16.01
N GLN E 137 -10.92 -0.96 -15.09
CA GLN E 137 -11.43 -1.40 -13.79
C GLN E 137 -11.17 -0.33 -12.74
N ASP E 138 -9.96 0.23 -12.75
CA ASP E 138 -9.55 1.25 -11.79
C ASP E 138 -8.57 2.24 -12.42
N ALA E 139 -8.58 3.48 -11.91
CA ALA E 139 -7.62 4.49 -12.30
C ALA E 139 -7.07 5.20 -11.07
N GLN E 140 -5.81 5.61 -11.15
CA GLN E 140 -5.18 6.47 -10.16
C GLN E 140 -4.37 7.51 -10.90
N SER E 141 -4.75 8.77 -10.82
CA SER E 141 -4.06 9.80 -11.58
C SER E 141 -3.31 10.82 -10.71
N SER E 142 -2.09 11.15 -11.15
CA SER E 142 -1.25 12.16 -10.51
C SER E 142 -1.11 13.33 -11.47
N PHE E 143 -0.50 14.42 -10.99
CA PHE E 143 -0.29 15.60 -11.81
C PHE E 143 1.12 16.13 -11.63
N VAL E 144 1.69 16.65 -12.71
CA VAL E 144 3.02 17.25 -12.68
C VAL E 144 2.92 18.61 -12.01
N LEU E 145 3.76 18.82 -10.99
CA LEU E 145 3.85 20.09 -10.28
C LEU E 145 4.98 20.96 -10.80
N LYS E 146 5.96 20.36 -11.48
CA LYS E 146 7.17 21.06 -11.86
C LYS E 146 8.01 20.18 -12.77
N GLU E 147 8.29 20.64 -13.99
CA GLU E 147 9.10 19.88 -14.92
C GLU E 147 10.58 20.13 -14.67
N ILE E 148 11.21 19.20 -13.97
CA ILE E 148 12.64 19.30 -13.66
C ILE E 148 13.42 19.12 -14.96
N LYS E 149 13.05 18.11 -15.74
CA LYS E 149 13.72 17.82 -17.01
C LYS E 149 12.75 17.18 -18.00
N HIS E 150 12.94 17.47 -19.27
CA HIS E 150 12.17 16.85 -20.34
C HIS E 150 12.88 17.01 -21.68
N THR E 151 13.58 15.96 -22.09
CA THR E 151 14.16 15.89 -23.43
C THR E 151 13.56 14.71 -24.18
N THR E 152 13.52 14.80 -25.50
CA THR E 152 13.07 13.70 -26.34
C THR E 152 14.28 12.89 -26.82
N SER E 153 15.47 13.36 -26.44
CA SER E 153 16.73 12.91 -26.99
C SER E 153 17.28 11.69 -26.25
N LEU E 154 17.50 10.60 -26.99
CA LEU E 154 18.05 9.37 -26.41
C LEU E 154 19.56 9.48 -26.33
N PRO E 155 20.18 8.81 -25.34
CA PRO E 155 21.64 8.74 -25.26
C PRO E 155 22.21 7.76 -26.28
N LEU E 156 23.34 8.12 -26.89
CA LEU E 156 23.95 7.31 -27.95
C LEU E 156 25.46 7.07 -27.71
N ASN E 157 25.94 7.40 -26.52
CA ASN E 157 27.37 7.23 -26.19
C ASN E 157 27.74 5.79 -25.92
N HIS E 158 26.73 4.95 -25.72
CA HIS E 158 26.94 3.51 -25.57
C HIS E 158 27.25 2.80 -26.89
N LEU E 159 27.13 3.51 -28.01
CA LEU E 159 27.49 2.96 -29.32
C LEU E 159 28.94 3.22 -29.74
N LEU E 160 29.65 4.06 -29.00
CA LEU E 160 31.05 4.40 -29.34
C LEU E 160 32.09 3.57 -28.56
N THR F 7 -2.65 35.36 -30.55
CA THR F 7 -3.91 34.56 -30.61
C THR F 7 -4.04 33.81 -31.93
N LEU F 8 -4.30 32.51 -31.81
CA LEU F 8 -4.16 31.56 -32.92
C LEU F 8 -5.49 31.28 -33.62
N ASP F 9 -5.49 31.44 -34.94
CA ASP F 9 -6.68 31.16 -35.77
C ASP F 9 -6.66 29.72 -36.28
N LYS F 10 -7.63 29.36 -37.11
CA LYS F 10 -7.76 27.98 -37.61
C LYS F 10 -6.56 27.44 -38.38
N THR F 11 -5.93 28.27 -39.22
CA THR F 11 -4.75 27.85 -39.98
C THR F 11 -3.46 27.91 -39.15
N ASP F 12 -3.44 28.74 -38.11
CA ASP F 12 -2.35 28.71 -37.12
C ASP F 12 -2.33 27.36 -36.38
N ILE F 13 -3.51 26.84 -36.07
CA ILE F 13 -3.63 25.56 -35.36
C ILE F 13 -3.31 24.36 -36.25
N LYS F 14 -3.81 24.35 -37.48
CA LYS F 14 -3.57 23.26 -38.42
C LYS F 14 -2.08 23.09 -38.76
N ILE F 15 -1.38 24.22 -38.92
CA ILE F 15 0.07 24.20 -39.15
C ILE F 15 0.78 23.49 -38.00
N LEU F 16 0.38 23.83 -36.77
CA LEU F 16 0.90 23.16 -35.60
C LEU F 16 0.58 21.68 -35.67
N GLN F 17 -0.63 21.35 -36.11
CA GLN F 17 -1.04 19.95 -36.25
C GLN F 17 -0.17 19.19 -37.27
N VAL F 18 0.06 19.82 -38.41
CA VAL F 18 0.86 19.23 -39.47
C VAL F 18 2.32 18.99 -39.04
N LEU F 19 2.94 20.03 -38.49
CA LEU F 19 4.36 20.03 -38.10
C LEU F 19 4.66 19.14 -36.89
N GLN F 20 3.73 19.07 -35.94
CA GLN F 20 3.86 18.18 -34.78
C GLN F 20 4.08 16.73 -35.24
N GLU F 21 3.46 16.35 -36.35
CA GLU F 21 3.65 15.03 -36.95
C GLU F 21 4.82 15.02 -37.94
N ASN F 22 4.78 15.85 -38.97
CA ASN F 22 5.86 15.95 -39.99
C ASN F 22 6.76 17.17 -39.79
N GLY F 23 7.60 17.12 -38.76
CA GLY F 23 8.41 18.27 -38.35
C GLY F 23 9.51 18.77 -39.29
N ARG F 24 9.79 18.05 -40.38
CA ARG F 24 10.88 18.44 -41.29
C ARG F 24 10.40 18.85 -42.69
N LEU F 25 9.15 19.28 -42.79
CA LEU F 25 8.55 19.68 -44.07
C LEU F 25 9.24 20.91 -44.68
N THR F 26 9.30 20.94 -46.02
CA THR F 26 9.69 22.15 -46.73
C THR F 26 8.58 23.19 -46.57
N ASN F 27 8.91 24.47 -46.66
CA ASN F 27 7.89 25.51 -46.60
C ASN F 27 6.84 25.31 -47.68
N VAL F 28 7.28 24.86 -48.85
CA VAL F 28 6.37 24.64 -49.98
C VAL F 28 5.40 23.51 -49.70
N GLU F 29 5.88 22.37 -49.19
CA GLU F 29 5.01 21.23 -48.88
C GLU F 29 4.25 21.38 -47.55
N LEU F 30 4.65 22.35 -46.72
CA LEU F 30 3.88 22.72 -45.54
C LEU F 30 2.69 23.59 -45.96
N SER F 31 2.98 24.57 -46.81
CA SER F 31 1.97 25.50 -47.32
C SER F 31 0.91 24.77 -48.16
N GLU F 32 1.34 23.73 -48.86
CA GLU F 32 0.42 22.88 -49.63
C GLU F 32 -0.61 22.20 -48.72
N ARG F 33 -0.22 21.94 -47.47
CA ARG F 33 -1.06 21.20 -46.53
C ARG F 33 -1.87 22.07 -45.57
N VAL F 34 -1.94 23.38 -45.80
CA VAL F 34 -2.73 24.24 -44.92
C VAL F 34 -3.60 25.25 -45.67
N ALA F 35 -3.73 25.08 -46.98
CA ALA F 35 -4.49 26.00 -47.82
C ALA F 35 -3.91 27.40 -47.73
N LEU F 36 -2.58 27.49 -47.80
CA LEU F 36 -1.86 28.75 -47.74
C LEU F 36 -0.71 28.73 -48.74
N SER F 37 -0.33 29.89 -49.25
CA SER F 37 0.82 29.99 -50.15
C SER F 37 2.08 30.12 -49.29
N PRO F 38 3.24 29.70 -49.83
CA PRO F 38 4.53 29.76 -49.13
C PRO F 38 4.74 30.97 -48.22
N SER F 39 4.71 32.18 -48.78
CA SER F 39 5.09 33.36 -48.00
C SER F 39 4.25 33.54 -46.72
N PRO F 40 2.90 33.62 -46.85
CA PRO F 40 2.02 33.75 -45.65
C PRO F 40 2.24 32.68 -44.57
N CYS F 41 2.31 31.42 -45.01
CA CYS F 41 2.59 30.29 -44.15
C CYS F 41 3.93 30.44 -43.41
N LEU F 42 4.95 30.96 -44.10
CA LEU F 42 6.27 31.19 -43.50
C LEU F 42 6.20 32.22 -42.36
N ARG F 43 5.32 33.21 -42.51
CA ARG F 43 5.14 34.20 -41.45
C ARG F 43 4.39 33.59 -40.27
N ARG F 44 3.27 32.92 -40.57
CA ARG F 44 2.43 32.35 -39.51
C ARG F 44 3.21 31.35 -38.68
N LEU F 45 4.23 30.75 -39.28
CA LEU F 45 5.11 29.82 -38.56
C LEU F 45 6.16 30.59 -37.73
N LYS F 46 6.76 31.61 -38.34
CA LYS F 46 7.74 32.51 -37.68
C LYS F 46 7.20 33.04 -36.35
N GLN F 47 5.98 33.58 -36.40
CA GLN F 47 5.31 34.08 -35.21
C GLN F 47 5.17 32.99 -34.15
N LEU F 48 4.74 31.79 -34.57
CA LEU F 48 4.52 30.69 -33.62
C LEU F 48 5.81 30.33 -32.86
N GLU F 49 6.96 30.45 -33.53
CA GLU F 49 8.24 30.14 -32.90
C GLU F 49 8.66 31.23 -31.92
N ASP F 50 8.66 32.48 -32.41
CA ASP F 50 8.99 33.66 -31.60
C ASP F 50 8.05 33.82 -30.41
N ALA F 51 6.83 33.28 -30.53
CA ALA F 51 5.83 33.35 -29.47
C ALA F 51 6.03 32.29 -28.39
N GLY F 52 7.05 31.44 -28.55
CA GLY F 52 7.30 30.37 -27.60
C GLY F 52 6.48 29.09 -27.82
N ILE F 53 5.54 29.11 -28.79
CA ILE F 53 4.67 27.95 -29.06
C ILE F 53 5.45 26.72 -29.51
N VAL F 54 6.30 26.88 -30.54
CA VAL F 54 7.18 25.79 -30.98
C VAL F 54 8.50 25.90 -30.21
N ARG F 55 8.72 24.96 -29.29
CA ARG F 55 9.91 24.97 -28.43
C ARG F 55 11.16 24.57 -29.20
N GLN F 56 11.07 23.46 -29.91
CA GLN F 56 12.18 22.97 -30.72
C GLN F 56 11.68 21.97 -31.74
N TYR F 57 12.51 21.73 -32.75
CA TYR F 57 12.29 20.66 -33.74
C TYR F 57 13.28 19.55 -33.42
N ALA F 58 12.76 18.33 -33.31
CA ALA F 58 13.59 17.18 -32.90
C ALA F 58 13.33 15.94 -33.77
N ALA F 59 14.41 15.24 -34.09
CA ALA F 59 14.31 13.93 -34.72
C ALA F 59 14.08 12.92 -33.61
N LEU F 60 13.02 12.14 -33.73
CA LEU F 60 12.70 11.09 -32.77
C LEU F 60 13.25 9.76 -33.27
N LEU F 61 14.02 9.08 -32.42
CA LEU F 61 14.69 7.83 -32.78
C LEU F 61 13.98 6.62 -32.17
N SER F 62 14.41 5.43 -32.58
CA SER F 62 13.87 4.19 -32.05
C SER F 62 14.84 3.61 -31.02
N PRO F 63 14.42 3.56 -29.75
CA PRO F 63 15.19 2.88 -28.70
C PRO F 63 15.79 1.51 -29.11
N GLU F 64 14.98 0.65 -29.74
CA GLU F 64 15.47 -0.65 -30.26
C GLU F 64 16.60 -0.43 -31.25
N SER F 65 16.41 0.49 -32.18
CA SER F 65 17.40 0.77 -33.21
C SER F 65 18.79 0.99 -32.67
N VAL F 66 18.89 1.68 -31.53
CA VAL F 66 20.19 2.06 -30.95
C VAL F 66 20.50 1.30 -29.65
N ASN F 67 20.06 0.02 -29.62
CA ASN F 67 20.34 -0.92 -28.51
C ASN F 67 19.65 -0.64 -27.18
N LEU F 68 18.97 0.51 -27.07
CA LEU F 68 18.27 0.89 -25.84
C LEU F 68 16.99 0.09 -25.74
N GLY F 69 17.09 -1.08 -25.09
CA GLY F 69 15.98 -2.04 -25.04
C GLY F 69 15.20 -2.01 -23.74
N LEU F 70 15.62 -1.14 -22.82
CA LEU F 70 15.04 -1.09 -21.49
C LEU F 70 14.63 0.34 -21.14
N GLN F 71 13.32 0.59 -21.20
CA GLN F 71 12.75 1.88 -20.84
C GLN F 71 12.20 1.81 -19.42
N ALA F 72 12.86 2.50 -18.49
CA ALA F 72 12.49 2.45 -17.09
C ALA F 72 11.80 3.73 -16.65
N PHE F 73 10.70 3.56 -15.93
CA PHE F 73 9.99 4.64 -15.25
C PHE F 73 10.26 4.47 -13.77
N ILE F 74 11.05 5.39 -13.20
CA ILE F 74 11.51 5.31 -11.81
C ILE F 74 10.84 6.34 -10.91
N ARG F 75 10.43 5.89 -9.72
CA ARG F 75 9.79 6.73 -8.72
C ARG F 75 10.72 6.89 -7.51
N VAL F 76 11.33 8.06 -7.37
CA VAL F 76 12.30 8.29 -6.28
C VAL F 76 11.76 9.34 -5.32
N SER F 77 12.12 9.21 -4.05
CA SER F 77 11.80 10.21 -3.04
C SER F 77 13.11 10.79 -2.52
N ILE F 78 13.04 12.01 -1.99
CA ILE F 78 14.22 12.72 -1.55
C ILE F 78 14.15 13.02 -0.07
N ARG F 79 15.28 12.82 0.61
CA ARG F 79 15.36 13.04 2.06
C ARG F 79 15.15 14.51 2.38
N LYS F 80 14.71 14.81 3.59
CA LYS F 80 14.47 16.20 3.99
C LYS F 80 15.77 16.84 4.45
N ALA F 81 16.37 17.64 3.57
CA ALA F 81 17.62 18.31 3.87
C ALA F 81 17.77 19.53 2.97
N LYS F 82 18.47 20.54 3.47
CA LYS F 82 18.68 21.78 2.74
C LYS F 82 19.21 21.48 1.34
N ASP F 83 18.47 21.96 0.34
CA ASP F 83 18.87 21.88 -1.07
C ASP F 83 19.01 20.47 -1.63
N ALA F 84 18.33 19.49 -1.03
CA ALA F 84 18.35 18.12 -1.53
C ALA F 84 17.65 18.02 -2.88
N ARG F 85 16.59 18.81 -3.07
CA ARG F 85 15.80 18.77 -4.30
C ARG F 85 16.49 19.48 -5.45
N GLU F 86 17.28 20.50 -5.13
CA GLU F 86 17.99 21.26 -6.15
C GLU F 86 19.21 20.48 -6.66
N ASP F 87 19.88 19.77 -5.76
CA ASP F 87 21.03 18.93 -6.13
C ASP F 87 20.60 17.71 -6.94
N PHE F 88 19.46 17.13 -6.59
CA PHE F 88 18.87 16.05 -7.38
C PHE F 88 18.49 16.55 -8.77
N ALA F 89 17.75 17.66 -8.81
CA ALA F 89 17.36 18.27 -10.07
C ALA F 89 18.57 18.54 -10.95
N ALA F 90 19.56 19.23 -10.38
CA ALA F 90 20.76 19.63 -11.12
C ALA F 90 21.59 18.44 -11.56
N SER F 91 21.56 17.36 -10.78
CA SER F 91 22.23 16.11 -11.16
C SER F 91 21.47 15.36 -12.26
N VAL F 92 20.15 15.31 -12.16
CA VAL F 92 19.34 14.57 -13.13
C VAL F 92 19.40 15.19 -14.51
N ARG F 93 19.74 16.49 -14.56
CA ARG F 93 19.92 17.23 -15.80
C ARG F 93 21.22 16.87 -16.52
N LYS F 94 22.19 16.32 -15.80
CA LYS F 94 23.47 15.91 -16.40
C LYS F 94 23.59 14.39 -16.58
N TRP F 95 22.47 13.70 -16.42
CA TRP F 95 22.40 12.26 -16.65
C TRP F 95 21.71 11.98 -17.97
N PRO F 96 22.48 11.63 -19.02
CA PRO F 96 21.90 11.52 -20.36
C PRO F 96 20.87 10.39 -20.50
N GLU F 97 21.06 9.31 -19.74
CA GLU F 97 20.10 8.21 -19.74
C GLU F 97 18.72 8.61 -19.21
N VAL F 98 18.66 9.71 -18.45
CA VAL F 98 17.40 10.24 -17.94
C VAL F 98 16.84 11.29 -18.90
N LEU F 99 15.74 10.92 -19.59
CA LEU F 99 15.12 11.80 -20.59
C LEU F 99 14.23 12.87 -19.97
N SER F 100 13.33 12.47 -19.07
CA SER F 100 12.45 13.43 -18.39
C SER F 100 12.32 13.16 -16.90
N CYS F 101 11.91 14.19 -16.16
CA CYS F 101 11.81 14.10 -14.71
C CYS F 101 10.76 15.10 -14.22
N PHE F 102 9.80 14.60 -13.44
CA PHE F 102 8.70 15.45 -12.99
C PHE F 102 8.46 15.30 -11.49
N ALA F 103 8.27 16.43 -10.81
CA ALA F 103 7.81 16.44 -9.44
C ALA F 103 6.31 16.14 -9.48
N LEU F 104 5.87 15.14 -8.73
CA LEU F 104 4.49 14.63 -8.86
C LEU F 104 3.66 14.74 -7.59
N THR F 105 2.35 14.76 -7.79
CA THR F 105 1.37 14.62 -6.73
C THR F 105 1.24 13.14 -6.43
N GLY F 106 0.88 12.82 -5.19
CA GLY F 106 0.68 11.43 -4.78
C GLY F 106 1.83 10.86 -3.94
N GLU F 107 1.90 9.53 -3.89
CA GLU F 107 2.87 8.85 -3.05
C GLU F 107 4.28 9.30 -3.40
N THR F 108 4.61 9.24 -4.69
CA THR F 108 5.97 9.55 -5.15
C THR F 108 6.19 11.05 -5.19
N ASP F 109 7.38 11.48 -4.76
CA ASP F 109 7.78 12.87 -4.92
C ASP F 109 8.11 13.13 -6.38
N TYR F 110 8.97 12.28 -6.94
CA TYR F 110 9.45 12.45 -8.31
C TYR F 110 9.21 11.22 -9.18
N LEU F 111 9.28 11.43 -10.50
CA LEU F 111 9.13 10.35 -11.50
C LEU F 111 10.00 10.62 -12.70
N LEU F 112 10.98 9.75 -12.92
CA LEU F 112 11.87 9.85 -14.09
C LEU F 112 11.46 8.84 -15.16
N GLN F 113 11.82 9.12 -16.41
CA GLN F 113 11.71 8.18 -17.51
C GLN F 113 13.09 8.00 -18.10
N ALA F 114 13.70 6.84 -17.92
CA ALA F 114 15.09 6.60 -18.32
C ALA F 114 15.24 5.52 -19.38
N PHE F 115 16.39 5.49 -20.06
CA PHE F 115 16.66 4.52 -21.12
C PHE F 115 17.99 3.82 -20.96
N PHE F 116 17.98 2.50 -21.05
CA PHE F 116 19.18 1.70 -20.82
C PHE F 116 19.30 0.58 -21.84
N THR F 117 20.52 0.13 -22.06
CA THR F 117 20.78 -0.95 -23.01
C THR F 117 20.17 -2.25 -22.50
N ASP F 118 20.36 -2.54 -21.21
CA ASP F 118 19.84 -3.77 -20.59
C ASP F 118 19.77 -3.63 -19.07
N MSE F 119 19.39 -4.71 -18.37
CA MSE F 119 19.26 -4.68 -16.90
C MSE F 119 20.60 -4.48 -16.18
O MSE F 119 20.63 -3.84 -15.11
CB MSE F 119 18.58 -5.94 -16.38
CG MSE F 119 18.15 -5.85 -14.91
SE MSE F 119 16.76 -4.52 -14.55
CE MSE F 119 15.21 -5.55 -15.12
N ASN F 120 21.69 -5.02 -16.72
CA ASN F 120 23.02 -4.78 -16.16
C ASN F 120 23.35 -3.31 -16.17
N ALA F 121 23.06 -2.64 -17.29
CA ALA F 121 23.24 -1.20 -17.41
C ALA F 121 22.42 -0.48 -16.36
N PHE F 122 21.17 -0.90 -16.21
CA PHE F 122 20.29 -0.31 -15.22
C PHE F 122 20.85 -0.45 -13.82
N SER F 123 21.25 -1.67 -13.47
CA SER F 123 21.75 -1.94 -12.13
C SER F 123 22.86 -0.98 -11.77
N HIS F 124 23.79 -0.77 -12.68
CA HIS F 124 24.90 0.13 -12.43
C HIS F 124 24.42 1.57 -12.21
N PHE F 125 23.48 2.03 -13.03
CA PHE F 125 22.94 3.38 -12.87
C PHE F 125 22.31 3.53 -11.49
N VAL F 126 21.34 2.67 -11.20
CA VAL F 126 20.59 2.75 -9.97
C VAL F 126 21.51 2.71 -8.74
N LEU F 127 22.27 1.64 -8.60
CA LEU F 127 23.12 1.40 -7.42
C LEU F 127 24.25 2.41 -7.30
N ASP F 128 24.91 2.76 -8.40
CA ASP F 128 26.13 3.58 -8.35
C ASP F 128 26.00 5.04 -8.81
N THR F 129 24.78 5.49 -9.14
CA THR F 129 24.54 6.92 -9.47
C THR F 129 23.23 7.49 -8.91
N LEU F 130 22.12 6.79 -9.10
CA LEU F 130 20.86 7.26 -8.52
C LEU F 130 20.88 7.12 -6.98
N LEU F 131 21.02 5.89 -6.50
CA LEU F 131 20.93 5.60 -5.07
C LEU F 131 22.12 6.10 -4.25
N SER F 132 23.23 6.40 -4.91
CA SER F 132 24.41 6.94 -4.24
C SER F 132 24.44 8.48 -4.11
N HIS F 133 23.56 9.18 -4.84
CA HIS F 133 23.41 10.62 -4.71
C HIS F 133 22.86 10.93 -3.32
N HIS F 134 23.43 11.95 -2.67
CA HIS F 134 23.15 12.23 -1.25
C HIS F 134 21.68 12.46 -0.96
N GLY F 135 21.03 13.28 -1.78
CA GLY F 135 19.62 13.63 -1.61
C GLY F 135 18.61 12.54 -1.95
N VAL F 136 19.05 11.42 -2.53
CA VAL F 136 18.14 10.35 -2.93
C VAL F 136 17.95 9.34 -1.78
N GLN F 137 16.74 9.34 -1.20
CA GLN F 137 16.42 8.49 -0.04
C GLN F 137 15.88 7.12 -0.43
N ASP F 138 15.11 7.06 -1.52
CA ASP F 138 14.42 5.84 -1.90
C ASP F 138 14.17 5.83 -3.41
N ALA F 139 13.95 4.63 -3.96
CA ALA F 139 13.67 4.46 -5.40
C ALA F 139 12.85 3.21 -5.70
N GLN F 140 11.83 3.37 -6.53
CA GLN F 140 11.00 2.26 -7.00
C GLN F 140 11.01 2.25 -8.51
N SER F 141 11.68 1.28 -9.13
CA SER F 141 11.77 1.25 -10.58
C SER F 141 10.78 0.27 -11.21
N SER F 142 10.21 0.66 -12.35
CA SER F 142 9.35 -0.22 -13.14
C SER F 142 9.70 -0.06 -14.60
N PHE F 143 9.50 -1.11 -15.38
CA PHE F 143 9.96 -1.17 -16.76
C PHE F 143 8.78 -1.38 -17.72
N VAL F 144 8.90 -0.81 -18.91
CA VAL F 144 7.88 -0.91 -19.95
C VAL F 144 7.92 -2.28 -20.64
N LEU F 145 6.79 -2.98 -20.65
CA LEU F 145 6.68 -4.29 -21.28
C LEU F 145 6.13 -4.22 -22.71
N LYS F 146 5.39 -3.15 -23.02
CA LYS F 146 4.82 -2.95 -24.36
C LYS F 146 4.37 -1.49 -24.54
N GLU F 147 4.91 -0.81 -25.54
CA GLU F 147 4.56 0.58 -25.83
C GLU F 147 3.27 0.63 -26.62
N ILE F 148 2.15 0.80 -25.92
CA ILE F 148 0.81 0.80 -26.56
C ILE F 148 0.61 2.04 -27.41
N LYS F 149 1.09 3.17 -26.91
CA LYS F 149 1.02 4.44 -27.63
C LYS F 149 2.16 5.34 -27.19
N HIS F 150 2.69 6.09 -28.13
CA HIS F 150 3.71 7.06 -27.83
C HIS F 150 3.70 8.10 -28.92
N THR F 151 3.38 9.34 -28.54
CA THR F 151 3.47 10.48 -29.45
C THR F 151 3.95 11.70 -28.70
N THR F 152 4.56 12.62 -29.43
CA THR F 152 5.01 13.90 -28.87
C THR F 152 3.95 14.98 -29.12
N SER F 153 2.94 14.64 -29.92
CA SER F 153 1.99 15.60 -30.46
C SER F 153 0.91 15.94 -29.45
N LEU F 154 0.88 17.19 -29.02
CA LEU F 154 -0.12 17.66 -28.05
C LEU F 154 -1.48 17.78 -28.74
N PRO F 155 -2.57 17.73 -27.95
CA PRO F 155 -3.92 17.94 -28.49
C PRO F 155 -4.16 19.42 -28.67
N LEU F 156 -4.82 19.80 -29.77
CA LEU F 156 -5.06 21.21 -30.08
C LEU F 156 -6.52 21.54 -30.43
N ASN F 157 -7.42 20.56 -30.37
CA ASN F 157 -8.83 20.76 -30.74
C ASN F 157 -9.61 21.61 -29.73
N HIS F 158 -9.03 21.81 -28.56
CA HIS F 158 -9.59 22.72 -27.55
C HIS F 158 -9.52 24.21 -27.91
N LEU F 159 -8.62 24.59 -28.82
CA LEU F 159 -8.49 25.98 -29.26
C LEU F 159 -9.46 26.37 -30.38
N LEU F 160 -10.07 25.35 -31.01
CA LEU F 160 -10.99 25.54 -32.12
C LEU F 160 -12.39 25.84 -31.61
N MSE G 3 -16.13 37.47 -15.15
CA MSE G 3 -15.02 37.15 -14.20
C MSE G 3 -15.08 38.06 -12.97
O MSE G 3 -15.74 39.10 -13.01
CB MSE G 3 -13.67 37.27 -14.91
CG MSE G 3 -13.42 36.18 -15.95
SE MSE G 3 -14.03 34.39 -15.41
CE MSE G 3 -15.89 34.48 -16.04
N PRO G 4 -14.41 37.67 -11.86
CA PRO G 4 -14.55 38.43 -10.62
C PRO G 4 -13.77 39.75 -10.56
N GLN G 5 -12.73 39.91 -11.37
CA GLN G 5 -12.01 41.19 -11.44
C GLN G 5 -12.77 42.21 -12.31
N LEU G 6 -13.63 41.71 -13.19
CA LEU G 6 -14.51 42.56 -14.01
C LEU G 6 -15.98 42.54 -13.53
N THR G 7 -16.20 42.05 -12.30
CA THR G 7 -17.51 42.15 -11.64
C THR G 7 -17.43 42.52 -10.15
N LEU G 8 -16.39 42.06 -9.45
CA LEU G 8 -16.24 42.30 -8.00
C LEU G 8 -15.07 43.23 -7.72
N ASP G 9 -15.40 44.47 -7.33
CA ASP G 9 -14.38 45.45 -6.96
C ASP G 9 -14.07 45.37 -5.48
N LYS G 10 -12.99 46.04 -5.08
CA LYS G 10 -12.44 45.97 -3.71
C LYS G 10 -13.45 45.91 -2.54
N THR G 11 -14.54 46.66 -2.62
CA THR G 11 -15.51 46.73 -1.52
C THR G 11 -16.42 45.50 -1.45
N ASP G 12 -16.75 44.93 -2.61
CA ASP G 12 -17.56 43.71 -2.69
C ASP G 12 -16.81 42.55 -2.08
N ILE G 13 -15.49 42.53 -2.25
CA ILE G 13 -14.66 41.49 -1.67
C ILE G 13 -14.69 41.55 -0.15
N LYS G 14 -14.68 42.78 0.39
CA LYS G 14 -14.78 42.97 1.83
C LYS G 14 -16.17 42.55 2.34
N ILE G 15 -17.20 42.80 1.52
CA ILE G 15 -18.57 42.35 1.82
C ILE G 15 -18.62 40.84 2.07
N LEU G 16 -18.08 40.08 1.12
CA LEU G 16 -18.07 38.62 1.20
C LEU G 16 -17.19 38.15 2.35
N GLN G 17 -16.10 38.88 2.61
CA GLN G 17 -15.23 38.57 3.74
C GLN G 17 -15.98 38.67 5.07
N VAL G 18 -16.76 39.72 5.25
CA VAL G 18 -17.50 39.91 6.51
C VAL G 18 -18.69 38.97 6.62
N LEU G 19 -19.45 38.86 5.53
CA LEU G 19 -20.61 37.97 5.49
C LEU G 19 -20.23 36.50 5.66
N GLN G 20 -19.07 36.10 5.14
CA GLN G 20 -18.60 34.74 5.34
C GLN G 20 -18.49 34.39 6.82
N GLU G 21 -18.10 35.38 7.64
CA GLU G 21 -17.82 35.19 9.07
C GLU G 21 -19.02 35.49 9.99
N ASN G 22 -19.69 36.61 9.74
CA ASN G 22 -20.89 36.99 10.48
C ASN G 22 -22.10 37.03 9.54
N GLY G 23 -22.60 35.84 9.21
CA GLY G 23 -23.57 35.69 8.14
C GLY G 23 -24.99 36.16 8.38
N ARG G 24 -25.33 36.50 9.63
CA ARG G 24 -26.71 36.87 9.95
C ARG G 24 -26.91 38.37 10.19
N LEU G 25 -25.91 39.19 9.83
CA LEU G 25 -26.01 40.64 10.01
C LEU G 25 -27.20 41.19 9.24
N THR G 26 -27.67 42.37 9.65
CA THR G 26 -28.67 43.10 8.88
C THR G 26 -27.93 44.01 7.90
N ASN G 27 -28.58 44.36 6.80
CA ASN G 27 -27.96 45.19 5.78
C ASN G 27 -27.26 46.39 6.40
N VAL G 28 -27.89 47.03 7.39
CA VAL G 28 -27.31 48.20 8.04
C VAL G 28 -26.09 47.86 8.92
N GLU G 29 -26.13 46.73 9.62
CA GLU G 29 -24.96 46.26 10.35
C GLU G 29 -23.78 46.07 9.41
N LEU G 30 -24.05 45.45 8.26
CA LEU G 30 -23.05 45.26 7.20
C LEU G 30 -22.62 46.60 6.61
N SER G 31 -23.59 47.50 6.40
CA SER G 31 -23.33 48.84 5.90
C SER G 31 -22.33 49.58 6.80
N GLU G 32 -22.51 49.45 8.11
CA GLU G 32 -21.55 49.98 9.09
C GLU G 32 -20.20 49.28 8.96
N ARG G 33 -20.22 48.01 8.58
CA ARG G 33 -19.02 47.17 8.53
C ARG G 33 -18.14 47.40 7.30
N VAL G 34 -18.71 47.93 6.21
CA VAL G 34 -17.94 48.13 4.96
C VAL G 34 -17.90 49.58 4.48
N ALA G 35 -18.27 50.53 5.35
CA ALA G 35 -18.20 51.97 5.05
C ALA G 35 -19.06 52.36 3.84
N LEU G 36 -20.35 52.03 3.91
CA LEU G 36 -21.25 52.15 2.76
C LEU G 36 -22.65 52.58 3.20
N SER G 37 -23.33 53.34 2.36
CA SER G 37 -24.73 53.70 2.61
C SER G 37 -25.59 52.45 2.50
N PRO G 38 -26.63 52.33 3.36
CA PRO G 38 -27.44 51.11 3.37
C PRO G 38 -28.06 50.72 2.02
N SER G 39 -28.29 51.69 1.14
CA SER G 39 -28.87 51.39 -0.17
C SER G 39 -27.90 50.67 -1.11
N PRO G 40 -26.78 51.32 -1.52
CA PRO G 40 -25.90 50.57 -2.44
C PRO G 40 -25.34 49.28 -1.85
N CYS G 41 -25.09 49.25 -0.54
CA CYS G 41 -24.65 48.03 0.15
C CYS G 41 -25.63 46.88 -0.13
N LEU G 42 -26.91 47.15 0.08
CA LEU G 42 -27.98 46.23 -0.27
C LEU G 42 -27.91 45.86 -1.75
N ARG G 43 -27.71 46.85 -2.60
CA ARG G 43 -27.63 46.63 -4.05
C ARG G 43 -26.53 45.63 -4.37
N ARG G 44 -25.36 45.84 -3.75
CA ARG G 44 -24.19 44.98 -3.98
C ARG G 44 -24.44 43.57 -3.51
N LEU G 45 -24.93 43.42 -2.28
CA LEU G 45 -25.25 42.10 -1.72
C LEU G 45 -26.33 41.37 -2.53
N LYS G 46 -27.13 42.11 -3.30
CA LYS G 46 -28.12 41.51 -4.20
C LYS G 46 -27.50 41.03 -5.51
N GLN G 47 -26.55 41.80 -6.05
CA GLN G 47 -25.82 41.40 -7.25
C GLN G 47 -25.10 40.08 -6.98
N LEU G 48 -24.46 40.00 -5.81
CA LEU G 48 -23.65 38.83 -5.42
C LEU G 48 -24.51 37.58 -5.23
N GLU G 49 -25.69 37.75 -4.63
CA GLU G 49 -26.60 36.62 -4.42
C GLU G 49 -27.23 36.11 -5.72
N ASP G 50 -27.49 37.03 -6.66
CA ASP G 50 -28.04 36.65 -7.97
C ASP G 50 -26.95 36.19 -8.93
N ALA G 51 -25.73 36.65 -8.71
CA ALA G 51 -24.60 36.23 -9.53
C ALA G 51 -24.06 34.84 -9.17
N GLY G 52 -24.62 34.23 -8.12
CA GLY G 52 -24.23 32.88 -7.70
C GLY G 52 -23.07 32.83 -6.72
N ILE G 53 -22.50 34.00 -6.40
CA ILE G 53 -21.37 34.08 -5.49
C ILE G 53 -21.74 33.55 -4.12
N VAL G 54 -22.74 34.18 -3.49
CA VAL G 54 -23.30 33.65 -2.25
C VAL G 54 -24.39 32.64 -2.58
N ARG G 55 -24.08 31.36 -2.35
CA ARG G 55 -24.97 30.24 -2.69
C ARG G 55 -25.95 29.90 -1.57
N GLN G 56 -25.58 30.19 -0.33
CA GLN G 56 -26.40 29.84 0.83
C GLN G 56 -25.95 30.56 2.10
N TYR G 57 -26.93 30.92 2.93
CA TYR G 57 -26.66 31.38 4.29
C TYR G 57 -27.06 30.24 5.22
N ALA G 58 -26.17 29.88 6.15
CA ALA G 58 -26.40 28.72 7.02
C ALA G 58 -25.99 28.95 8.47
N ALA G 59 -26.70 28.28 9.38
CA ALA G 59 -26.32 28.20 10.78
C ALA G 59 -25.37 27.02 10.99
N LEU G 60 -24.12 27.30 11.39
CA LEU G 60 -23.14 26.24 11.70
C LEU G 60 -23.24 25.88 13.18
N LEU G 61 -23.36 24.59 13.48
CA LEU G 61 -23.51 24.12 14.86
C LEU G 61 -22.24 23.44 15.37
N SER G 62 -22.23 23.11 16.66
CA SER G 62 -21.17 22.33 17.29
C SER G 62 -21.61 20.88 17.43
N PRO G 63 -20.99 19.96 16.67
CA PRO G 63 -21.34 18.54 16.77
C PRO G 63 -21.36 18.03 18.22
N GLU G 64 -20.28 18.30 18.96
CA GLU G 64 -20.16 17.89 20.35
C GLU G 64 -21.37 18.32 21.19
N SER G 65 -21.81 19.56 21.00
CA SER G 65 -22.99 20.08 21.70
C SER G 65 -24.26 19.30 21.37
N VAL G 66 -24.39 18.83 20.13
CA VAL G 66 -25.57 18.08 19.69
C VAL G 66 -25.29 16.59 19.66
N ASN G 67 -24.37 16.15 20.54
CA ASN G 67 -24.04 14.73 20.78
C ASN G 67 -23.19 14.00 19.72
N LEU G 68 -22.91 14.67 18.60
CA LEU G 68 -22.11 14.08 17.53
C LEU G 68 -20.63 14.04 17.91
N GLY G 69 -20.20 12.95 18.54
CA GLY G 69 -18.81 12.82 19.00
C GLY G 69 -17.79 12.40 17.96
N LEU G 70 -18.25 11.69 16.92
CA LEU G 70 -17.34 10.97 16.02
C LEU G 70 -17.47 11.45 14.58
N GLN G 71 -16.56 12.35 14.18
CA GLN G 71 -16.47 12.79 12.79
C GLN G 71 -15.57 11.80 12.06
N ALA G 72 -16.17 11.06 11.09
CA ALA G 72 -15.45 10.05 10.32
C ALA G 72 -15.24 10.49 8.86
N PHE G 73 -14.02 10.32 8.36
CA PHE G 73 -13.73 10.52 6.94
C PHE G 73 -13.58 9.14 6.32
N ILE G 74 -14.52 8.76 5.47
CA ILE G 74 -14.57 7.42 4.88
C ILE G 74 -14.14 7.45 3.40
N ARG G 75 -13.21 6.56 3.03
CA ARG G 75 -12.74 6.44 1.63
C ARG G 75 -13.40 5.22 0.99
N VAL G 76 -14.19 5.45 -0.05
CA VAL G 76 -15.03 4.40 -0.65
C VAL G 76 -14.68 4.16 -2.12
N SER G 77 -14.81 2.91 -2.55
CA SER G 77 -14.61 2.56 -3.96
C SER G 77 -15.86 1.88 -4.50
N ILE G 78 -16.29 2.30 -5.69
CA ILE G 78 -17.58 1.90 -6.28
C ILE G 78 -17.43 0.80 -7.33
N ARG G 79 -18.23 -0.26 -7.19
CA ARG G 79 -18.20 -1.42 -8.09
C ARG G 79 -18.57 -1.06 -9.52
N LYS G 80 -17.95 -1.76 -10.48
CA LYS G 80 -18.21 -1.53 -11.92
C LYS G 80 -19.58 -2.08 -12.32
N ALA G 81 -20.62 -1.30 -12.03
CA ALA G 81 -21.99 -1.64 -12.40
C ALA G 81 -22.52 -0.59 -13.36
N LYS G 82 -23.78 -0.76 -13.76
CA LYS G 82 -24.41 0.12 -14.76
C LYS G 82 -24.29 1.59 -14.38
N ASP G 83 -25.04 2.01 -13.38
CA ASP G 83 -24.99 3.38 -12.88
C ASP G 83 -24.56 3.35 -11.42
N ALA G 84 -23.63 2.45 -11.08
CA ALA G 84 -23.13 2.34 -9.71
C ALA G 84 -22.78 3.72 -9.18
N ARG G 85 -22.12 4.50 -10.04
CA ARG G 85 -21.78 5.88 -9.74
C ARG G 85 -23.00 6.71 -9.32
N GLU G 86 -24.06 6.63 -10.11
CA GLU G 86 -25.24 7.48 -9.93
C GLU G 86 -26.16 6.99 -8.83
N ASP G 87 -26.21 5.67 -8.64
CA ASP G 87 -27.02 5.08 -7.56
C ASP G 87 -26.37 5.31 -6.20
N PHE G 88 -25.05 5.21 -6.14
CA PHE G 88 -24.31 5.60 -4.95
C PHE G 88 -24.55 7.09 -4.69
N ALA G 89 -24.31 7.90 -5.71
CA ALA G 89 -24.52 9.35 -5.62
C ALA G 89 -25.94 9.69 -5.13
N ALA G 90 -26.94 9.05 -5.71
CA ALA G 90 -28.34 9.24 -5.29
C ALA G 90 -28.58 8.97 -3.80
N SER G 91 -28.00 7.88 -3.29
CA SER G 91 -28.24 7.44 -1.91
C SER G 91 -27.41 8.21 -0.88
N VAL G 92 -26.21 8.64 -1.28
CA VAL G 92 -25.36 9.45 -0.40
C VAL G 92 -26.00 10.80 -0.09
N ARG G 93 -26.79 11.31 -1.03
CA ARG G 93 -27.57 12.52 -0.80
C ARG G 93 -28.76 12.29 0.14
N LYS G 94 -29.20 11.04 0.28
CA LYS G 94 -30.30 10.70 1.16
C LYS G 94 -29.85 10.44 2.61
N TRP G 95 -28.57 10.18 2.81
CA TRP G 95 -28.03 9.89 4.14
C TRP G 95 -27.70 11.16 4.92
N PRO G 96 -28.48 11.49 5.97
CA PRO G 96 -28.23 12.72 6.73
C PRO G 96 -26.89 12.74 7.48
N GLU G 97 -26.45 11.59 7.97
CA GLU G 97 -25.16 11.48 8.64
C GLU G 97 -23.96 11.85 7.75
N VAL G 98 -24.07 11.59 6.45
CA VAL G 98 -23.03 11.99 5.50
C VAL G 98 -23.24 13.44 5.03
N LEU G 99 -22.40 14.35 5.54
CA LEU G 99 -22.47 15.78 5.23
C LEU G 99 -21.91 16.13 3.84
N SER G 100 -20.77 15.53 3.49
CA SER G 100 -20.15 15.81 2.19
C SER G 100 -19.57 14.55 1.57
N CYS G 101 -19.53 14.54 0.24
CA CYS G 101 -19.00 13.43 -0.54
C CYS G 101 -18.28 14.00 -1.77
N PHE G 102 -17.15 13.42 -2.13
CA PHE G 102 -16.36 13.91 -3.26
C PHE G 102 -15.71 12.76 -4.03
N ALA G 103 -15.66 12.94 -5.35
CA ALA G 103 -14.92 12.04 -6.24
C ALA G 103 -13.47 12.51 -6.31
N LEU G 104 -12.57 11.76 -5.69
CA LEU G 104 -11.19 12.21 -5.50
C LEU G 104 -10.24 11.57 -6.49
N THR G 105 -9.11 12.23 -6.71
CA THR G 105 -8.00 11.61 -7.39
C THR G 105 -7.30 10.72 -6.39
N GLY G 106 -6.51 9.76 -6.89
CA GLY G 106 -5.69 8.89 -6.03
C GLY G 106 -6.23 7.49 -5.87
N GLU G 107 -5.75 6.76 -4.86
CA GLU G 107 -6.12 5.35 -4.72
C GLU G 107 -7.61 5.18 -4.44
N THR G 108 -8.18 6.11 -3.68
CA THR G 108 -9.62 6.11 -3.40
C THR G 108 -10.40 6.83 -4.50
N ASP G 109 -11.61 6.34 -4.77
CA ASP G 109 -12.51 6.97 -5.75
C ASP G 109 -13.41 8.00 -5.08
N TYR G 110 -13.85 7.72 -3.85
CA TYR G 110 -14.74 8.59 -3.12
C TYR G 110 -14.27 8.84 -1.70
N LEU G 111 -14.36 10.09 -1.25
CA LEU G 111 -14.10 10.45 0.14
C LEU G 111 -15.34 11.12 0.72
N LEU G 112 -15.89 10.51 1.78
CA LEU G 112 -17.11 11.01 2.43
C LEU G 112 -16.74 11.61 3.76
N GLN G 113 -17.44 12.67 4.14
CA GLN G 113 -17.28 13.27 5.45
C GLN G 113 -18.60 13.03 6.17
N ALA G 114 -18.55 12.33 7.29
CA ALA G 114 -19.75 11.98 8.05
C ALA G 114 -19.65 12.43 9.49
N PHE G 115 -20.77 12.35 10.21
CA PHE G 115 -20.81 12.61 11.65
C PHE G 115 -21.69 11.62 12.41
N PHE G 116 -21.21 11.12 13.55
CA PHE G 116 -21.99 10.17 14.36
C PHE G 116 -21.84 10.44 15.86
N THR G 117 -22.73 9.83 16.63
CA THR G 117 -22.74 9.99 18.07
C THR G 117 -21.60 9.24 18.73
N ASP G 118 -21.57 7.93 18.51
CA ASP G 118 -20.51 7.07 19.04
C ASP G 118 -20.16 6.01 17.99
N MSE G 119 -19.16 5.18 18.30
CA MSE G 119 -18.69 4.13 17.37
C MSE G 119 -19.78 3.07 17.05
O MSE G 119 -19.83 2.56 15.94
CB MSE G 119 -17.41 3.48 17.93
CG MSE G 119 -16.63 2.60 16.96
SE MSE G 119 -15.92 3.58 15.44
CE MSE G 119 -14.28 4.24 16.24
N ASN G 120 -20.66 2.77 18.01
CA ASN G 120 -21.76 1.83 17.76
C ASN G 120 -22.68 2.35 16.67
N ALA G 121 -22.97 3.64 16.75
CA ALA G 121 -23.75 4.32 15.74
C ALA G 121 -23.09 4.10 14.38
N PHE G 122 -21.78 4.32 14.35
CA PHE G 122 -21.02 4.28 13.12
C PHE G 122 -20.98 2.89 12.50
N SER G 123 -20.93 1.85 13.34
CA SER G 123 -20.85 0.49 12.85
C SER G 123 -22.14 0.12 12.09
N HIS G 124 -23.29 0.46 12.67
CA HIS G 124 -24.58 0.14 12.03
C HIS G 124 -24.72 0.83 10.68
N PHE G 125 -24.17 2.04 10.57
CA PHE G 125 -24.19 2.76 9.30
C PHE G 125 -23.25 2.13 8.29
N VAL G 126 -22.06 1.71 8.73
CA VAL G 126 -21.07 1.15 7.83
C VAL G 126 -21.47 -0.25 7.39
N LEU G 127 -21.96 -1.04 8.34
CA LEU G 127 -22.35 -2.41 8.06
C LEU G 127 -23.68 -2.46 7.31
N ASP G 128 -24.71 -1.80 7.86
CA ASP G 128 -26.08 -1.93 7.36
C ASP G 128 -26.47 -0.98 6.20
N THR G 129 -25.75 0.13 6.03
CA THR G 129 -26.08 1.10 4.97
C THR G 129 -25.02 1.20 3.89
N LEU G 130 -23.80 1.57 4.28
CA LEU G 130 -22.75 1.84 3.29
C LEU G 130 -22.28 0.56 2.59
N LEU G 131 -21.78 -0.39 3.37
CA LEU G 131 -21.24 -1.63 2.81
C LEU G 131 -22.33 -2.58 2.27
N SER G 132 -23.59 -2.35 2.64
CA SER G 132 -24.72 -3.16 2.17
C SER G 132 -25.31 -2.68 0.83
N HIS G 133 -24.76 -1.57 0.33
CA HIS G 133 -25.28 -0.90 -0.86
C HIS G 133 -24.62 -1.53 -2.07
N HIS G 134 -25.44 -2.00 -3.01
CA HIS G 134 -24.96 -2.77 -4.18
C HIS G 134 -23.70 -2.21 -4.86
N GLY G 135 -23.66 -0.89 -5.03
CA GLY G 135 -22.54 -0.23 -5.71
C GLY G 135 -21.26 -0.07 -4.92
N VAL G 136 -21.33 -0.18 -3.59
CA VAL G 136 -20.16 0.04 -2.73
C VAL G 136 -19.32 -1.23 -2.60
N GLN G 137 -18.14 -1.23 -3.20
CA GLN G 137 -17.26 -2.41 -3.21
C GLN G 137 -16.40 -2.51 -1.94
N ASP G 138 -15.88 -1.38 -1.44
CA ASP G 138 -15.02 -1.39 -0.24
C ASP G 138 -14.93 -0.01 0.42
N ALA G 139 -14.93 0.02 1.74
CA ALA G 139 -14.83 1.27 2.51
C ALA G 139 -13.65 1.21 3.46
N GLN G 140 -13.03 2.37 3.72
CA GLN G 140 -11.93 2.51 4.68
C GLN G 140 -12.19 3.73 5.53
N SER G 141 -12.54 3.52 6.80
CA SER G 141 -12.90 4.64 7.65
C SER G 141 -11.80 5.10 8.62
N SER G 142 -11.51 6.40 8.57
CA SER G 142 -10.64 7.04 9.54
C SER G 142 -11.45 8.04 10.34
N PHE G 143 -11.02 8.36 11.55
CA PHE G 143 -11.79 9.27 12.39
C PHE G 143 -10.92 10.41 12.92
N VAL G 144 -11.54 11.57 13.14
CA VAL G 144 -10.83 12.76 13.63
C VAL G 144 -10.48 12.69 15.14
N LEU G 145 -9.21 12.91 15.45
CA LEU G 145 -8.72 12.94 16.84
C LEU G 145 -8.56 14.38 17.38
N LYS G 146 -8.34 15.34 16.48
CA LYS G 146 -8.21 16.74 16.89
C LYS G 146 -8.51 17.67 15.71
N GLU G 147 -9.38 18.65 15.93
CA GLU G 147 -9.72 19.63 14.91
C GLU G 147 -8.75 20.81 15.01
N ILE G 148 -7.64 20.72 14.27
CA ILE G 148 -6.62 21.77 14.25
C ILE G 148 -7.18 23.08 13.70
N LYS G 149 -8.00 22.95 12.64
CA LYS G 149 -8.57 24.10 11.96
C LYS G 149 -9.88 23.70 11.29
N HIS G 150 -10.83 24.63 11.23
CA HIS G 150 -12.12 24.39 10.58
C HIS G 150 -12.88 25.70 10.34
N THR G 151 -12.75 26.21 9.11
CA THR G 151 -13.46 27.40 8.68
C THR G 151 -14.18 27.13 7.35
N THR G 152 -15.40 27.65 7.23
CA THR G 152 -16.15 27.63 5.97
C THR G 152 -15.70 28.75 5.01
N SER G 153 -14.90 29.68 5.52
CA SER G 153 -14.46 30.85 4.75
C SER G 153 -13.40 30.54 3.70
N LEU G 154 -13.70 30.85 2.44
CA LEU G 154 -12.73 30.78 1.35
C LEU G 154 -11.84 32.02 1.36
N PRO G 155 -10.62 31.91 0.81
CA PRO G 155 -9.74 33.06 0.64
C PRO G 155 -10.13 33.86 -0.59
N LEU G 156 -10.15 35.18 -0.48
CA LEU G 156 -10.60 36.03 -1.61
C LEU G 156 -9.56 37.06 -2.07
N ASN G 157 -8.36 37.02 -1.49
CA ASN G 157 -7.32 37.99 -1.83
C ASN G 157 -6.70 37.76 -3.21
N HIS G 158 -6.99 36.61 -3.81
CA HIS G 158 -6.59 36.33 -5.20
C HIS G 158 -7.40 37.14 -6.22
N LEU G 159 -8.53 37.68 -5.80
CA LEU G 159 -9.38 38.50 -6.66
C LEU G 159 -8.86 39.95 -6.72
N LEU G 160 -8.10 40.36 -5.70
CA LEU G 160 -7.61 41.75 -5.55
C LEU G 160 -6.56 42.11 -6.61
N THR H 7 -31.57 19.93 28.68
CA THR H 7 -31.84 19.22 27.40
C THR H 7 -32.76 20.04 26.50
N LEU H 8 -32.94 19.57 25.26
CA LEU H 8 -33.77 20.25 24.27
C LEU H 8 -34.82 19.31 23.66
N ASP H 9 -35.98 19.88 23.33
CA ASP H 9 -37.15 19.12 22.89
C ASP H 9 -37.32 19.14 21.35
N LYS H 10 -38.36 18.48 20.86
CA LYS H 10 -38.62 18.37 19.42
C LYS H 10 -38.68 19.73 18.70
N THR H 11 -39.13 20.77 19.42
CA THR H 11 -39.24 22.12 18.85
C THR H 11 -37.87 22.81 18.75
N ASP H 12 -37.00 22.55 19.73
CA ASP H 12 -35.63 23.02 19.67
C ASP H 12 -34.88 22.36 18.52
N ILE H 13 -35.22 21.11 18.23
CA ILE H 13 -34.62 20.35 17.13
C ILE H 13 -35.11 20.84 15.76
N LYS H 14 -36.35 21.33 15.72
CA LYS H 14 -36.93 21.89 14.49
C LYS H 14 -36.29 23.24 14.16
N ILE H 15 -36.03 24.06 15.18
CA ILE H 15 -35.31 25.34 15.03
C ILE H 15 -33.94 25.15 14.39
N LEU H 16 -33.16 24.24 14.98
CA LEU H 16 -31.79 23.98 14.52
C LEU H 16 -31.78 23.41 13.10
N GLN H 17 -32.62 22.42 12.84
CA GLN H 17 -32.77 21.86 11.49
C GLN H 17 -33.03 22.97 10.48
N VAL H 18 -34.00 23.84 10.79
CA VAL H 18 -34.39 24.93 9.90
C VAL H 18 -33.27 25.93 9.65
N LEU H 19 -32.67 26.42 10.73
CA LEU H 19 -31.62 27.42 10.63
C LEU H 19 -30.35 26.90 9.96
N GLN H 20 -30.06 25.60 10.10
CA GLN H 20 -28.93 24.99 9.40
C GLN H 20 -29.03 25.18 7.87
N GLU H 21 -30.26 25.15 7.34
CA GLU H 21 -30.51 25.30 5.91
C GLU H 21 -30.59 26.76 5.47
N ASN H 22 -31.44 27.54 6.13
CA ASN H 22 -31.49 28.97 5.88
C ASN H 22 -31.10 29.72 7.15
N GLY H 23 -29.83 30.09 7.23
CA GLY H 23 -29.31 30.76 8.42
C GLY H 23 -29.87 32.15 8.61
N ARG H 24 -30.24 32.80 7.52
CA ARG H 24 -30.66 34.20 7.57
C ARG H 24 -32.17 34.36 7.80
N LEU H 25 -32.87 33.23 7.84
CA LEU H 25 -34.33 33.15 7.99
C LEU H 25 -34.86 34.06 9.11
N THR H 26 -35.93 34.80 8.83
CA THR H 26 -36.46 35.79 9.77
C THR H 26 -37.23 35.11 10.90
N ASN H 27 -37.24 35.75 12.07
CA ASN H 27 -37.96 35.23 13.24
C ASN H 27 -39.45 34.95 12.96
N VAL H 28 -40.06 35.78 12.13
CA VAL H 28 -41.46 35.56 11.71
C VAL H 28 -41.57 34.25 10.96
N GLU H 29 -40.73 34.09 9.94
CA GLU H 29 -40.69 32.87 9.14
C GLU H 29 -40.30 31.66 9.99
N LEU H 30 -39.29 31.84 10.84
CA LEU H 30 -38.79 30.75 11.68
C LEU H 30 -39.90 30.28 12.62
N SER H 31 -40.50 31.23 13.33
CA SER H 31 -41.59 30.95 14.26
C SER H 31 -42.70 30.18 13.56
N GLU H 32 -42.96 30.55 12.30
CA GLU H 32 -44.03 29.95 11.54
C GLU H 32 -43.79 28.47 11.23
N ARG H 33 -42.58 28.14 10.75
CA ARG H 33 -42.25 26.77 10.39
C ARG H 33 -42.12 25.86 11.61
N VAL H 34 -41.59 26.41 12.70
CA VAL H 34 -41.46 25.66 13.95
C VAL H 34 -42.77 25.63 14.77
N ALA H 35 -43.81 26.28 14.26
CA ALA H 35 -45.12 26.28 14.91
C ALA H 35 -45.02 26.81 16.33
N LEU H 36 -44.63 28.07 16.43
CA LEU H 36 -44.52 28.79 17.69
C LEU H 36 -44.81 30.25 17.41
N SER H 37 -45.04 31.04 18.45
CA SER H 37 -45.22 32.48 18.28
C SER H 37 -43.84 33.15 18.17
N PRO H 38 -43.78 34.37 17.58
CA PRO H 38 -42.52 35.11 17.40
C PRO H 38 -41.66 35.38 18.66
N SER H 39 -42.27 35.89 19.73
CA SER H 39 -41.53 36.23 20.97
C SER H 39 -40.93 35.03 21.70
N PRO H 40 -41.73 33.97 21.93
CA PRO H 40 -41.21 32.81 22.64
C PRO H 40 -40.19 31.98 21.87
N CYS H 41 -40.39 31.78 20.57
CA CYS H 41 -39.43 31.01 19.77
C CYS H 41 -38.07 31.74 19.68
N LEU H 42 -38.11 33.07 19.71
CA LEU H 42 -36.89 33.88 19.69
C LEU H 42 -36.11 33.79 21.01
N ARG H 43 -36.75 33.24 22.05
CA ARG H 43 -36.05 32.93 23.30
C ARG H 43 -35.21 31.66 23.14
N ARG H 44 -35.79 30.64 22.51
CA ARG H 44 -35.08 29.39 22.23
C ARG H 44 -33.84 29.67 21.40
N LEU H 45 -34.00 30.42 20.31
CA LEU H 45 -32.88 30.69 19.44
C LEU H 45 -31.77 31.43 20.17
N LYS H 46 -32.14 32.34 21.07
CA LYS H 46 -31.15 33.04 21.90
C LYS H 46 -30.53 32.12 22.96
N GLN H 47 -31.35 31.27 23.59
CA GLN H 47 -30.83 30.24 24.48
C GLN H 47 -29.77 29.42 23.75
N LEU H 48 -30.15 28.91 22.58
CA LEU H 48 -29.29 28.04 21.77
C LEU H 48 -27.98 28.71 21.37
N GLU H 49 -28.05 29.96 20.91
CA GLU H 49 -26.85 30.74 20.60
C GLU H 49 -26.01 30.97 21.87
N ASP H 50 -26.68 31.25 22.97
CA ASP H 50 -26.02 31.49 24.26
C ASP H 50 -25.60 30.19 24.93
N ALA H 51 -26.13 29.06 24.45
CA ALA H 51 -25.75 27.74 24.96
C ALA H 51 -24.59 27.12 24.18
N GLY H 52 -24.13 27.79 23.11
CA GLY H 52 -22.99 27.31 22.32
C GLY H 52 -23.35 26.32 21.20
N ILE H 53 -24.56 25.76 21.26
CA ILE H 53 -25.05 24.82 20.26
C ILE H 53 -24.84 25.37 18.86
N VAL H 54 -25.33 26.59 18.63
CA VAL H 54 -25.00 27.32 17.40
C VAL H 54 -23.71 28.11 17.65
N ARG H 55 -22.65 27.76 16.92
CA ARG H 55 -21.33 28.35 17.14
C ARG H 55 -21.06 29.55 16.24
N GLN H 56 -21.63 29.53 15.03
CA GLN H 56 -21.38 30.59 14.06
C GLN H 56 -22.52 30.66 13.05
N TYR H 57 -22.78 31.86 12.56
CA TYR H 57 -23.61 32.06 11.36
C TYR H 57 -22.67 32.48 10.24
N ALA H 58 -22.69 31.72 9.14
CA ALA H 58 -21.75 31.93 8.03
C ALA H 58 -22.46 32.05 6.69
N ALA H 59 -21.90 32.86 5.80
CA ALA H 59 -22.31 32.91 4.41
C ALA H 59 -21.44 31.93 3.62
N LEU H 60 -22.08 30.95 3.00
CA LEU H 60 -21.37 29.92 2.21
C LEU H 60 -21.24 30.34 0.74
N LEU H 61 -20.02 30.38 0.23
CA LEU H 61 -19.74 30.84 -1.13
C LEU H 61 -19.49 29.69 -2.12
N SER H 62 -19.62 29.98 -3.42
CA SER H 62 -19.40 29.01 -4.48
C SER H 62 -17.98 29.14 -5.05
N PRO H 63 -17.10 28.15 -4.82
CA PRO H 63 -15.71 28.23 -5.24
C PRO H 63 -15.53 28.62 -6.69
N GLU H 64 -16.21 27.94 -7.60
CA GLU H 64 -16.13 28.28 -9.03
C GLU H 64 -16.29 29.79 -9.24
N SER H 65 -17.29 30.37 -8.60
CA SER H 65 -17.66 31.77 -8.81
C SER H 65 -16.53 32.71 -8.45
N VAL H 66 -15.83 32.41 -7.35
CA VAL H 66 -14.73 33.26 -6.88
C VAL H 66 -13.38 32.78 -7.42
N ASN H 67 -13.41 31.98 -8.49
CA ASN H 67 -12.21 31.51 -9.21
C ASN H 67 -11.36 30.41 -8.54
N LEU H 68 -11.80 29.89 -7.39
CA LEU H 68 -11.14 28.74 -6.77
C LEU H 68 -11.65 27.43 -7.38
N GLY H 69 -11.17 27.13 -8.59
CA GLY H 69 -11.62 25.96 -9.33
C GLY H 69 -10.89 24.68 -8.95
N LEU H 70 -9.96 24.78 -8.01
CA LEU H 70 -9.15 23.63 -7.60
C LEU H 70 -9.28 23.44 -6.08
N GLN H 71 -9.96 22.36 -5.69
CA GLN H 71 -10.10 22.00 -4.28
C GLN H 71 -9.31 20.72 -4.04
N ALA H 72 -8.42 20.74 -3.06
CA ALA H 72 -7.52 19.62 -2.81
C ALA H 72 -7.67 19.07 -1.39
N PHE H 73 -7.41 17.77 -1.26
CA PHE H 73 -7.26 17.13 0.02
C PHE H 73 -5.84 16.60 0.13
N ILE H 74 -5.09 17.15 1.08
CA ILE H 74 -3.67 16.83 1.25
C ILE H 74 -3.44 15.99 2.50
N ARG H 75 -2.72 14.87 2.30
CA ARG H 75 -2.41 13.90 3.35
C ARG H 75 -1.00 14.19 3.87
N VAL H 76 -0.90 14.77 5.06
CA VAL H 76 0.39 15.25 5.58
C VAL H 76 0.84 14.44 6.78
N SER H 77 2.15 14.38 6.99
CA SER H 77 2.71 13.71 8.17
C SER H 77 3.84 14.54 8.76
N ILE H 78 3.81 14.72 10.08
CA ILE H 78 4.77 15.55 10.79
C ILE H 78 5.97 14.71 11.25
N ARG H 79 7.10 15.38 11.45
CA ARG H 79 8.30 14.77 12.06
C ARG H 79 8.00 14.26 13.47
N LYS H 80 8.87 13.39 13.96
CA LYS H 80 8.78 12.86 15.33
C LYS H 80 9.32 13.91 16.32
N ALA H 81 8.71 15.09 16.35
CA ALA H 81 9.27 16.21 17.10
C ALA H 81 8.27 16.86 18.04
N LYS H 82 8.80 17.62 19.00
CA LYS H 82 8.00 18.31 20.00
C LYS H 82 7.40 19.58 19.42
N ASP H 83 8.26 20.38 18.79
CA ASP H 83 7.86 21.64 18.16
C ASP H 83 7.47 21.46 16.70
N ALA H 84 7.23 20.22 16.26
CA ALA H 84 6.74 19.94 14.92
C ALA H 84 5.22 19.95 14.90
N ARG H 85 4.62 19.46 15.98
CA ARG H 85 3.18 19.41 16.13
C ARG H 85 2.55 20.80 16.12
N GLU H 86 3.03 21.65 17.03
CA GLU H 86 2.46 22.97 17.26
C GLU H 86 2.75 23.92 16.12
N ASP H 87 3.96 23.85 15.58
CA ASP H 87 4.38 24.70 14.46
C ASP H 87 3.53 24.46 13.21
N PHE H 88 3.35 23.20 12.83
CA PHE H 88 2.52 22.87 11.68
C PHE H 88 1.09 23.38 11.88
N ALA H 89 0.56 23.13 13.08
CA ALA H 89 -0.76 23.64 13.46
C ALA H 89 -0.78 25.17 13.36
N ALA H 90 0.14 25.83 14.06
CA ALA H 90 0.21 27.29 14.05
C ALA H 90 0.35 27.84 12.63
N SER H 91 1.06 27.11 11.78
CA SER H 91 1.26 27.49 10.38
C SER H 91 0.03 27.24 9.50
N VAL H 92 -0.62 26.08 9.65
CA VAL H 92 -1.86 25.83 8.89
C VAL H 92 -2.97 26.81 9.27
N ARG H 93 -2.98 27.29 10.52
CA ARG H 93 -3.98 28.26 10.95
C ARG H 93 -3.80 29.61 10.24
N LYS H 94 -2.56 29.90 9.83
CA LYS H 94 -2.25 31.15 9.15
C LYS H 94 -2.31 31.03 7.63
N TRP H 95 -2.52 29.83 7.11
CA TRP H 95 -2.68 29.66 5.67
C TRP H 95 -4.16 29.77 5.29
N PRO H 96 -4.55 30.88 4.63
CA PRO H 96 -5.97 31.10 4.31
C PRO H 96 -6.47 30.19 3.20
N GLU H 97 -5.56 29.76 2.33
CA GLU H 97 -5.88 28.72 1.34
C GLU H 97 -6.38 27.43 2.02
N VAL H 98 -5.81 27.13 3.20
CA VAL H 98 -6.15 25.92 3.97
C VAL H 98 -7.35 26.13 4.90
N LEU H 99 -8.50 25.55 4.54
CA LEU H 99 -9.74 25.82 5.28
C LEU H 99 -9.96 24.93 6.52
N SER H 100 -9.65 23.64 6.40
CA SER H 100 -9.79 22.70 7.51
C SER H 100 -8.56 21.82 7.63
N CYS H 101 -8.32 21.34 8.85
CA CYS H 101 -7.23 20.41 9.11
C CYS H 101 -7.58 19.49 10.27
N PHE H 102 -7.22 18.23 10.13
CA PHE H 102 -7.65 17.21 11.07
C PHE H 102 -6.53 16.23 11.30
N ALA H 103 -6.45 15.71 12.52
CA ALA H 103 -5.56 14.61 12.83
C ALA H 103 -6.37 13.32 12.70
N LEU H 104 -6.12 12.57 11.64
CA LEU H 104 -6.88 11.34 11.39
C LEU H 104 -6.21 10.14 12.03
N THR H 105 -6.96 9.07 12.16
CA THR H 105 -6.40 7.78 12.49
C THR H 105 -5.86 7.22 11.18
N GLY H 106 -5.25 6.03 11.23
CA GLY H 106 -4.85 5.33 10.01
C GLY H 106 -3.55 5.81 9.37
N GLU H 107 -3.42 5.56 8.06
CA GLU H 107 -2.14 5.73 7.36
C GLU H 107 -1.54 7.10 7.58
N THR H 108 -2.34 8.13 7.34
CA THR H 108 -1.88 9.52 7.42
C THR H 108 -2.19 10.14 8.78
N ASP H 109 -1.31 11.02 9.23
CA ASP H 109 -1.44 11.64 10.54
C ASP H 109 -2.28 12.92 10.52
N TYR H 110 -2.24 13.65 9.42
CA TYR H 110 -3.04 14.87 9.27
C TYR H 110 -3.71 14.90 7.94
N LEU H 111 -4.86 15.56 7.88
CA LEU H 111 -5.61 15.70 6.64
C LEU H 111 -6.00 17.17 6.49
N LEU H 112 -5.63 17.74 5.35
CA LEU H 112 -5.86 19.14 5.05
C LEU H 112 -6.84 19.22 3.90
N GLN H 113 -7.76 20.17 3.96
CA GLN H 113 -8.66 20.47 2.86
C GLN H 113 -8.52 21.95 2.50
N ALA H 114 -8.05 22.23 1.27
CA ALA H 114 -7.75 23.61 0.85
C ALA H 114 -8.30 23.95 -0.54
N PHE H 115 -8.15 25.21 -0.94
CA PHE H 115 -8.66 25.68 -2.24
C PHE H 115 -7.62 26.50 -3.02
N PHE H 116 -7.61 26.32 -4.34
CA PHE H 116 -6.69 27.05 -5.21
C PHE H 116 -7.36 27.43 -6.53
N THR H 117 -6.71 28.31 -7.28
CA THR H 117 -7.20 28.70 -8.59
C THR H 117 -6.87 27.61 -9.60
N ASP H 118 -5.57 27.35 -9.75
CA ASP H 118 -5.06 26.42 -10.74
C ASP H 118 -3.99 25.51 -10.13
N MSE H 119 -3.63 24.47 -10.88
CA MSE H 119 -2.60 23.53 -10.48
C MSE H 119 -1.25 24.25 -10.32
O MSE H 119 -0.34 23.74 -9.68
CB MSE H 119 -2.50 22.38 -11.50
CG MSE H 119 -1.61 21.25 -11.12
SE MSE H 119 -2.07 20.51 -9.41
CE MSE H 119 -3.76 19.66 -9.87
N ASN H 120 -1.13 25.42 -10.94
CA ASN H 120 0.03 26.26 -10.73
C ASN H 120 0.05 26.87 -9.32
N ALA H 121 -1.09 27.41 -8.92
CA ALA H 121 -1.29 27.98 -7.60
C ALA H 121 -0.94 26.95 -6.55
N PHE H 122 -1.45 25.74 -6.76
CA PHE H 122 -1.21 24.65 -5.86
C PHE H 122 0.28 24.35 -5.73
N SER H 123 0.97 24.30 -6.86
CA SER H 123 2.35 23.84 -6.90
C SER H 123 3.22 24.73 -6.04
N HIS H 124 3.06 26.04 -6.21
CA HIS H 124 3.80 26.98 -5.39
C HIS H 124 3.52 26.79 -3.90
N PHE H 125 2.27 26.50 -3.54
CA PHE H 125 1.92 26.29 -2.13
C PHE H 125 2.58 25.03 -1.59
N VAL H 126 2.47 23.93 -2.33
CA VAL H 126 2.98 22.65 -1.85
C VAL H 126 4.52 22.66 -1.82
N LEU H 127 5.14 23.18 -2.87
CA LEU H 127 6.61 23.17 -2.97
C LEU H 127 7.30 24.26 -2.16
N ASP H 128 6.68 25.42 -1.97
CA ASP H 128 7.33 26.57 -1.32
C ASP H 128 6.84 26.91 0.09
N THR H 129 5.70 26.35 0.50
CA THR H 129 5.10 26.65 1.79
C THR H 129 4.99 25.36 2.61
N LEU H 130 4.26 24.39 2.10
CA LEU H 130 3.95 23.17 2.83
C LEU H 130 5.23 22.33 3.06
N LEU H 131 5.84 21.87 1.98
CA LEU H 131 6.93 20.92 2.09
C LEU H 131 8.19 21.54 2.68
N SER H 132 8.35 22.86 2.53
CA SER H 132 9.51 23.55 3.09
C SER H 132 9.34 23.90 4.58
N HIS H 133 8.16 23.62 5.14
CA HIS H 133 7.91 23.77 6.57
C HIS H 133 8.70 22.70 7.34
N HIS H 134 9.53 23.14 8.29
CA HIS H 134 10.47 22.24 8.97
C HIS H 134 9.80 21.00 9.58
N GLY H 135 8.55 21.13 10.00
CA GLY H 135 7.79 20.03 10.59
C GLY H 135 7.26 19.01 9.60
N VAL H 136 6.96 19.43 8.37
CA VAL H 136 6.34 18.55 7.39
C VAL H 136 7.35 17.55 6.83
N GLN H 137 7.03 16.27 6.96
CA GLN H 137 7.91 15.18 6.59
C GLN H 137 7.60 14.68 5.17
N ASP H 138 6.31 14.65 4.84
CA ASP H 138 5.87 14.17 3.53
C ASP H 138 4.43 14.60 3.31
N ALA H 139 4.09 14.94 2.07
CA ALA H 139 2.71 15.26 1.71
C ALA H 139 2.22 14.37 0.55
N GLN H 140 0.91 14.29 0.40
CA GLN H 140 0.29 13.45 -0.62
C GLN H 140 -1.11 13.98 -0.94
N SER H 141 -1.20 14.74 -2.01
CA SER H 141 -2.40 15.52 -2.29
C SER H 141 -3.25 14.89 -3.40
N SER H 142 -4.55 14.78 -3.14
CA SER H 142 -5.56 14.31 -4.10
C SER H 142 -6.46 15.49 -4.42
N PHE H 143 -7.22 15.39 -5.52
CA PHE H 143 -8.03 16.53 -5.99
C PHE H 143 -9.47 16.14 -6.28
N VAL H 144 -10.41 17.07 -6.05
CA VAL H 144 -11.85 16.75 -6.19
C VAL H 144 -12.34 16.89 -7.64
N LEU H 145 -12.81 15.79 -8.20
CA LEU H 145 -13.25 15.75 -9.59
C LEU H 145 -14.72 16.13 -9.75
N LYS H 146 -15.54 15.76 -8.76
CA LYS H 146 -16.98 15.94 -8.81
C LYS H 146 -17.54 16.01 -7.39
N GLU H 147 -18.22 17.11 -7.07
CA GLU H 147 -18.83 17.29 -5.75
C GLU H 147 -20.21 16.64 -5.74
N ILE H 148 -20.27 15.40 -5.24
CA ILE H 148 -21.52 14.62 -5.22
C ILE H 148 -22.47 15.17 -4.18
N LYS H 149 -21.93 15.54 -3.02
CA LYS H 149 -22.72 16.11 -1.94
C LYS H 149 -21.83 17.00 -1.08
N HIS H 150 -22.37 18.14 -0.65
CA HIS H 150 -21.65 19.01 0.27
C HIS H 150 -22.62 19.93 1.01
N THR H 151 -22.88 19.61 2.27
CA THR H 151 -23.70 20.44 3.14
C THR H 151 -22.99 20.65 4.46
N THR H 152 -23.28 21.78 5.10
CA THR H 152 -22.77 22.07 6.44
C THR H 152 -23.79 21.63 7.52
N SER H 153 -24.89 21.01 7.10
CA SER H 153 -25.97 20.64 8.02
C SER H 153 -25.69 19.33 8.74
N LEU H 154 -25.54 19.39 10.06
CA LEU H 154 -25.38 18.19 10.89
C LEU H 154 -26.71 17.43 10.99
N PRO H 155 -26.63 16.11 11.14
CA PRO H 155 -27.82 15.27 11.38
C PRO H 155 -28.32 15.40 12.81
N LEU H 156 -29.63 15.56 12.99
CA LEU H 156 -30.17 15.83 14.32
C LEU H 156 -31.27 14.85 14.77
N ASN H 157 -31.60 13.87 13.93
CA ASN H 157 -32.65 12.89 14.23
C ASN H 157 -32.36 12.03 15.46
N HIS H 158 -31.07 11.86 15.76
CA HIS H 158 -30.63 11.09 16.93
C HIS H 158 -31.04 11.73 18.27
N LEU H 159 -31.31 13.03 18.24
CA LEU H 159 -31.78 13.76 19.42
C LEU H 159 -33.28 13.58 19.67
N LEU H 160 -34.00 13.03 18.71
CA LEU H 160 -35.45 12.87 18.82
C LEU H 160 -35.77 11.63 19.66
N MET I . -12.81 -2.06 6.78
CA MET I . -14.10 -1.33 6.64
C MET I . -13.97 0.16 6.99
O MET I . -12.86 0.69 7.15
CB MET I . -15.19 -1.96 7.52
CG MET I . -15.38 -3.44 7.32
SD MET I . -16.88 -4.03 8.12
CE MET I . -16.63 -5.80 8.07
OXT MET I . -14.96 0.88 7.13
C1 GOL J . 5.12 -26.46 5.55
O1 GOL J . 3.95 -26.90 4.90
C2 GOL J . 5.86 -25.45 4.67
O2 GOL J . 6.91 -24.90 5.44
C3 GOL J . 6.42 -26.14 3.42
O3 GOL J . 6.81 -25.20 2.44
C1 GOL K . -26.29 -19.66 2.38
O1 GOL K . -26.46 -20.73 1.46
C2 GOL K . -27.10 -18.46 1.89
O2 GOL K . -27.90 -17.99 2.97
C3 GOL K . -26.20 -17.32 1.38
O3 GOL K . -26.37 -17.16 -0.01
C1 GOL L . -6.05 -6.22 40.52
O1 GOL L . -6.48 -5.00 41.11
C2 GOL L . -6.27 -7.41 41.47
O2 GOL L . -7.14 -7.05 42.52
C3 GOL L . -4.93 -7.91 42.02
O3 GOL L . -5.00 -9.26 42.43
C1 GOL M . -4.78 -6.37 -1.25
O1 GOL M . -3.55 -6.44 -0.56
C2 GOL M . -5.24 -7.77 -1.61
O2 GOL M . -6.62 -7.76 -1.92
C3 GOL M . -4.43 -8.31 -2.77
O3 GOL M . -4.27 -9.70 -2.68
C1 GOL N . -21.39 3.18 34.54
O1 GOL N . -20.50 4.19 34.12
C2 GOL N . -22.75 3.38 33.85
O2 GOL N . -23.33 2.12 33.61
C3 GOL N . -23.68 4.24 34.70
O3 GOL N . -24.49 5.05 33.88
C1 GOL O . 6.55 -28.83 18.86
O1 GOL O . 5.56 -27.92 18.40
C2 GOL O . 7.71 -28.89 17.88
O2 GOL O . 8.03 -27.59 17.43
C3 GOL O . 7.36 -29.77 16.67
O3 GOL O . 8.23 -30.88 16.63
CA CA P . 1.70 6.06 8.11
CA CA Q . -13.76 14.62 19.95
CA CA R . -19.10 -1.16 20.89
N MET S . 7.75 -6.54 11.06
CA MET S . 9.00 -7.36 11.15
C MET S . 8.93 -8.60 10.28
O MET S . 7.98 -8.80 9.52
CB MET S . 9.26 -7.78 12.61
CG MET S . 9.33 -6.63 13.59
SD MET S . 9.63 -7.22 15.26
CE MET S . 9.52 -5.71 16.21
OXT MET S . 9.81 -9.45 10.30
CA CA T . 22.30 -9.29 -14.62
N MET U . -1.88 -14.70 1.01
CA MET U . -2.42 -15.68 2.00
C MET U . -1.97 -15.34 3.42
O MET U . -1.11 -14.50 3.65
CB MET U . -1.98 -17.10 1.64
CG MET U . -2.27 -17.51 0.20
SD MET U . -1.85 -19.24 -0.10
CE MET U . -1.73 -19.27 -1.87
OXT MET U . -2.46 -15.92 4.38
C1 GOL V . 29.29 -20.76 -0.03
O1 GOL V . 28.17 -20.80 0.82
C2 GOL V . 29.18 -19.56 -0.98
O2 GOL V . 30.47 -18.97 -1.10
C3 GOL V . 28.66 -19.94 -2.37
O3 GOL V . 27.70 -20.97 -2.35
C1 GOL W . 28.02 -13.63 -4.71
O1 GOL W . 28.36 -13.17 -3.43
C2 GOL W . 29.20 -13.43 -5.65
O2 GOL W . 29.36 -14.59 -6.45
C3 GOL W . 28.98 -12.22 -6.56
O3 GOL W . 28.63 -11.08 -5.81
CA CA X . 6.09 -19.15 20.23
N MET Y . 14.38 -0.54 -5.03
CA MET Y . 15.31 0.18 -5.93
C MET Y . 14.68 0.31 -7.31
O MET Y . 13.53 -0.07 -7.53
CB MET Y . 16.63 -0.58 -6.02
CG MET Y . 17.30 -0.84 -4.66
SD MET Y . 19.01 -1.45 -4.75
CE MET Y . 19.22 -2.07 -3.08
OXT MET Y . 15.29 0.82 -8.24
CA CA Z . 2.46 23.76 -14.75
CA CA AA . -14.35 21.57 -11.49
N MET BA . 1.84 -5.32 -13.72
CA MET BA . 2.44 -6.59 -14.26
C MET BA . 3.81 -6.85 -13.63
O MET BA . 4.15 -6.24 -12.62
CB MET BA . 2.55 -6.52 -15.78
CG MET BA . 1.26 -6.12 -16.48
SD MET BA . 1.43 -6.12 -18.27
CE MET BA . -0.13 -5.37 -18.74
OXT MET BA . 4.59 -7.67 -14.11
C1 GOL CA . -1.16 -4.98 -8.17
O1 GOL CA . -0.02 -5.58 -8.72
C2 GOL CA . -2.42 -5.48 -8.90
O2 GOL CA . -3.52 -4.75 -8.41
C3 GOL CA . -2.34 -5.32 -10.42
O3 GOL CA . -1.11 -5.80 -10.94
CA CA DA . 10.90 1.42 -0.64
CA CA EA . 5.30 9.04 0.07
N MET FA . 4.26 14.52 -2.85
CA MET FA . 3.77 15.92 -2.88
C MET FA . 2.27 15.99 -3.14
O MET FA . 1.60 14.97 -3.24
CB MET FA . 4.51 16.72 -3.98
CG MET FA . 6.01 16.52 -4.00
SD MET FA . 6.84 17.66 -5.11
CE MET FA . 8.42 16.84 -5.33
OXT MET FA . 1.67 17.07 -3.24
C1 GOL GA . 17.52 3.18 -0.34
O1 GOL GA . 18.68 2.38 -0.38
C2 GOL GA . 16.93 3.11 1.07
O2 GOL GA . 17.42 4.19 1.81
C3 GOL GA . 15.40 3.11 1.06
O3 GOL GA . 14.90 2.53 2.25
C1 GOL HA . 10.82 -3.17 -26.84
O1 GOL HA . 12.03 -3.37 -27.52
C2 GOL HA . 11.03 -3.47 -25.36
O2 GOL HA . 12.36 -3.90 -25.13
C3 GOL HA . 10.07 -4.55 -24.85
O3 GOL HA . 9.68 -4.28 -23.52
N MET IA . -9.75 7.08 -10.70
CA MET IA . -9.74 8.56 -10.50
C MET IA . -8.46 8.97 -9.83
O MET IA . -8.22 8.62 -8.68
CB MET IA . -10.91 8.99 -9.64
CG MET IA . -12.26 8.60 -10.18
SD MET IA . -13.58 9.49 -9.36
CE MET IA . -15.01 8.52 -9.87
OXT MET IA . -7.64 9.69 -10.39
N MET JA . -2.73 8.47 12.35
CA MET JA . -2.47 8.27 13.80
C MET JA . -3.27 7.08 14.30
O MET JA . -3.86 6.33 13.53
CB MET JA . -2.85 9.54 14.60
CG MET JA . -2.10 10.81 14.18
SD MET JA . -2.41 12.24 15.25
CE MET JA . -1.56 13.56 14.40
OXT MET JA . -3.36 6.83 15.50
C1 GOL KA . -6.70 23.40 -11.82
O1 GOL KA . -5.48 22.71 -11.80
C2 GOL KA . -7.03 23.67 -13.26
O2 GOL KA . -8.38 24.04 -13.31
C3 GOL KA . -6.10 24.72 -13.89
O3 GOL KA . -4.77 24.24 -13.90
#